data_4CVO
# 
_entry.id   4CVO 
# 
_audit_conform.dict_name       mmcif_pdbx.dic 
_audit_conform.dict_version    5.397 
_audit_conform.dict_location   http://mmcif.pdb.org/dictionaries/ascii/mmcif_pdbx.dic 
# 
loop_
_database_2.database_id 
_database_2.database_code 
_database_2.pdbx_database_accession 
_database_2.pdbx_DOI 
PDB   4CVO         pdb_00004cvo 10.2210/pdb4cvo/pdb 
PDBE  EBI-60137    ?            ?                   
WWPDB D_1290060137 ?            ?                   
# 
loop_
_pdbx_audit_revision_history.ordinal 
_pdbx_audit_revision_history.data_content_type 
_pdbx_audit_revision_history.major_revision 
_pdbx_audit_revision_history.minor_revision 
_pdbx_audit_revision_history.revision_date 
1 'Structure model' 1 0 2014-04-09 
2 'Structure model' 1 1 2018-01-24 
3 'Structure model' 1 2 2024-10-23 
# 
_pdbx_audit_revision_details.ordinal             1 
_pdbx_audit_revision_details.revision_ordinal    1 
_pdbx_audit_revision_details.data_content_type   'Structure model' 
_pdbx_audit_revision_details.provider            repository 
_pdbx_audit_revision_details.type                'Initial release' 
_pdbx_audit_revision_details.description         ? 
_pdbx_audit_revision_details.details             ? 
# 
loop_
_pdbx_audit_revision_group.ordinal 
_pdbx_audit_revision_group.revision_ordinal 
_pdbx_audit_revision_group.data_content_type 
_pdbx_audit_revision_group.group 
1 2 'Structure model' 'Database references'  
2 2 'Structure model' 'Structure summary'    
3 3 'Structure model' 'Data collection'      
4 3 'Structure model' 'Database references'  
5 3 'Structure model' 'Derived calculations' 
6 3 'Structure model' Other                  
7 3 'Structure model' 'Structure summary'    
# 
loop_
_pdbx_audit_revision_category.ordinal 
_pdbx_audit_revision_category.revision_ordinal 
_pdbx_audit_revision_category.data_content_type 
_pdbx_audit_revision_category.category 
1  2 'Structure model' audit_author              
2  2 'Structure model' citation_author           
3  3 'Structure model' chem_comp_atom            
4  3 'Structure model' chem_comp_bond            
5  3 'Structure model' database_2                
6  3 'Structure model' pdbx_database_status      
7  3 'Structure model' pdbx_entry_details        
8  3 'Structure model' pdbx_modification_feature 
9  3 'Structure model' pdbx_struct_conn_angle    
10 3 'Structure model' struct_conn               
11 3 'Structure model' struct_site               
# 
loop_
_pdbx_audit_revision_item.ordinal 
_pdbx_audit_revision_item.revision_ordinal 
_pdbx_audit_revision_item.data_content_type 
_pdbx_audit_revision_item.item 
1  2 'Structure model' '_audit_author.name'                           
2  2 'Structure model' '_citation_author.name'                        
3  3 'Structure model' '_database_2.pdbx_DOI'                         
4  3 'Structure model' '_database_2.pdbx_database_accession'          
5  3 'Structure model' '_pdbx_database_status.status_code_sf'         
6  3 'Structure model' '_pdbx_entry_details.has_protein_modification' 
7  3 'Structure model' '_pdbx_struct_conn_angle.ptnr1_auth_comp_id'   
8  3 'Structure model' '_pdbx_struct_conn_angle.ptnr1_auth_seq_id'    
9  3 'Structure model' '_pdbx_struct_conn_angle.ptnr1_label_atom_id'  
10 3 'Structure model' '_pdbx_struct_conn_angle.ptnr1_label_comp_id'  
11 3 'Structure model' '_pdbx_struct_conn_angle.ptnr1_label_seq_id'   
12 3 'Structure model' '_pdbx_struct_conn_angle.ptnr1_symmetry'       
13 3 'Structure model' '_pdbx_struct_conn_angle.ptnr3_auth_comp_id'   
14 3 'Structure model' '_pdbx_struct_conn_angle.ptnr3_auth_seq_id'    
15 3 'Structure model' '_pdbx_struct_conn_angle.ptnr3_label_atom_id'  
16 3 'Structure model' '_pdbx_struct_conn_angle.ptnr3_label_comp_id'  
17 3 'Structure model' '_pdbx_struct_conn_angle.ptnr3_label_seq_id'   
18 3 'Structure model' '_pdbx_struct_conn_angle.ptnr3_symmetry'       
19 3 'Structure model' '_pdbx_struct_conn_angle.value'                
20 3 'Structure model' '_struct_conn.pdbx_dist_value'                 
21 3 'Structure model' '_struct_conn.ptnr1_auth_comp_id'              
22 3 'Structure model' '_struct_conn.ptnr1_auth_seq_id'               
23 3 'Structure model' '_struct_conn.ptnr1_label_asym_id'             
24 3 'Structure model' '_struct_conn.ptnr1_label_atom_id'             
25 3 'Structure model' '_struct_conn.ptnr1_label_comp_id'             
26 3 'Structure model' '_struct_conn.ptnr1_label_seq_id'              
27 3 'Structure model' '_struct_conn.ptnr1_symmetry'                  
28 3 'Structure model' '_struct_conn.ptnr2_auth_comp_id'              
29 3 'Structure model' '_struct_conn.ptnr2_auth_seq_id'               
30 3 'Structure model' '_struct_conn.ptnr2_label_asym_id'             
31 3 'Structure model' '_struct_conn.ptnr2_label_atom_id'             
32 3 'Structure model' '_struct_conn.ptnr2_label_comp_id'             
33 3 'Structure model' '_struct_conn.ptnr2_label_seq_id'              
34 3 'Structure model' '_struct_conn.ptnr2_symmetry'                  
35 3 'Structure model' '_struct_site.pdbx_auth_asym_id'               
36 3 'Structure model' '_struct_site.pdbx_auth_comp_id'               
37 3 'Structure model' '_struct_site.pdbx_auth_seq_id'                
# 
_pdbx_database_status.status_code                     REL 
_pdbx_database_status.entry_id                        4CVO 
_pdbx_database_status.deposit_site                    PDBE 
_pdbx_database_status.process_site                    PDBE 
_pdbx_database_status.SG_entry                        . 
_pdbx_database_status.recvd_initial_deposition_date   2014-03-28 
_pdbx_database_status.pdb_format_compatible           Y 
_pdbx_database_status.status_code_sf                  REL 
_pdbx_database_status.status_code_mr                  ? 
_pdbx_database_status.status_code_cs                  ? 
_pdbx_database_status.methods_development_category    ? 
_pdbx_database_status.status_code_nmr_data            ? 
# 
loop_
_audit_author.name 
_audit_author.pdbx_ordinal 
'Newman, J.A.'     1 
'Krojer, T.'       2 
'von Delft, F.'    3 
'Arrowsmith, C.H.' 4 
'Edwards, A.'      5 
'Bountra, C.'      6 
'Gileadi, O.'      7 
# 
_citation.id                        primary 
_citation.title                     
'Crystal Structure of the N-Terminal Colied-Coil Domain of Human DNA Excision Repair Protein Ercc-6' 
_citation.journal_abbrev            'To be Published' 
_citation.journal_volume            ? 
_citation.page_first                ? 
_citation.page_last                 ? 
_citation.year                      ? 
_citation.journal_id_ASTM           ? 
_citation.country                   ? 
_citation.journal_id_ISSN           ? 
_citation.journal_id_CSD            0353 
_citation.book_publisher            ? 
_citation.pdbx_database_id_PubMed   ? 
_citation.pdbx_database_id_DOI      ? 
# 
loop_
_citation_author.citation_id 
_citation_author.name 
_citation_author.ordinal 
_citation_author.identifier_ORCID 
primary 'Newman, J.A.'     1 ? 
primary 'Krojer, T.'       2 ? 
primary 'von Delft, F.'    3 ? 
primary 'Arrowsmith, C.H.' 4 ? 
primary 'Edwards, A.'      5 ? 
primary 'Bountra, C.'      6 ? 
primary 'Gileadi, O.'      7 ? 
# 
loop_
_entity.id 
_entity.type 
_entity.src_method 
_entity.pdbx_description 
_entity.formula_weight 
_entity.pdbx_number_of_molecules 
_entity.pdbx_ec 
_entity.pdbx_mutation 
_entity.pdbx_fragment 
_entity.details 
1 polymer     man 'DNA EXCISION REPAIR PROTEIN ERCC-6' 8763.654 1  3.6.4.- ? 'N-TERMINAL COIED-COIL DOMAIN, RESIDUES 84-160' ? 
2 non-polymer syn 'MAGNESIUM ION'                      24.305   1  ?       ? ?                                               ? 
3 water       nat water                                18.015   27 ?       ? ?                                               ? 
# 
_entity_name_com.entity_id   1 
_entity_name_com.name        'ATP-DEPENDENT HELICASE ERCC6, COCKAYNE SYNDROME PROTEIN CSB' 
# 
_entity_poly.entity_id                      1 
_entity_poly.type                           'polypeptide(L)' 
_entity_poly.nstd_linkage                   no 
_entity_poly.nstd_monomer                   no 
_entity_poly.pdbx_seq_one_letter_code       SMEPSAQALELQGLGVDVYDQDVLEQGVLQQVDNAIHEASRASQLVDVEKEYRSVLDDLTSCTTSLRQINKIIEQLSPQ 
_entity_poly.pdbx_seq_one_letter_code_can   SMEPSAQALELQGLGVDVYDQDVLEQGVLQQVDNAIHEASRASQLVDVEKEYRSVLDDLTSCTTSLRQINKIIEQLSPQ 
_entity_poly.pdbx_strand_id                 A 
_entity_poly.pdbx_target_identifier         ? 
# 
loop_
_pdbx_entity_nonpoly.entity_id 
_pdbx_entity_nonpoly.name 
_pdbx_entity_nonpoly.comp_id 
2 'MAGNESIUM ION' MG  
3 water           HOH 
# 
loop_
_entity_poly_seq.entity_id 
_entity_poly_seq.num 
_entity_poly_seq.mon_id 
_entity_poly_seq.hetero 
1 1  SER n 
1 2  MET n 
1 3  GLU n 
1 4  PRO n 
1 5  SER n 
1 6  ALA n 
1 7  GLN n 
1 8  ALA n 
1 9  LEU n 
1 10 GLU n 
1 11 LEU n 
1 12 GLN n 
1 13 GLY n 
1 14 LEU n 
1 15 GLY n 
1 16 VAL n 
1 17 ASP n 
1 18 VAL n 
1 19 TYR n 
1 20 ASP n 
1 21 GLN n 
1 22 ASP n 
1 23 VAL n 
1 24 LEU n 
1 25 GLU n 
1 26 GLN n 
1 27 GLY n 
1 28 VAL n 
1 29 LEU n 
1 30 GLN n 
1 31 GLN n 
1 32 VAL n 
1 33 ASP n 
1 34 ASN n 
1 35 ALA n 
1 36 ILE n 
1 37 HIS n 
1 38 GLU n 
1 39 ALA n 
1 40 SER n 
1 41 ARG n 
1 42 ALA n 
1 43 SER n 
1 44 GLN n 
1 45 LEU n 
1 46 VAL n 
1 47 ASP n 
1 48 VAL n 
1 49 GLU n 
1 50 LYS n 
1 51 GLU n 
1 52 TYR n 
1 53 ARG n 
1 54 SER n 
1 55 VAL n 
1 56 LEU n 
1 57 ASP n 
1 58 ASP n 
1 59 LEU n 
1 60 THR n 
1 61 SER n 
1 62 CYS n 
1 63 THR n 
1 64 THR n 
1 65 SER n 
1 66 LEU n 
1 67 ARG n 
1 68 GLN n 
1 69 ILE n 
1 70 ASN n 
1 71 LYS n 
1 72 ILE n 
1 73 ILE n 
1 74 GLU n 
1 75 GLN n 
1 76 LEU n 
1 77 SER n 
1 78 PRO n 
1 79 GLN n 
# 
_entity_src_gen.entity_id                          1 
_entity_src_gen.pdbx_src_id                        1 
_entity_src_gen.pdbx_alt_source_flag               sample 
_entity_src_gen.pdbx_seq_type                      ? 
_entity_src_gen.pdbx_beg_seq_num                   ? 
_entity_src_gen.pdbx_end_seq_num                   ? 
_entity_src_gen.gene_src_common_name               HUMAN 
_entity_src_gen.gene_src_genus                     ? 
_entity_src_gen.pdbx_gene_src_gene                 ? 
_entity_src_gen.gene_src_species                   ? 
_entity_src_gen.gene_src_strain                    ? 
_entity_src_gen.gene_src_tissue                    ? 
_entity_src_gen.gene_src_tissue_fraction           ? 
_entity_src_gen.gene_src_details                   ? 
_entity_src_gen.pdbx_gene_src_fragment             ? 
_entity_src_gen.pdbx_gene_src_scientific_name      'HOMO SAPIENS' 
_entity_src_gen.pdbx_gene_src_ncbi_taxonomy_id     9606 
_entity_src_gen.pdbx_gene_src_variant              ? 
_entity_src_gen.pdbx_gene_src_cell_line            ? 
_entity_src_gen.pdbx_gene_src_atcc                 ? 
_entity_src_gen.pdbx_gene_src_organ                ? 
_entity_src_gen.pdbx_gene_src_organelle            ? 
_entity_src_gen.pdbx_gene_src_cell                 ? 
_entity_src_gen.pdbx_gene_src_cellular_location    ? 
_entity_src_gen.host_org_common_name               ? 
_entity_src_gen.pdbx_host_org_scientific_name      'ESCHERICHIA COLI' 
_entity_src_gen.pdbx_host_org_ncbi_taxonomy_id     469008 
_entity_src_gen.host_org_genus                     ? 
_entity_src_gen.pdbx_host_org_gene                 ? 
_entity_src_gen.pdbx_host_org_organ                ? 
_entity_src_gen.host_org_species                   ? 
_entity_src_gen.pdbx_host_org_tissue               ? 
_entity_src_gen.pdbx_host_org_tissue_fraction      ? 
_entity_src_gen.pdbx_host_org_strain               'BL21(DE3)' 
_entity_src_gen.pdbx_host_org_variant              ? 
_entity_src_gen.pdbx_host_org_cell_line            ? 
_entity_src_gen.pdbx_host_org_atcc                 ? 
_entity_src_gen.pdbx_host_org_culture_collection   ? 
_entity_src_gen.pdbx_host_org_cell                 ? 
_entity_src_gen.pdbx_host_org_organelle            ? 
_entity_src_gen.pdbx_host_org_cellular_location    ? 
_entity_src_gen.pdbx_host_org_vector_type          ? 
_entity_src_gen.pdbx_host_org_vector               ? 
_entity_src_gen.host_org_details                   ? 
_entity_src_gen.expression_system_id               ? 
_entity_src_gen.plasmid_name                       ? 
_entity_src_gen.plasmid_details                    ? 
_entity_src_gen.pdbx_description                   ? 
# 
loop_
_chem_comp.id 
_chem_comp.type 
_chem_comp.mon_nstd_flag 
_chem_comp.name 
_chem_comp.pdbx_synonyms 
_chem_comp.formula 
_chem_comp.formula_weight 
ALA 'L-peptide linking' y ALANINE         ? 'C3 H7 N O2'     89.093  
ARG 'L-peptide linking' y ARGININE        ? 'C6 H15 N4 O2 1' 175.209 
ASN 'L-peptide linking' y ASPARAGINE      ? 'C4 H8 N2 O3'    132.118 
ASP 'L-peptide linking' y 'ASPARTIC ACID' ? 'C4 H7 N O4'     133.103 
CYS 'L-peptide linking' y CYSTEINE        ? 'C3 H7 N O2 S'   121.158 
GLN 'L-peptide linking' y GLUTAMINE       ? 'C5 H10 N2 O3'   146.144 
GLU 'L-peptide linking' y 'GLUTAMIC ACID' ? 'C5 H9 N O4'     147.129 
GLY 'peptide linking'   y GLYCINE         ? 'C2 H5 N O2'     75.067  
HIS 'L-peptide linking' y HISTIDINE       ? 'C6 H10 N3 O2 1' 156.162 
HOH non-polymer         . WATER           ? 'H2 O'           18.015  
ILE 'L-peptide linking' y ISOLEUCINE      ? 'C6 H13 N O2'    131.173 
LEU 'L-peptide linking' y LEUCINE         ? 'C6 H13 N O2'    131.173 
LYS 'L-peptide linking' y LYSINE          ? 'C6 H15 N2 O2 1' 147.195 
MET 'L-peptide linking' y METHIONINE      ? 'C5 H11 N O2 S'  149.211 
MG  non-polymer         . 'MAGNESIUM ION' ? 'Mg 2'           24.305  
PRO 'L-peptide linking' y PROLINE         ? 'C5 H9 N O2'     115.130 
SER 'L-peptide linking' y SERINE          ? 'C3 H7 N O3'     105.093 
THR 'L-peptide linking' y THREONINE       ? 'C4 H9 N O3'     119.119 
TYR 'L-peptide linking' y TYROSINE        ? 'C9 H11 N O3'    181.189 
VAL 'L-peptide linking' y VALINE          ? 'C5 H11 N O2'    117.146 
# 
loop_
_pdbx_poly_seq_scheme.asym_id 
_pdbx_poly_seq_scheme.entity_id 
_pdbx_poly_seq_scheme.seq_id 
_pdbx_poly_seq_scheme.mon_id 
_pdbx_poly_seq_scheme.ndb_seq_num 
_pdbx_poly_seq_scheme.pdb_seq_num 
_pdbx_poly_seq_scheme.auth_seq_num 
_pdbx_poly_seq_scheme.pdb_mon_id 
_pdbx_poly_seq_scheme.auth_mon_id 
_pdbx_poly_seq_scheme.pdb_strand_id 
_pdbx_poly_seq_scheme.pdb_ins_code 
_pdbx_poly_seq_scheme.hetero 
A 1 1  SER 1  82  ?   ?   ?   A . n 
A 1 2  MET 2  83  ?   ?   ?   A . n 
A 1 3  GLU 3  84  ?   ?   ?   A . n 
A 1 4  PRO 4  85  ?   ?   ?   A . n 
A 1 5  SER 5  86  ?   ?   ?   A . n 
A 1 6  ALA 6  87  ?   ?   ?   A . n 
A 1 7  GLN 7  88  ?   ?   ?   A . n 
A 1 8  ALA 8  89  ?   ?   ?   A . n 
A 1 9  LEU 9  90  90  LEU LEU A . n 
A 1 10 GLU 10 91  91  GLU GLU A . n 
A 1 11 LEU 11 92  92  LEU LEU A . n 
A 1 12 GLN 12 93  93  GLN GLN A . n 
A 1 13 GLY 13 94  94  GLY GLY A . n 
A 1 14 LEU 14 95  95  LEU LEU A . n 
A 1 15 GLY 15 96  96  GLY GLY A . n 
A 1 16 VAL 16 97  97  VAL VAL A . n 
A 1 17 ASP 17 98  98  ASP ASP A . n 
A 1 18 VAL 18 99  99  VAL VAL A . n 
A 1 19 TYR 19 100 100 TYR TYR A . n 
A 1 20 ASP 20 101 101 ASP ASP A . n 
A 1 21 GLN 21 102 102 GLN GLN A . n 
A 1 22 ASP 22 103 103 ASP ASP A . n 
A 1 23 VAL 23 104 104 VAL VAL A . n 
A 1 24 LEU 24 105 105 LEU LEU A . n 
A 1 25 GLU 25 106 106 GLU GLU A . n 
A 1 26 GLN 26 107 107 GLN GLN A . n 
A 1 27 GLY 27 108 108 GLY GLY A . n 
A 1 28 VAL 28 109 109 VAL VAL A . n 
A 1 29 LEU 29 110 110 LEU LEU A . n 
A 1 30 GLN 30 111 111 GLN GLN A . n 
A 1 31 GLN 31 112 112 GLN GLN A . n 
A 1 32 VAL 32 113 113 VAL VAL A . n 
A 1 33 ASP 33 114 114 ASP ASP A . n 
A 1 34 ASN 34 115 115 ASN ASN A . n 
A 1 35 ALA 35 116 116 ALA ALA A . n 
A 1 36 ILE 36 117 117 ILE ILE A . n 
A 1 37 HIS 37 118 118 HIS HIS A . n 
A 1 38 GLU 38 119 119 GLU GLU A . n 
A 1 39 ALA 39 120 120 ALA ALA A . n 
A 1 40 SER 40 121 121 SER SER A . n 
A 1 41 ARG 41 122 122 ARG ARG A . n 
A 1 42 ALA 42 123 123 ALA ALA A . n 
A 1 43 SER 43 124 124 SER SER A . n 
A 1 44 GLN 44 125 125 GLN GLN A . n 
A 1 45 LEU 45 126 126 LEU LEU A . n 
A 1 46 VAL 46 127 127 VAL VAL A . n 
A 1 47 ASP 47 128 128 ASP ASP A . n 
A 1 48 VAL 48 129 129 VAL VAL A . n 
A 1 49 GLU 49 130 130 GLU GLU A . n 
A 1 50 LYS 50 131 131 LYS LYS A . n 
A 1 51 GLU 51 132 132 GLU GLU A . n 
A 1 52 TYR 52 133 133 TYR TYR A . n 
A 1 53 ARG 53 134 134 ARG ARG A . n 
A 1 54 SER 54 135 135 SER SER A . n 
A 1 55 VAL 55 136 136 VAL VAL A . n 
A 1 56 LEU 56 137 137 LEU LEU A . n 
A 1 57 ASP 57 138 138 ASP ASP A . n 
A 1 58 ASP 58 139 139 ASP ASP A . n 
A 1 59 LEU 59 140 140 LEU LEU A . n 
A 1 60 THR 60 141 141 THR THR A . n 
A 1 61 SER 61 142 142 SER SER A . n 
A 1 62 CYS 62 143 143 CYS CYS A . n 
A 1 63 THR 63 144 144 THR THR A . n 
A 1 64 THR 64 145 145 THR THR A . n 
A 1 65 SER 65 146 146 SER SER A . n 
A 1 66 LEU 66 147 147 LEU LEU A . n 
A 1 67 ARG 67 148 148 ARG ARG A . n 
A 1 68 GLN 68 149 149 GLN GLN A . n 
A 1 69 ILE 69 150 150 ILE ILE A . n 
A 1 70 ASN 70 151 151 ASN ASN A . n 
A 1 71 LYS 71 152 152 LYS LYS A . n 
A 1 72 ILE 72 153 153 ILE ILE A . n 
A 1 73 ILE 73 154 154 ILE ILE A . n 
A 1 74 GLU 74 155 155 GLU GLU A . n 
A 1 75 GLN 75 156 156 GLN GLN A . n 
A 1 76 LEU 76 157 157 LEU LEU A . n 
A 1 77 SER 77 158 158 SER SER A . n 
A 1 78 PRO 78 159 ?   ?   ?   A . n 
A 1 79 GLN 79 160 ?   ?   ?   A . n 
# 
loop_
_pdbx_nonpoly_scheme.asym_id 
_pdbx_nonpoly_scheme.entity_id 
_pdbx_nonpoly_scheme.mon_id 
_pdbx_nonpoly_scheme.ndb_seq_num 
_pdbx_nonpoly_scheme.pdb_seq_num 
_pdbx_nonpoly_scheme.auth_seq_num 
_pdbx_nonpoly_scheme.pdb_mon_id 
_pdbx_nonpoly_scheme.auth_mon_id 
_pdbx_nonpoly_scheme.pdb_strand_id 
_pdbx_nonpoly_scheme.pdb_ins_code 
B 2 MG  1  1159 1159 MG  MG  A . 
C 3 HOH 1  2001 2001 HOH HOH A . 
C 3 HOH 2  2002 2002 HOH HOH A . 
C 3 HOH 3  2003 2003 HOH HOH A . 
C 3 HOH 4  2004 2004 HOH HOH A . 
C 3 HOH 5  2005 2005 HOH HOH A . 
C 3 HOH 6  2006 2006 HOH HOH A . 
C 3 HOH 7  2007 2007 HOH HOH A . 
C 3 HOH 8  2008 2008 HOH HOH A . 
C 3 HOH 9  2009 2009 HOH HOH A . 
C 3 HOH 10 2010 2010 HOH HOH A . 
C 3 HOH 11 2011 2011 HOH HOH A . 
C 3 HOH 12 2012 2012 HOH HOH A . 
C 3 HOH 13 2013 2013 HOH HOH A . 
C 3 HOH 14 2014 2014 HOH HOH A . 
C 3 HOH 15 2015 2015 HOH HOH A . 
C 3 HOH 16 2016 2016 HOH HOH A . 
C 3 HOH 17 2017 2017 HOH HOH A . 
C 3 HOH 18 2018 2018 HOH HOH A . 
C 3 HOH 19 2019 2019 HOH HOH A . 
C 3 HOH 20 2020 2020 HOH HOH A . 
C 3 HOH 21 2021 2021 HOH HOH A . 
C 3 HOH 22 2022 2022 HOH HOH A . 
C 3 HOH 23 2023 2023 HOH HOH A . 
C 3 HOH 24 2024 2024 HOH HOH A . 
C 3 HOH 25 2025 2025 HOH HOH A . 
C 3 HOH 26 2026 2026 HOH HOH A . 
C 3 HOH 27 2027 2027 HOH HOH A . 
# 
loop_
_pdbx_unobs_or_zero_occ_atoms.id 
_pdbx_unobs_or_zero_occ_atoms.PDB_model_num 
_pdbx_unobs_or_zero_occ_atoms.polymer_flag 
_pdbx_unobs_or_zero_occ_atoms.occupancy_flag 
_pdbx_unobs_or_zero_occ_atoms.auth_asym_id 
_pdbx_unobs_or_zero_occ_atoms.auth_comp_id 
_pdbx_unobs_or_zero_occ_atoms.auth_seq_id 
_pdbx_unobs_or_zero_occ_atoms.PDB_ins_code 
_pdbx_unobs_or_zero_occ_atoms.auth_atom_id 
_pdbx_unobs_or_zero_occ_atoms.label_alt_id 
_pdbx_unobs_or_zero_occ_atoms.label_asym_id 
_pdbx_unobs_or_zero_occ_atoms.label_comp_id 
_pdbx_unobs_or_zero_occ_atoms.label_seq_id 
_pdbx_unobs_or_zero_occ_atoms.label_atom_id 
1  1 Y 1 A LEU 90  ? CG  ? A LEU 9  CG  
2  1 Y 1 A LEU 90  ? CD1 ? A LEU 9  CD1 
3  1 Y 1 A LEU 90  ? CD2 ? A LEU 9  CD2 
4  1 Y 1 A GLN 93  ? CG  ? A GLN 12 CG  
5  1 Y 1 A GLN 93  ? CD  ? A GLN 12 CD  
6  1 Y 1 A GLN 93  ? OE1 ? A GLN 12 OE1 
7  1 Y 1 A GLN 93  ? NE2 ? A GLN 12 NE2 
8  1 Y 1 A LYS 131 ? CD  ? A LYS 50 CD  
9  1 Y 1 A LYS 131 ? CE  ? A LYS 50 CE  
10 1 Y 1 A LYS 131 ? NZ  ? A LYS 50 NZ  
11 1 Y 1 A LYS 152 ? CE  ? A LYS 71 CE  
12 1 Y 1 A LYS 152 ? NZ  ? A LYS 71 NZ  
13 1 Y 1 A GLU 155 ? CG  ? A GLU 74 CG  
14 1 Y 1 A GLU 155 ? CD  ? A GLU 74 CD  
15 1 Y 1 A GLU 155 ? OE1 ? A GLU 74 OE1 
16 1 Y 1 A GLU 155 ? OE2 ? A GLU 74 OE2 
17 1 Y 1 A GLN 156 ? CG  ? A GLN 75 CG  
18 1 Y 1 A GLN 156 ? CD  ? A GLN 75 CD  
19 1 Y 1 A GLN 156 ? OE1 ? A GLN 75 OE1 
20 1 Y 1 A GLN 156 ? NE2 ? A GLN 75 NE2 
21 1 Y 1 A SER 158 ? OG  ? A SER 77 OG  
# 
loop_
_software.name 
_software.classification 
_software.version 
_software.citation_id 
_software.pdbx_ordinal 
PHENIX refinement       '(PHENIX.REFINE)' ? 1 
XDS    'data reduction' .                 ? 2 
XDS    'data scaling'   .                 ? 3 
PHASER phasing          .                 ? 4 
# 
_cell.entry_id           4CVO 
_cell.length_a           37.444 
_cell.length_b           37.444 
_cell.length_c           321.268 
_cell.angle_alpha        90.00 
_cell.angle_beta         90.00 
_cell.angle_gamma        120.00 
_cell.Z_PDB              12 
_cell.pdbx_unique_axis   ? 
# 
_symmetry.entry_id                         4CVO 
_symmetry.space_group_name_H-M             'P 64 2 2' 
_symmetry.pdbx_full_space_group_name_H-M   ? 
_symmetry.cell_setting                     ? 
_symmetry.Int_Tables_number                181 
# 
_exptl.entry_id          4CVO 
_exptl.method            'X-RAY DIFFRACTION' 
_exptl.crystals_number   1 
# 
_exptl_crystal.id                    1 
_exptl_crystal.density_meas          ? 
_exptl_crystal.density_Matthews      3.71 
_exptl_crystal.density_percent_sol   66.84 
_exptl_crystal.description           NONE 
# 
_exptl_crystal_grow.crystal_id      1 
_exptl_crystal_grow.method          ? 
_exptl_crystal_grow.temp            ? 
_exptl_crystal_grow.temp_details    ? 
_exptl_crystal_grow.pH              ? 
_exptl_crystal_grow.pdbx_pH_range   ? 
_exptl_crystal_grow.pdbx_details    '1.6 M MAGNESIUM SULFATE, 0.1 M MES PH 6.6' 
# 
_diffrn.id                     1 
_diffrn.ambient_temp           100 
_diffrn.ambient_temp_details   ? 
_diffrn.crystal_id             1 
# 
_diffrn_detector.diffrn_id              1 
_diffrn_detector.detector               PIXEL 
_diffrn_detector.type                   'DECTRIS PILATUS 6M' 
_diffrn_detector.pdbx_collection_date   2014-01-18 
_diffrn_detector.details                ? 
# 
_diffrn_radiation.diffrn_id                        1 
_diffrn_radiation.wavelength_id                    1 
_diffrn_radiation.pdbx_monochromatic_or_laue_m_l   M 
_diffrn_radiation.monochromator                    ? 
_diffrn_radiation.pdbx_diffrn_protocol             'SINGLE WAVELENGTH' 
_diffrn_radiation.pdbx_scattering_type             x-ray 
# 
_diffrn_radiation_wavelength.id           1 
_diffrn_radiation_wavelength.wavelength   0.97625 
_diffrn_radiation_wavelength.wt           1.0 
# 
_diffrn_source.diffrn_id                   1 
_diffrn_source.source                      SYNCHROTRON 
_diffrn_source.type                        'DIAMOND BEAMLINE I03' 
_diffrn_source.pdbx_synchrotron_site       Diamond 
_diffrn_source.pdbx_synchrotron_beamline   I03 
_diffrn_source.pdbx_wavelength             0.97625 
_diffrn_source.pdbx_wavelength_list        ? 
# 
_reflns.pdbx_diffrn_id               1 
_reflns.pdbx_ordinal                 1 
_reflns.entry_id                     4CVO 
_reflns.observed_criterion_sigma_I   -3.0 
_reflns.observed_criterion_sigma_F   ? 
_reflns.d_resolution_low             45.90 
_reflns.d_resolution_high            1.85 
_reflns.number_obs                   12739 
_reflns.number_all                   ? 
_reflns.percent_possible_obs         100.0 
_reflns.pdbx_Rmerge_I_obs            0.06 
_reflns.pdbx_Rsym_value              ? 
_reflns.pdbx_netI_over_sigmaI        18.30 
_reflns.B_iso_Wilson_estimate        38.78 
_reflns.pdbx_redundancy              9.8 
# 
_reflns_shell.pdbx_diffrn_id         1 
_reflns_shell.pdbx_ordinal           1 
_reflns_shell.d_res_high             1.85 
_reflns_shell.d_res_low              1.89 
_reflns_shell.percent_possible_all   100.0 
_reflns_shell.Rmerge_I_obs           1.15 
_reflns_shell.pdbx_Rsym_value        ? 
_reflns_shell.meanI_over_sigI_obs    2.00 
_reflns_shell.pdbx_redundancy        10.4 
# 
_refine.pdbx_refine_id                           'X-RAY DIFFRACTION' 
_refine.entry_id                                 4CVO 
_refine.pdbx_diffrn_id                           1 
_refine.pdbx_TLS_residual_ADP_flag               ? 
_refine.ls_number_reflns_obs                     12582 
_refine.ls_number_reflns_all                     ? 
_refine.pdbx_ls_sigma_I                          ? 
_refine.pdbx_ls_sigma_F                          0.10 
_refine.pdbx_data_cutoff_high_absF               ? 
_refine.pdbx_data_cutoff_low_absF                ? 
_refine.pdbx_data_cutoff_high_rms_absF           ? 
_refine.ls_d_res_low                             35.696 
_refine.ls_d_res_high                            1.850 
_refine.ls_percent_reflns_obs                    99.61 
_refine.ls_R_factor_obs                          0.2373 
_refine.ls_R_factor_all                          ? 
_refine.ls_R_factor_R_work                       0.2364 
_refine.ls_R_factor_R_free                       0.2553 
_refine.ls_R_factor_R_free_error                 ? 
_refine.ls_R_factor_R_free_error_details         ? 
_refine.ls_percent_reflns_R_free                 4.9 
_refine.ls_number_reflns_R_free                  1051 
_refine.ls_number_parameters                     ? 
_refine.ls_number_restraints                     ? 
_refine.occupancy_min                            ? 
_refine.occupancy_max                            ? 
_refine.correlation_coeff_Fo_to_Fc               ? 
_refine.correlation_coeff_Fo_to_Fc_free          ? 
_refine.B_iso_mean                               78.03 
_refine.aniso_B[1][1]                            ? 
_refine.aniso_B[2][2]                            ? 
_refine.aniso_B[3][3]                            ? 
_refine.aniso_B[1][2]                            ? 
_refine.aniso_B[1][3]                            ? 
_refine.aniso_B[2][3]                            ? 
_refine.solvent_model_details                    'FLAT BULK SOLVENT MODEL' 
_refine.solvent_model_param_ksol                 ? 
_refine.solvent_model_param_bsol                 ? 
_refine.pdbx_solvent_vdw_probe_radii             1.11 
_refine.pdbx_solvent_ion_probe_radii             ? 
_refine.pdbx_solvent_shrinkage_radii             0.90 
_refine.pdbx_ls_cross_valid_method               ? 
_refine.details                                  ? 
_refine.pdbx_starting_model                      ? 
_refine.pdbx_method_to_determine_struct          'MOLECULAR REPLACEMENT' 
_refine.pdbx_isotropic_thermal_model             ? 
_refine.pdbx_stereochemistry_target_values       ML 
_refine.pdbx_stereochem_target_val_spec_case     ? 
_refine.pdbx_R_Free_selection_details            ? 
_refine.pdbx_overall_ESU_R                       ? 
_refine.pdbx_overall_ESU_R_Free                  ? 
_refine.overall_SU_ML                            0.25 
_refine.pdbx_overall_phase_error                 28.25 
_refine.overall_SU_B                             ? 
_refine.overall_SU_R_Cruickshank_DPI             ? 
_refine.pdbx_overall_SU_R_free_Cruickshank_DPI   ? 
_refine.pdbx_overall_SU_R_Blow_DPI               ? 
_refine.pdbx_overall_SU_R_free_Blow_DPI          ? 
# 
_refine_hist.pdbx_refine_id                   'X-RAY DIFFRACTION' 
_refine_hist.cycle_id                         LAST 
_refine_hist.pdbx_number_atoms_protein        520 
_refine_hist.pdbx_number_atoms_nucleic_acid   0 
_refine_hist.pdbx_number_atoms_ligand         1 
_refine_hist.number_atoms_solvent             27 
_refine_hist.number_atoms_total               548 
_refine_hist.d_res_high                       1.850 
_refine_hist.d_res_low                        35.696 
# 
loop_
_refine_ls_restr.type 
_refine_ls_restr.dev_ideal 
_refine_ls_restr.dev_ideal_target 
_refine_ls_restr.weight 
_refine_ls_restr.number 
_refine_ls_restr.pdbx_refine_id 
_refine_ls_restr.pdbx_restraint_function 
f_bond_d           0.007  ? ? 523 'X-RAY DIFFRACTION' ? 
f_angle_d          0.925  ? ? 710 'X-RAY DIFFRACTION' ? 
f_dihedral_angle_d 13.122 ? ? 188 'X-RAY DIFFRACTION' ? 
f_chiral_restr     0.036  ? ? 90  'X-RAY DIFFRACTION' ? 
f_plane_restr      0.003  ? ? 94  'X-RAY DIFFRACTION' ? 
# 
loop_
_refine_ls_shell.pdbx_refine_id 
_refine_ls_shell.pdbx_total_number_of_bins_used 
_refine_ls_shell.d_res_high 
_refine_ls_shell.d_res_low 
_refine_ls_shell.number_reflns_R_work 
_refine_ls_shell.R_factor_R_work 
_refine_ls_shell.percent_reflns_obs 
_refine_ls_shell.R_factor_R_free 
_refine_ls_shell.R_factor_R_free_error 
_refine_ls_shell.percent_reflns_R_free 
_refine_ls_shell.number_reflns_R_free 
_refine_ls_shell.number_reflns_all 
_refine_ls_shell.R_factor_all 
'X-RAY DIFFRACTION' . 1.8501 1.9343  2526 0.3242 100.00 0.3475 . . 125 . . 
'X-RAY DIFFRACTION' . 1.9343 2.0363  2541 0.2917 99.00  0.3101 . . 128 . . 
'X-RAY DIFFRACTION' . 2.0363 2.1639  2577 0.2386 100.00 0.2465 . . 121 . . 
'X-RAY DIFFRACTION' . 2.1639 2.3309  2571 0.1936 100.00 0.2299 . . 125 . . 
'X-RAY DIFFRACTION' . 2.3309 2.5654  2531 0.2120 100.00 0.1800 . . 120 . . 
'X-RAY DIFFRACTION' . 2.5654 2.9365  2538 0.2258 100.00 0.2336 . . 156 . . 
'X-RAY DIFFRACTION' . 2.9365 3.6990  2562 0.2518 100.00 0.2621 . . 129 . . 
'X-RAY DIFFRACTION' . 3.6990 35.7031 2550 0.2325 99.00  0.2688 . . 147 . . 
# 
_struct.entry_id                  4CVO 
_struct.title                     
'Crystal structure of the N-terminal colied-coil domain of human DNA excision repair protein ERCC-6' 
_struct.pdbx_model_details        ? 
_struct.pdbx_CASP_flag            ? 
_struct.pdbx_model_type_details   ? 
# 
_struct_keywords.entry_id        4CVO 
_struct_keywords.pdbx_keywords   HYDROLASE 
_struct_keywords.text            'HYDROLASE, COCKAYNE SYNDROME, NUCLEOTIDE EXCISION REPAIR' 
# 
loop_
_struct_asym.id 
_struct_asym.pdbx_blank_PDB_chainid_flag 
_struct_asym.pdbx_modified 
_struct_asym.entity_id 
_struct_asym.details 
A N N 1 ? 
B N N 2 ? 
C N N 3 ? 
# 
_struct_ref.id                         1 
_struct_ref.db_name                    UNP 
_struct_ref.db_code                    ERCC6_HUMAN 
_struct_ref.entity_id                  1 
_struct_ref.pdbx_seq_one_letter_code   ? 
_struct_ref.pdbx_align_begin           ? 
_struct_ref.pdbx_db_accession          Q03468 
_struct_ref.pdbx_db_isoform            ? 
# 
_struct_ref_seq.align_id                      1 
_struct_ref_seq.ref_id                        1 
_struct_ref_seq.pdbx_PDB_id_code              4CVO 
_struct_ref_seq.pdbx_strand_id                A 
_struct_ref_seq.seq_align_beg                 3 
_struct_ref_seq.pdbx_seq_align_beg_ins_code   ? 
_struct_ref_seq.seq_align_end                 79 
_struct_ref_seq.pdbx_seq_align_end_ins_code   ? 
_struct_ref_seq.pdbx_db_accession             Q03468 
_struct_ref_seq.db_align_beg                  84 
_struct_ref_seq.pdbx_db_align_beg_ins_code    ? 
_struct_ref_seq.db_align_end                  160 
_struct_ref_seq.pdbx_db_align_end_ins_code    ? 
_struct_ref_seq.pdbx_auth_seq_align_beg       84 
_struct_ref_seq.pdbx_auth_seq_align_end       160 
# 
loop_
_struct_ref_seq_dif.align_id 
_struct_ref_seq_dif.pdbx_pdb_id_code 
_struct_ref_seq_dif.mon_id 
_struct_ref_seq_dif.pdbx_pdb_strand_id 
_struct_ref_seq_dif.seq_num 
_struct_ref_seq_dif.pdbx_pdb_ins_code 
_struct_ref_seq_dif.pdbx_seq_db_name 
_struct_ref_seq_dif.pdbx_seq_db_accession_code 
_struct_ref_seq_dif.db_mon_id 
_struct_ref_seq_dif.pdbx_seq_db_seq_num 
_struct_ref_seq_dif.details 
_struct_ref_seq_dif.pdbx_auth_seq_num 
_struct_ref_seq_dif.pdbx_ordinal 
1 4CVO SER A 1 ? UNP Q03468 ? ? 'expression tag' 82 1 
1 4CVO MET A 2 ? UNP Q03468 ? ? 'expression tag' 83 2 
# 
_pdbx_struct_assembly.id                   1 
_pdbx_struct_assembly.details              author_and_software_defined_assembly 
_pdbx_struct_assembly.method_details       PISA 
_pdbx_struct_assembly.oligomeric_details   dimeric 
_pdbx_struct_assembly.oligomeric_count     2 
# 
loop_
_pdbx_struct_assembly_prop.biol_id 
_pdbx_struct_assembly_prop.type 
_pdbx_struct_assembly_prop.value 
_pdbx_struct_assembly_prop.details 
1 'ABSA (A^2)' 910   ? 
1 MORE         -14.5 ? 
1 'SSA (A^2)'  12180 ? 
# 
_pdbx_struct_assembly_gen.assembly_id       1 
_pdbx_struct_assembly_gen.oper_expression   1,2 
_pdbx_struct_assembly_gen.asym_id_list      A,B,C 
# 
loop_
_pdbx_struct_oper_list.id 
_pdbx_struct_oper_list.type 
_pdbx_struct_oper_list.name 
_pdbx_struct_oper_list.symmetry_operation 
_pdbx_struct_oper_list.matrix[1][1] 
_pdbx_struct_oper_list.matrix[1][2] 
_pdbx_struct_oper_list.matrix[1][3] 
_pdbx_struct_oper_list.vector[1] 
_pdbx_struct_oper_list.matrix[2][1] 
_pdbx_struct_oper_list.matrix[2][2] 
_pdbx_struct_oper_list.matrix[2][3] 
_pdbx_struct_oper_list.vector[2] 
_pdbx_struct_oper_list.matrix[3][1] 
_pdbx_struct_oper_list.matrix[3][2] 
_pdbx_struct_oper_list.matrix[3][3] 
_pdbx_struct_oper_list.vector[3] 
1 'identity operation'         1_555 x,y,z       1.0000000000 0.0000000000 0.0000000000 0.0000000000 0.0000000000 1.0000000000  0.0000000000 0.0000000000  0.0000000000 0.0000000000 1.0000000000  0.0000000000 
2 'crystal symmetry operation' 4_875 -x+3,-y+2,z 0.3155205042 0.5958466846 0.7385211845 0.5825037724 0.5958466846 -0.7301195455 0.3345028814 -8.7317591544 0.7385211845 0.3345028814 -0.5854009586 6.0072671977 
# 
_struct_biol.id   1 
# 
loop_
_struct_conf.conf_type_id 
_struct_conf.id 
_struct_conf.pdbx_PDB_helix_id 
_struct_conf.beg_label_comp_id 
_struct_conf.beg_label_asym_id 
_struct_conf.beg_label_seq_id 
_struct_conf.pdbx_beg_PDB_ins_code 
_struct_conf.end_label_comp_id 
_struct_conf.end_label_asym_id 
_struct_conf.end_label_seq_id 
_struct_conf.pdbx_end_PDB_ins_code 
_struct_conf.beg_auth_comp_id 
_struct_conf.beg_auth_asym_id 
_struct_conf.beg_auth_seq_id 
_struct_conf.end_auth_comp_id 
_struct_conf.end_auth_asym_id 
_struct_conf.end_auth_seq_id 
_struct_conf.pdbx_PDB_helix_class 
_struct_conf.details 
_struct_conf.pdbx_PDB_helix_length 
HELX_P HELX_P1 1 LEU A 11 ? VAL A 16 ? LEU A 92  VAL A 97  5 ? 6  
HELX_P HELX_P2 2 ASP A 20 ? LEU A 24 ? ASP A 101 LEU A 105 5 ? 5  
HELX_P HELX_P3 3 GLY A 27 ? GLN A 75 ? GLY A 108 GLN A 156 1 ? 49 
# 
_struct_conf_type.id          HELX_P 
_struct_conf_type.criteria    ? 
_struct_conf_type.reference   ? 
# 
loop_
_struct_conn.id 
_struct_conn.conn_type_id 
_struct_conn.pdbx_leaving_atom_flag 
_struct_conn.pdbx_PDB_id 
_struct_conn.ptnr1_label_asym_id 
_struct_conn.ptnr1_label_comp_id 
_struct_conn.ptnr1_label_seq_id 
_struct_conn.ptnr1_label_atom_id 
_struct_conn.pdbx_ptnr1_label_alt_id 
_struct_conn.pdbx_ptnr1_PDB_ins_code 
_struct_conn.pdbx_ptnr1_standard_comp_id 
_struct_conn.ptnr1_symmetry 
_struct_conn.ptnr2_label_asym_id 
_struct_conn.ptnr2_label_comp_id 
_struct_conn.ptnr2_label_seq_id 
_struct_conn.ptnr2_label_atom_id 
_struct_conn.pdbx_ptnr2_label_alt_id 
_struct_conn.pdbx_ptnr2_PDB_ins_code 
_struct_conn.ptnr1_auth_asym_id 
_struct_conn.ptnr1_auth_comp_id 
_struct_conn.ptnr1_auth_seq_id 
_struct_conn.ptnr2_auth_asym_id 
_struct_conn.ptnr2_auth_comp_id 
_struct_conn.ptnr2_auth_seq_id 
_struct_conn.ptnr2_symmetry 
_struct_conn.pdbx_ptnr3_label_atom_id 
_struct_conn.pdbx_ptnr3_label_seq_id 
_struct_conn.pdbx_ptnr3_label_comp_id 
_struct_conn.pdbx_ptnr3_label_asym_id 
_struct_conn.pdbx_ptnr3_label_alt_id 
_struct_conn.pdbx_ptnr3_PDB_ins_code 
_struct_conn.details 
_struct_conn.pdbx_dist_value 
_struct_conn.pdbx_value_order 
_struct_conn.pdbx_role 
disulf1 disulf ? ? A CYS 62 SG  ? ? ? 1_555  A CYS 62 SG ? ? A CYS 143  A CYS 143  4_875  ? ? ? ? ? ? ? 2.036 ? ? 
metalc1 metalc ? ? A ASP 33 OD1 ? ? ? 1_555  B MG  .  MG ? ? A ASP 114  A MG  1159 1_555  ? ? ? ? ? ? ? 1.999 ? ? 
metalc2 metalc ? ? A ASP 33 OD1 ? ? ? 10_775 B MG  .  MG ? ? A ASP 114  A MG  1159 1_555  ? ? ? ? ? ? ? 1.999 ? ? 
metalc3 metalc ? ? A HIS 37 NE2 ? ? ? 1_555  B MG  .  MG ? ? A HIS 118  A MG  1159 1_555  ? ? ? ? ? ? ? 2.269 ? ? 
metalc4 metalc ? ? A HIS 37 NE2 ? ? ? 10_775 B MG  .  MG ? ? A HIS 118  A MG  1159 1_555  ? ? ? ? ? ? ? 2.268 ? ? 
metalc5 metalc ? ? B MG  .  MG  ? ? ? 1_555  C HOH .  O  ? ? A MG  1159 A HOH 2005 1_555  ? ? ? ? ? ? ? 2.266 ? ? 
metalc6 metalc ? ? B MG  .  MG  ? ? ? 1_555  C HOH .  O  ? ? A MG  1159 A HOH 2005 10_775 ? ? ? ? ? ? ? 2.267 ? ? 
# 
loop_
_struct_conn_type.id 
_struct_conn_type.criteria 
_struct_conn_type.reference 
disulf ? ? 
metalc ? ? 
# 
loop_
_pdbx_struct_conn_angle.id 
_pdbx_struct_conn_angle.ptnr1_label_atom_id 
_pdbx_struct_conn_angle.ptnr1_label_alt_id 
_pdbx_struct_conn_angle.ptnr1_label_asym_id 
_pdbx_struct_conn_angle.ptnr1_label_comp_id 
_pdbx_struct_conn_angle.ptnr1_label_seq_id 
_pdbx_struct_conn_angle.ptnr1_auth_atom_id 
_pdbx_struct_conn_angle.ptnr1_auth_asym_id 
_pdbx_struct_conn_angle.ptnr1_auth_comp_id 
_pdbx_struct_conn_angle.ptnr1_auth_seq_id 
_pdbx_struct_conn_angle.ptnr1_PDB_ins_code 
_pdbx_struct_conn_angle.ptnr1_symmetry 
_pdbx_struct_conn_angle.ptnr2_label_atom_id 
_pdbx_struct_conn_angle.ptnr2_label_alt_id 
_pdbx_struct_conn_angle.ptnr2_label_asym_id 
_pdbx_struct_conn_angle.ptnr2_label_comp_id 
_pdbx_struct_conn_angle.ptnr2_label_seq_id 
_pdbx_struct_conn_angle.ptnr2_auth_atom_id 
_pdbx_struct_conn_angle.ptnr2_auth_asym_id 
_pdbx_struct_conn_angle.ptnr2_auth_comp_id 
_pdbx_struct_conn_angle.ptnr2_auth_seq_id 
_pdbx_struct_conn_angle.ptnr2_PDB_ins_code 
_pdbx_struct_conn_angle.ptnr2_symmetry 
_pdbx_struct_conn_angle.ptnr3_label_atom_id 
_pdbx_struct_conn_angle.ptnr3_label_alt_id 
_pdbx_struct_conn_angle.ptnr3_label_asym_id 
_pdbx_struct_conn_angle.ptnr3_label_comp_id 
_pdbx_struct_conn_angle.ptnr3_label_seq_id 
_pdbx_struct_conn_angle.ptnr3_auth_atom_id 
_pdbx_struct_conn_angle.ptnr3_auth_asym_id 
_pdbx_struct_conn_angle.ptnr3_auth_comp_id 
_pdbx_struct_conn_angle.ptnr3_auth_seq_id 
_pdbx_struct_conn_angle.ptnr3_PDB_ins_code 
_pdbx_struct_conn_angle.ptnr3_symmetry 
_pdbx_struct_conn_angle.value 
_pdbx_struct_conn_angle.value_esd 
1  OD1 ? A ASP 33 ? A ASP 114  ? 1_555  MG ? B MG . ? A MG 1159 ? 1_555 OD1 ? A ASP 33 ? A ASP 114  ? 10_775 96.7  ? 
2  OD1 ? A ASP 33 ? A ASP 114  ? 1_555  MG ? B MG . ? A MG 1159 ? 1_555 NE2 ? A HIS 37 ? A HIS 118  ? 1_555  88.8  ? 
3  OD1 ? A ASP 33 ? A ASP 114  ? 10_775 MG ? B MG . ? A MG 1159 ? 1_555 NE2 ? A HIS 37 ? A HIS 118  ? 1_555  94.1  ? 
4  OD1 ? A ASP 33 ? A ASP 114  ? 1_555  MG ? B MG . ? A MG 1159 ? 1_555 NE2 ? A HIS 37 ? A HIS 118  ? 10_775 94.2  ? 
5  OD1 ? A ASP 33 ? A ASP 114  ? 10_775 MG ? B MG . ? A MG 1159 ? 1_555 NE2 ? A HIS 37 ? A HIS 118  ? 10_775 88.9  ? 
6  NE2 ? A HIS 37 ? A HIS 118  ? 1_555  MG ? B MG . ? A MG 1159 ? 1_555 NE2 ? A HIS 37 ? A HIS 118  ? 10_775 175.5 ? 
7  OD1 ? A ASP 33 ? A ASP 114  ? 1_555  MG ? B MG . ? A MG 1159 ? 1_555 O   ? C HOH .  ? A HOH 2005 ? 1_555  175.9 ? 
8  OD1 ? A ASP 33 ? A ASP 114  ? 10_775 MG ? B MG . ? A MG 1159 ? 1_555 O   ? C HOH .  ? A HOH 2005 ? 1_555  87.4  ? 
9  NE2 ? A HIS 37 ? A HIS 118  ? 1_555  MG ? B MG . ? A MG 1159 ? 1_555 O   ? C HOH .  ? A HOH 2005 ? 1_555  90.3  ? 
10 NE2 ? A HIS 37 ? A HIS 118  ? 10_775 MG ? B MG . ? A MG 1159 ? 1_555 O   ? C HOH .  ? A HOH 2005 ? 1_555  86.5  ? 
11 OD1 ? A ASP 33 ? A ASP 114  ? 1_555  MG ? B MG . ? A MG 1159 ? 1_555 O   ? C HOH .  ? A HOH 2005 ? 10_775 87.3  ? 
12 OD1 ? A ASP 33 ? A ASP 114  ? 10_775 MG ? B MG . ? A MG 1159 ? 1_555 O   ? C HOH .  ? A HOH 2005 ? 10_775 175.9 ? 
13 NE2 ? A HIS 37 ? A HIS 118  ? 1_555  MG ? B MG . ? A MG 1159 ? 1_555 O   ? C HOH .  ? A HOH 2005 ? 10_775 86.5  ? 
14 NE2 ? A HIS 37 ? A HIS 118  ? 10_775 MG ? B MG . ? A MG 1159 ? 1_555 O   ? C HOH .  ? A HOH 2005 ? 10_775 90.3  ? 
15 O   ? C HOH .  ? A HOH 2005 ? 1_555  MG ? B MG . ? A MG 1159 ? 1_555 O   ? C HOH .  ? A HOH 2005 ? 10_775 88.6  ? 
# 
_pdbx_modification_feature.ordinal                            1 
_pdbx_modification_feature.label_comp_id                      CYS 
_pdbx_modification_feature.label_asym_id                      A 
_pdbx_modification_feature.label_seq_id                       62 
_pdbx_modification_feature.label_alt_id                       ? 
_pdbx_modification_feature.modified_residue_label_comp_id     CYS 
_pdbx_modification_feature.modified_residue_label_asym_id     A 
_pdbx_modification_feature.modified_residue_label_seq_id      62 
_pdbx_modification_feature.modified_residue_label_alt_id      ? 
_pdbx_modification_feature.auth_comp_id                       CYS 
_pdbx_modification_feature.auth_asym_id                       A 
_pdbx_modification_feature.auth_seq_id                        143 
_pdbx_modification_feature.PDB_ins_code                       ? 
_pdbx_modification_feature.symmetry                           1_555 
_pdbx_modification_feature.modified_residue_auth_comp_id      CYS 
_pdbx_modification_feature.modified_residue_auth_asym_id      A 
_pdbx_modification_feature.modified_residue_auth_seq_id       143 
_pdbx_modification_feature.modified_residue_PDB_ins_code      ? 
_pdbx_modification_feature.modified_residue_symmetry          4_875 
_pdbx_modification_feature.comp_id_linking_atom               SG 
_pdbx_modification_feature.modified_residue_id_linking_atom   SG 
_pdbx_modification_feature.modified_residue_id                . 
_pdbx_modification_feature.ref_pcm_id                         . 
_pdbx_modification_feature.ref_comp_id                        . 
_pdbx_modification_feature.type                               None 
_pdbx_modification_feature.category                           'Disulfide bridge' 
# 
_struct_site.id                   AC1 
_struct_site.pdbx_evidence_code   Software 
_struct_site.pdbx_auth_asym_id    A 
_struct_site.pdbx_auth_comp_id    MG 
_struct_site.pdbx_auth_seq_id     1159 
_struct_site.pdbx_auth_ins_code   ? 
_struct_site.pdbx_num_residues    6 
_struct_site.details              'BINDING SITE FOR RESIDUE MG A 1159' 
# 
loop_
_struct_site_gen.id 
_struct_site_gen.site_id 
_struct_site_gen.pdbx_num_res 
_struct_site_gen.label_comp_id 
_struct_site_gen.label_asym_id 
_struct_site_gen.label_seq_id 
_struct_site_gen.pdbx_auth_ins_code 
_struct_site_gen.auth_comp_id 
_struct_site_gen.auth_asym_id 
_struct_site_gen.auth_seq_id 
_struct_site_gen.label_atom_id 
_struct_site_gen.label_alt_id 
_struct_site_gen.symmetry 
_struct_site_gen.details 
1 AC1 6 ASP A 33 ? ASP A 114  . ? 10_775 ? 
2 AC1 6 ASP A 33 ? ASP A 114  . ? 1_555  ? 
3 AC1 6 HIS A 37 ? HIS A 118  . ? 1_555  ? 
4 AC1 6 HIS A 37 ? HIS A 118  . ? 10_775 ? 
5 AC1 6 HOH C .  ? HOH A 2005 . ? 10_775 ? 
6 AC1 6 HOH C .  ? HOH A 2005 . ? 1_555  ? 
# 
_pdbx_entry_details.entry_id                   4CVO 
_pdbx_entry_details.compound_details           ? 
_pdbx_entry_details.source_details             ? 
_pdbx_entry_details.nonpolymer_details         ? 
_pdbx_entry_details.sequence_details           
;FIRST TWO RESIDUES REMAIN AFTER CLEAVAGE OF PURIFICATION
TAG
;
_pdbx_entry_details.has_ligand_of_interest     ? 
_pdbx_entry_details.has_protein_modification   Y 
# 
_pdbx_validate_torsion.id              1 
_pdbx_validate_torsion.PDB_model_num   1 
_pdbx_validate_torsion.auth_comp_id    GLN 
_pdbx_validate_torsion.auth_asym_id    A 
_pdbx_validate_torsion.auth_seq_id     107 
_pdbx_validate_torsion.PDB_ins_code    ? 
_pdbx_validate_torsion.label_alt_id    ? 
_pdbx_validate_torsion.phi             -42.68 
_pdbx_validate_torsion.psi             154.59 
# 
_pdbx_validate_peptide_omega.id               1 
_pdbx_validate_peptide_omega.PDB_model_num    1 
_pdbx_validate_peptide_omega.auth_comp_id_1   GLU 
_pdbx_validate_peptide_omega.auth_asym_id_1   A 
_pdbx_validate_peptide_omega.auth_seq_id_1    106 
_pdbx_validate_peptide_omega.PDB_ins_code_1   ? 
_pdbx_validate_peptide_omega.label_alt_id_1   ? 
_pdbx_validate_peptide_omega.auth_comp_id_2   GLN 
_pdbx_validate_peptide_omega.auth_asym_id_2   A 
_pdbx_validate_peptide_omega.auth_seq_id_2    107 
_pdbx_validate_peptide_omega.PDB_ins_code_2   ? 
_pdbx_validate_peptide_omega.label_alt_id_2   ? 
_pdbx_validate_peptide_omega.omega            -139.83 
# 
loop_
_pdbx_struct_special_symmetry.id 
_pdbx_struct_special_symmetry.PDB_model_num 
_pdbx_struct_special_symmetry.auth_asym_id 
_pdbx_struct_special_symmetry.auth_comp_id 
_pdbx_struct_special_symmetry.auth_seq_id 
_pdbx_struct_special_symmetry.PDB_ins_code 
_pdbx_struct_special_symmetry.label_asym_id 
_pdbx_struct_special_symmetry.label_comp_id 
_pdbx_struct_special_symmetry.label_seq_id 
1 1 A MG  1159 ? B MG  . 
2 1 A HOH 2003 ? C HOH . 
3 1 A HOH 2004 ? C HOH . 
# 
_pdbx_refine_tls.pdbx_refine_id   'X-RAY DIFFRACTION' 
_pdbx_refine_tls.id               1 
_pdbx_refine_tls.details          ? 
_pdbx_refine_tls.method           refined 
_pdbx_refine_tls.origin_x         -0.8539 
_pdbx_refine_tls.origin_y         -0.1074 
_pdbx_refine_tls.origin_z         -0.6248 
_pdbx_refine_tls.T[1][1]          0.7534 
_pdbx_refine_tls.T[2][2]          0.6665 
_pdbx_refine_tls.T[3][3]          0.5118 
_pdbx_refine_tls.T[1][2]          -0.2368 
_pdbx_refine_tls.T[1][3]          -0.1849 
_pdbx_refine_tls.T[2][3]          0.2949 
_pdbx_refine_tls.L[1][1]          1.1265 
_pdbx_refine_tls.L[2][2]          1.4763 
_pdbx_refine_tls.L[3][3]          2.2627 
_pdbx_refine_tls.L[1][2]          -0.3648 
_pdbx_refine_tls.L[1][3]          0.4283 
_pdbx_refine_tls.L[2][3]          0.7143 
_pdbx_refine_tls.S[1][1]          -0.0600 
_pdbx_refine_tls.S[1][2]          -0.2696 
_pdbx_refine_tls.S[1][3]          -0.6583 
_pdbx_refine_tls.S[2][1]          0.3298 
_pdbx_refine_tls.S[2][2]          0.1662 
_pdbx_refine_tls.S[2][3]          -0.6343 
_pdbx_refine_tls.S[3][1]          0.2469 
_pdbx_refine_tls.S[3][2]          0.1451 
_pdbx_refine_tls.S[3][3]          -0.4264 
# 
_pdbx_refine_tls_group.pdbx_refine_id      'X-RAY DIFFRACTION' 
_pdbx_refine_tls_group.id                  1 
_pdbx_refine_tls_group.refine_tls_id       1 
_pdbx_refine_tls_group.beg_auth_asym_id    ? 
_pdbx_refine_tls_group.beg_auth_seq_id     ? 
_pdbx_refine_tls_group.beg_label_asym_id   ? 
_pdbx_refine_tls_group.beg_label_seq_id    ? 
_pdbx_refine_tls_group.end_auth_asym_id    ? 
_pdbx_refine_tls_group.end_auth_seq_id     ? 
_pdbx_refine_tls_group.end_label_asym_id   ? 
_pdbx_refine_tls_group.end_label_seq_id    ? 
_pdbx_refine_tls_group.selection           ? 
_pdbx_refine_tls_group.selection_details   ALL 
# 
loop_
_pdbx_unobs_or_zero_occ_residues.id 
_pdbx_unobs_or_zero_occ_residues.PDB_model_num 
_pdbx_unobs_or_zero_occ_residues.polymer_flag 
_pdbx_unobs_or_zero_occ_residues.occupancy_flag 
_pdbx_unobs_or_zero_occ_residues.auth_asym_id 
_pdbx_unobs_or_zero_occ_residues.auth_comp_id 
_pdbx_unobs_or_zero_occ_residues.auth_seq_id 
_pdbx_unobs_or_zero_occ_residues.PDB_ins_code 
_pdbx_unobs_or_zero_occ_residues.label_asym_id 
_pdbx_unobs_or_zero_occ_residues.label_comp_id 
_pdbx_unobs_or_zero_occ_residues.label_seq_id 
1  1 Y 1 A SER 82  ? A SER 1  
2  1 Y 1 A MET 83  ? A MET 2  
3  1 Y 1 A GLU 84  ? A GLU 3  
4  1 Y 1 A PRO 85  ? A PRO 4  
5  1 Y 1 A SER 86  ? A SER 5  
6  1 Y 1 A ALA 87  ? A ALA 6  
7  1 Y 1 A GLN 88  ? A GLN 7  
8  1 Y 1 A ALA 89  ? A ALA 8  
9  1 Y 1 A PRO 159 ? A PRO 78 
10 1 Y 1 A GLN 160 ? A GLN 79 
# 
loop_
_chem_comp_atom.comp_id 
_chem_comp_atom.atom_id 
_chem_comp_atom.type_symbol 
_chem_comp_atom.pdbx_aromatic_flag 
_chem_comp_atom.pdbx_stereo_config 
_chem_comp_atom.pdbx_ordinal 
ALA N    N  N N 1   
ALA CA   C  N S 2   
ALA C    C  N N 3   
ALA O    O  N N 4   
ALA CB   C  N N 5   
ALA OXT  O  N N 6   
ALA H    H  N N 7   
ALA H2   H  N N 8   
ALA HA   H  N N 9   
ALA HB1  H  N N 10  
ALA HB2  H  N N 11  
ALA HB3  H  N N 12  
ALA HXT  H  N N 13  
ARG N    N  N N 14  
ARG CA   C  N S 15  
ARG C    C  N N 16  
ARG O    O  N N 17  
ARG CB   C  N N 18  
ARG CG   C  N N 19  
ARG CD   C  N N 20  
ARG NE   N  N N 21  
ARG CZ   C  N N 22  
ARG NH1  N  N N 23  
ARG NH2  N  N N 24  
ARG OXT  O  N N 25  
ARG H    H  N N 26  
ARG H2   H  N N 27  
ARG HA   H  N N 28  
ARG HB2  H  N N 29  
ARG HB3  H  N N 30  
ARG HG2  H  N N 31  
ARG HG3  H  N N 32  
ARG HD2  H  N N 33  
ARG HD3  H  N N 34  
ARG HE   H  N N 35  
ARG HH11 H  N N 36  
ARG HH12 H  N N 37  
ARG HH21 H  N N 38  
ARG HH22 H  N N 39  
ARG HXT  H  N N 40  
ASN N    N  N N 41  
ASN CA   C  N S 42  
ASN C    C  N N 43  
ASN O    O  N N 44  
ASN CB   C  N N 45  
ASN CG   C  N N 46  
ASN OD1  O  N N 47  
ASN ND2  N  N N 48  
ASN OXT  O  N N 49  
ASN H    H  N N 50  
ASN H2   H  N N 51  
ASN HA   H  N N 52  
ASN HB2  H  N N 53  
ASN HB3  H  N N 54  
ASN HD21 H  N N 55  
ASN HD22 H  N N 56  
ASN HXT  H  N N 57  
ASP N    N  N N 58  
ASP CA   C  N S 59  
ASP C    C  N N 60  
ASP O    O  N N 61  
ASP CB   C  N N 62  
ASP CG   C  N N 63  
ASP OD1  O  N N 64  
ASP OD2  O  N N 65  
ASP OXT  O  N N 66  
ASP H    H  N N 67  
ASP H2   H  N N 68  
ASP HA   H  N N 69  
ASP HB2  H  N N 70  
ASP HB3  H  N N 71  
ASP HD2  H  N N 72  
ASP HXT  H  N N 73  
CYS N    N  N N 74  
CYS CA   C  N R 75  
CYS C    C  N N 76  
CYS O    O  N N 77  
CYS CB   C  N N 78  
CYS SG   S  N N 79  
CYS OXT  O  N N 80  
CYS H    H  N N 81  
CYS H2   H  N N 82  
CYS HA   H  N N 83  
CYS HB2  H  N N 84  
CYS HB3  H  N N 85  
CYS HG   H  N N 86  
CYS HXT  H  N N 87  
GLN N    N  N N 88  
GLN CA   C  N S 89  
GLN C    C  N N 90  
GLN O    O  N N 91  
GLN CB   C  N N 92  
GLN CG   C  N N 93  
GLN CD   C  N N 94  
GLN OE1  O  N N 95  
GLN NE2  N  N N 96  
GLN OXT  O  N N 97  
GLN H    H  N N 98  
GLN H2   H  N N 99  
GLN HA   H  N N 100 
GLN HB2  H  N N 101 
GLN HB3  H  N N 102 
GLN HG2  H  N N 103 
GLN HG3  H  N N 104 
GLN HE21 H  N N 105 
GLN HE22 H  N N 106 
GLN HXT  H  N N 107 
GLU N    N  N N 108 
GLU CA   C  N S 109 
GLU C    C  N N 110 
GLU O    O  N N 111 
GLU CB   C  N N 112 
GLU CG   C  N N 113 
GLU CD   C  N N 114 
GLU OE1  O  N N 115 
GLU OE2  O  N N 116 
GLU OXT  O  N N 117 
GLU H    H  N N 118 
GLU H2   H  N N 119 
GLU HA   H  N N 120 
GLU HB2  H  N N 121 
GLU HB3  H  N N 122 
GLU HG2  H  N N 123 
GLU HG3  H  N N 124 
GLU HE2  H  N N 125 
GLU HXT  H  N N 126 
GLY N    N  N N 127 
GLY CA   C  N N 128 
GLY C    C  N N 129 
GLY O    O  N N 130 
GLY OXT  O  N N 131 
GLY H    H  N N 132 
GLY H2   H  N N 133 
GLY HA2  H  N N 134 
GLY HA3  H  N N 135 
GLY HXT  H  N N 136 
HIS N    N  N N 137 
HIS CA   C  N S 138 
HIS C    C  N N 139 
HIS O    O  N N 140 
HIS CB   C  N N 141 
HIS CG   C  Y N 142 
HIS ND1  N  Y N 143 
HIS CD2  C  Y N 144 
HIS CE1  C  Y N 145 
HIS NE2  N  Y N 146 
HIS OXT  O  N N 147 
HIS H    H  N N 148 
HIS H2   H  N N 149 
HIS HA   H  N N 150 
HIS HB2  H  N N 151 
HIS HB3  H  N N 152 
HIS HD1  H  N N 153 
HIS HD2  H  N N 154 
HIS HE1  H  N N 155 
HIS HE2  H  N N 156 
HIS HXT  H  N N 157 
HOH O    O  N N 158 
HOH H1   H  N N 159 
HOH H2   H  N N 160 
ILE N    N  N N 161 
ILE CA   C  N S 162 
ILE C    C  N N 163 
ILE O    O  N N 164 
ILE CB   C  N S 165 
ILE CG1  C  N N 166 
ILE CG2  C  N N 167 
ILE CD1  C  N N 168 
ILE OXT  O  N N 169 
ILE H    H  N N 170 
ILE H2   H  N N 171 
ILE HA   H  N N 172 
ILE HB   H  N N 173 
ILE HG12 H  N N 174 
ILE HG13 H  N N 175 
ILE HG21 H  N N 176 
ILE HG22 H  N N 177 
ILE HG23 H  N N 178 
ILE HD11 H  N N 179 
ILE HD12 H  N N 180 
ILE HD13 H  N N 181 
ILE HXT  H  N N 182 
LEU N    N  N N 183 
LEU CA   C  N S 184 
LEU C    C  N N 185 
LEU O    O  N N 186 
LEU CB   C  N N 187 
LEU CG   C  N N 188 
LEU CD1  C  N N 189 
LEU CD2  C  N N 190 
LEU OXT  O  N N 191 
LEU H    H  N N 192 
LEU H2   H  N N 193 
LEU HA   H  N N 194 
LEU HB2  H  N N 195 
LEU HB3  H  N N 196 
LEU HG   H  N N 197 
LEU HD11 H  N N 198 
LEU HD12 H  N N 199 
LEU HD13 H  N N 200 
LEU HD21 H  N N 201 
LEU HD22 H  N N 202 
LEU HD23 H  N N 203 
LEU HXT  H  N N 204 
LYS N    N  N N 205 
LYS CA   C  N S 206 
LYS C    C  N N 207 
LYS O    O  N N 208 
LYS CB   C  N N 209 
LYS CG   C  N N 210 
LYS CD   C  N N 211 
LYS CE   C  N N 212 
LYS NZ   N  N N 213 
LYS OXT  O  N N 214 
LYS H    H  N N 215 
LYS H2   H  N N 216 
LYS HA   H  N N 217 
LYS HB2  H  N N 218 
LYS HB3  H  N N 219 
LYS HG2  H  N N 220 
LYS HG3  H  N N 221 
LYS HD2  H  N N 222 
LYS HD3  H  N N 223 
LYS HE2  H  N N 224 
LYS HE3  H  N N 225 
LYS HZ1  H  N N 226 
LYS HZ2  H  N N 227 
LYS HZ3  H  N N 228 
LYS HXT  H  N N 229 
MET N    N  N N 230 
MET CA   C  N S 231 
MET C    C  N N 232 
MET O    O  N N 233 
MET CB   C  N N 234 
MET CG   C  N N 235 
MET SD   S  N N 236 
MET CE   C  N N 237 
MET OXT  O  N N 238 
MET H    H  N N 239 
MET H2   H  N N 240 
MET HA   H  N N 241 
MET HB2  H  N N 242 
MET HB3  H  N N 243 
MET HG2  H  N N 244 
MET HG3  H  N N 245 
MET HE1  H  N N 246 
MET HE2  H  N N 247 
MET HE3  H  N N 248 
MET HXT  H  N N 249 
MG  MG   MG N N 250 
PRO N    N  N N 251 
PRO CA   C  N S 252 
PRO C    C  N N 253 
PRO O    O  N N 254 
PRO CB   C  N N 255 
PRO CG   C  N N 256 
PRO CD   C  N N 257 
PRO OXT  O  N N 258 
PRO H    H  N N 259 
PRO HA   H  N N 260 
PRO HB2  H  N N 261 
PRO HB3  H  N N 262 
PRO HG2  H  N N 263 
PRO HG3  H  N N 264 
PRO HD2  H  N N 265 
PRO HD3  H  N N 266 
PRO HXT  H  N N 267 
SER N    N  N N 268 
SER CA   C  N S 269 
SER C    C  N N 270 
SER O    O  N N 271 
SER CB   C  N N 272 
SER OG   O  N N 273 
SER OXT  O  N N 274 
SER H    H  N N 275 
SER H2   H  N N 276 
SER HA   H  N N 277 
SER HB2  H  N N 278 
SER HB3  H  N N 279 
SER HG   H  N N 280 
SER HXT  H  N N 281 
THR N    N  N N 282 
THR CA   C  N S 283 
THR C    C  N N 284 
THR O    O  N N 285 
THR CB   C  N R 286 
THR OG1  O  N N 287 
THR CG2  C  N N 288 
THR OXT  O  N N 289 
THR H    H  N N 290 
THR H2   H  N N 291 
THR HA   H  N N 292 
THR HB   H  N N 293 
THR HG1  H  N N 294 
THR HG21 H  N N 295 
THR HG22 H  N N 296 
THR HG23 H  N N 297 
THR HXT  H  N N 298 
TYR N    N  N N 299 
TYR CA   C  N S 300 
TYR C    C  N N 301 
TYR O    O  N N 302 
TYR CB   C  N N 303 
TYR CG   C  Y N 304 
TYR CD1  C  Y N 305 
TYR CD2  C  Y N 306 
TYR CE1  C  Y N 307 
TYR CE2  C  Y N 308 
TYR CZ   C  Y N 309 
TYR OH   O  N N 310 
TYR OXT  O  N N 311 
TYR H    H  N N 312 
TYR H2   H  N N 313 
TYR HA   H  N N 314 
TYR HB2  H  N N 315 
TYR HB3  H  N N 316 
TYR HD1  H  N N 317 
TYR HD2  H  N N 318 
TYR HE1  H  N N 319 
TYR HE2  H  N N 320 
TYR HH   H  N N 321 
TYR HXT  H  N N 322 
VAL N    N  N N 323 
VAL CA   C  N S 324 
VAL C    C  N N 325 
VAL O    O  N N 326 
VAL CB   C  N N 327 
VAL CG1  C  N N 328 
VAL CG2  C  N N 329 
VAL OXT  O  N N 330 
VAL H    H  N N 331 
VAL H2   H  N N 332 
VAL HA   H  N N 333 
VAL HB   H  N N 334 
VAL HG11 H  N N 335 
VAL HG12 H  N N 336 
VAL HG13 H  N N 337 
VAL HG21 H  N N 338 
VAL HG22 H  N N 339 
VAL HG23 H  N N 340 
VAL HXT  H  N N 341 
# 
loop_
_chem_comp_bond.comp_id 
_chem_comp_bond.atom_id_1 
_chem_comp_bond.atom_id_2 
_chem_comp_bond.value_order 
_chem_comp_bond.pdbx_aromatic_flag 
_chem_comp_bond.pdbx_stereo_config 
_chem_comp_bond.pdbx_ordinal 
ALA N   CA   sing N N 1   
ALA N   H    sing N N 2   
ALA N   H2   sing N N 3   
ALA CA  C    sing N N 4   
ALA CA  CB   sing N N 5   
ALA CA  HA   sing N N 6   
ALA C   O    doub N N 7   
ALA C   OXT  sing N N 8   
ALA CB  HB1  sing N N 9   
ALA CB  HB2  sing N N 10  
ALA CB  HB3  sing N N 11  
ALA OXT HXT  sing N N 12  
ARG N   CA   sing N N 13  
ARG N   H    sing N N 14  
ARG N   H2   sing N N 15  
ARG CA  C    sing N N 16  
ARG CA  CB   sing N N 17  
ARG CA  HA   sing N N 18  
ARG C   O    doub N N 19  
ARG C   OXT  sing N N 20  
ARG CB  CG   sing N N 21  
ARG CB  HB2  sing N N 22  
ARG CB  HB3  sing N N 23  
ARG CG  CD   sing N N 24  
ARG CG  HG2  sing N N 25  
ARG CG  HG3  sing N N 26  
ARG CD  NE   sing N N 27  
ARG CD  HD2  sing N N 28  
ARG CD  HD3  sing N N 29  
ARG NE  CZ   sing N N 30  
ARG NE  HE   sing N N 31  
ARG CZ  NH1  sing N N 32  
ARG CZ  NH2  doub N N 33  
ARG NH1 HH11 sing N N 34  
ARG NH1 HH12 sing N N 35  
ARG NH2 HH21 sing N N 36  
ARG NH2 HH22 sing N N 37  
ARG OXT HXT  sing N N 38  
ASN N   CA   sing N N 39  
ASN N   H    sing N N 40  
ASN N   H2   sing N N 41  
ASN CA  C    sing N N 42  
ASN CA  CB   sing N N 43  
ASN CA  HA   sing N N 44  
ASN C   O    doub N N 45  
ASN C   OXT  sing N N 46  
ASN CB  CG   sing N N 47  
ASN CB  HB2  sing N N 48  
ASN CB  HB3  sing N N 49  
ASN CG  OD1  doub N N 50  
ASN CG  ND2  sing N N 51  
ASN ND2 HD21 sing N N 52  
ASN ND2 HD22 sing N N 53  
ASN OXT HXT  sing N N 54  
ASP N   CA   sing N N 55  
ASP N   H    sing N N 56  
ASP N   H2   sing N N 57  
ASP CA  C    sing N N 58  
ASP CA  CB   sing N N 59  
ASP CA  HA   sing N N 60  
ASP C   O    doub N N 61  
ASP C   OXT  sing N N 62  
ASP CB  CG   sing N N 63  
ASP CB  HB2  sing N N 64  
ASP CB  HB3  sing N N 65  
ASP CG  OD1  doub N N 66  
ASP CG  OD2  sing N N 67  
ASP OD2 HD2  sing N N 68  
ASP OXT HXT  sing N N 69  
CYS N   CA   sing N N 70  
CYS N   H    sing N N 71  
CYS N   H2   sing N N 72  
CYS CA  C    sing N N 73  
CYS CA  CB   sing N N 74  
CYS CA  HA   sing N N 75  
CYS C   O    doub N N 76  
CYS C   OXT  sing N N 77  
CYS CB  SG   sing N N 78  
CYS CB  HB2  sing N N 79  
CYS CB  HB3  sing N N 80  
CYS SG  HG   sing N N 81  
CYS OXT HXT  sing N N 82  
GLN N   CA   sing N N 83  
GLN N   H    sing N N 84  
GLN N   H2   sing N N 85  
GLN CA  C    sing N N 86  
GLN CA  CB   sing N N 87  
GLN CA  HA   sing N N 88  
GLN C   O    doub N N 89  
GLN C   OXT  sing N N 90  
GLN CB  CG   sing N N 91  
GLN CB  HB2  sing N N 92  
GLN CB  HB3  sing N N 93  
GLN CG  CD   sing N N 94  
GLN CG  HG2  sing N N 95  
GLN CG  HG3  sing N N 96  
GLN CD  OE1  doub N N 97  
GLN CD  NE2  sing N N 98  
GLN NE2 HE21 sing N N 99  
GLN NE2 HE22 sing N N 100 
GLN OXT HXT  sing N N 101 
GLU N   CA   sing N N 102 
GLU N   H    sing N N 103 
GLU N   H2   sing N N 104 
GLU CA  C    sing N N 105 
GLU CA  CB   sing N N 106 
GLU CA  HA   sing N N 107 
GLU C   O    doub N N 108 
GLU C   OXT  sing N N 109 
GLU CB  CG   sing N N 110 
GLU CB  HB2  sing N N 111 
GLU CB  HB3  sing N N 112 
GLU CG  CD   sing N N 113 
GLU CG  HG2  sing N N 114 
GLU CG  HG3  sing N N 115 
GLU CD  OE1  doub N N 116 
GLU CD  OE2  sing N N 117 
GLU OE2 HE2  sing N N 118 
GLU OXT HXT  sing N N 119 
GLY N   CA   sing N N 120 
GLY N   H    sing N N 121 
GLY N   H2   sing N N 122 
GLY CA  C    sing N N 123 
GLY CA  HA2  sing N N 124 
GLY CA  HA3  sing N N 125 
GLY C   O    doub N N 126 
GLY C   OXT  sing N N 127 
GLY OXT HXT  sing N N 128 
HIS N   CA   sing N N 129 
HIS N   H    sing N N 130 
HIS N   H2   sing N N 131 
HIS CA  C    sing N N 132 
HIS CA  CB   sing N N 133 
HIS CA  HA   sing N N 134 
HIS C   O    doub N N 135 
HIS C   OXT  sing N N 136 
HIS CB  CG   sing N N 137 
HIS CB  HB2  sing N N 138 
HIS CB  HB3  sing N N 139 
HIS CG  ND1  sing Y N 140 
HIS CG  CD2  doub Y N 141 
HIS ND1 CE1  doub Y N 142 
HIS ND1 HD1  sing N N 143 
HIS CD2 NE2  sing Y N 144 
HIS CD2 HD2  sing N N 145 
HIS CE1 NE2  sing Y N 146 
HIS CE1 HE1  sing N N 147 
HIS NE2 HE2  sing N N 148 
HIS OXT HXT  sing N N 149 
HOH O   H1   sing N N 150 
HOH O   H2   sing N N 151 
ILE N   CA   sing N N 152 
ILE N   H    sing N N 153 
ILE N   H2   sing N N 154 
ILE CA  C    sing N N 155 
ILE CA  CB   sing N N 156 
ILE CA  HA   sing N N 157 
ILE C   O    doub N N 158 
ILE C   OXT  sing N N 159 
ILE CB  CG1  sing N N 160 
ILE CB  CG2  sing N N 161 
ILE CB  HB   sing N N 162 
ILE CG1 CD1  sing N N 163 
ILE CG1 HG12 sing N N 164 
ILE CG1 HG13 sing N N 165 
ILE CG2 HG21 sing N N 166 
ILE CG2 HG22 sing N N 167 
ILE CG2 HG23 sing N N 168 
ILE CD1 HD11 sing N N 169 
ILE CD1 HD12 sing N N 170 
ILE CD1 HD13 sing N N 171 
ILE OXT HXT  sing N N 172 
LEU N   CA   sing N N 173 
LEU N   H    sing N N 174 
LEU N   H2   sing N N 175 
LEU CA  C    sing N N 176 
LEU CA  CB   sing N N 177 
LEU CA  HA   sing N N 178 
LEU C   O    doub N N 179 
LEU C   OXT  sing N N 180 
LEU CB  CG   sing N N 181 
LEU CB  HB2  sing N N 182 
LEU CB  HB3  sing N N 183 
LEU CG  CD1  sing N N 184 
LEU CG  CD2  sing N N 185 
LEU CG  HG   sing N N 186 
LEU CD1 HD11 sing N N 187 
LEU CD1 HD12 sing N N 188 
LEU CD1 HD13 sing N N 189 
LEU CD2 HD21 sing N N 190 
LEU CD2 HD22 sing N N 191 
LEU CD2 HD23 sing N N 192 
LEU OXT HXT  sing N N 193 
LYS N   CA   sing N N 194 
LYS N   H    sing N N 195 
LYS N   H2   sing N N 196 
LYS CA  C    sing N N 197 
LYS CA  CB   sing N N 198 
LYS CA  HA   sing N N 199 
LYS C   O    doub N N 200 
LYS C   OXT  sing N N 201 
LYS CB  CG   sing N N 202 
LYS CB  HB2  sing N N 203 
LYS CB  HB3  sing N N 204 
LYS CG  CD   sing N N 205 
LYS CG  HG2  sing N N 206 
LYS CG  HG3  sing N N 207 
LYS CD  CE   sing N N 208 
LYS CD  HD2  sing N N 209 
LYS CD  HD3  sing N N 210 
LYS CE  NZ   sing N N 211 
LYS CE  HE2  sing N N 212 
LYS CE  HE3  sing N N 213 
LYS NZ  HZ1  sing N N 214 
LYS NZ  HZ2  sing N N 215 
LYS NZ  HZ3  sing N N 216 
LYS OXT HXT  sing N N 217 
MET N   CA   sing N N 218 
MET N   H    sing N N 219 
MET N   H2   sing N N 220 
MET CA  C    sing N N 221 
MET CA  CB   sing N N 222 
MET CA  HA   sing N N 223 
MET C   O    doub N N 224 
MET C   OXT  sing N N 225 
MET CB  CG   sing N N 226 
MET CB  HB2  sing N N 227 
MET CB  HB3  sing N N 228 
MET CG  SD   sing N N 229 
MET CG  HG2  sing N N 230 
MET CG  HG3  sing N N 231 
MET SD  CE   sing N N 232 
MET CE  HE1  sing N N 233 
MET CE  HE2  sing N N 234 
MET CE  HE3  sing N N 235 
MET OXT HXT  sing N N 236 
PRO N   CA   sing N N 237 
PRO N   CD   sing N N 238 
PRO N   H    sing N N 239 
PRO CA  C    sing N N 240 
PRO CA  CB   sing N N 241 
PRO CA  HA   sing N N 242 
PRO C   O    doub N N 243 
PRO C   OXT  sing N N 244 
PRO CB  CG   sing N N 245 
PRO CB  HB2  sing N N 246 
PRO CB  HB3  sing N N 247 
PRO CG  CD   sing N N 248 
PRO CG  HG2  sing N N 249 
PRO CG  HG3  sing N N 250 
PRO CD  HD2  sing N N 251 
PRO CD  HD3  sing N N 252 
PRO OXT HXT  sing N N 253 
SER N   CA   sing N N 254 
SER N   H    sing N N 255 
SER N   H2   sing N N 256 
SER CA  C    sing N N 257 
SER CA  CB   sing N N 258 
SER CA  HA   sing N N 259 
SER C   O    doub N N 260 
SER C   OXT  sing N N 261 
SER CB  OG   sing N N 262 
SER CB  HB2  sing N N 263 
SER CB  HB3  sing N N 264 
SER OG  HG   sing N N 265 
SER OXT HXT  sing N N 266 
THR N   CA   sing N N 267 
THR N   H    sing N N 268 
THR N   H2   sing N N 269 
THR CA  C    sing N N 270 
THR CA  CB   sing N N 271 
THR CA  HA   sing N N 272 
THR C   O    doub N N 273 
THR C   OXT  sing N N 274 
THR CB  OG1  sing N N 275 
THR CB  CG2  sing N N 276 
THR CB  HB   sing N N 277 
THR OG1 HG1  sing N N 278 
THR CG2 HG21 sing N N 279 
THR CG2 HG22 sing N N 280 
THR CG2 HG23 sing N N 281 
THR OXT HXT  sing N N 282 
TYR N   CA   sing N N 283 
TYR N   H    sing N N 284 
TYR N   H2   sing N N 285 
TYR CA  C    sing N N 286 
TYR CA  CB   sing N N 287 
TYR CA  HA   sing N N 288 
TYR C   O    doub N N 289 
TYR C   OXT  sing N N 290 
TYR CB  CG   sing N N 291 
TYR CB  HB2  sing N N 292 
TYR CB  HB3  sing N N 293 
TYR CG  CD1  doub Y N 294 
TYR CG  CD2  sing Y N 295 
TYR CD1 CE1  sing Y N 296 
TYR CD1 HD1  sing N N 297 
TYR CD2 CE2  doub Y N 298 
TYR CD2 HD2  sing N N 299 
TYR CE1 CZ   doub Y N 300 
TYR CE1 HE1  sing N N 301 
TYR CE2 CZ   sing Y N 302 
TYR CE2 HE2  sing N N 303 
TYR CZ  OH   sing N N 304 
TYR OH  HH   sing N N 305 
TYR OXT HXT  sing N N 306 
VAL N   CA   sing N N 307 
VAL N   H    sing N N 308 
VAL N   H2   sing N N 309 
VAL CA  C    sing N N 310 
VAL CA  CB   sing N N 311 
VAL CA  HA   sing N N 312 
VAL C   O    doub N N 313 
VAL C   OXT  sing N N 314 
VAL CB  CG1  sing N N 315 
VAL CB  CG2  sing N N 316 
VAL CB  HB   sing N N 317 
VAL CG1 HG11 sing N N 318 
VAL CG1 HG12 sing N N 319 
VAL CG1 HG13 sing N N 320 
VAL CG2 HG21 sing N N 321 
VAL CG2 HG22 sing N N 322 
VAL CG2 HG23 sing N N 323 
VAL OXT HXT  sing N N 324 
# 
_atom_sites.entry_id                    4CVO 
_atom_sites.fract_transf_matrix[1][1]   0.01775683 
_atom_sites.fract_transf_matrix[1][2]   -0.01121532 
_atom_sites.fract_transf_matrix[1][3]   -0.02258143 
_atom_sites.fract_transf_matrix[2][1]   0.01163968 
_atom_sites.fract_transf_matrix[2][2]   -0.02846931 
_atom_sites.fract_transf_matrix[2][3]   0.00223570 
_atom_sites.fract_transf_matrix[3][1]   -0.00252472 
_atom_sites.fract_transf_matrix[3][2]   -0.00114354 
_atom_sites.fract_transf_matrix[3][3]   -0.00141735 
_atom_sites.fract_transf_vector[1]      1.513706 
_atom_sites.fract_transf_vector[2]      0.865599 
_atom_sites.fract_transf_vector[3]      0.112991 
# 
loop_
_atom_type.symbol 
C  
MG 
N  
O  
S  
# 
loop_
_atom_site.group_PDB 
_atom_site.id 
_atom_site.type_symbol 
_atom_site.label_atom_id 
_atom_site.label_alt_id 
_atom_site.label_comp_id 
_atom_site.label_asym_id 
_atom_site.label_entity_id 
_atom_site.label_seq_id 
_atom_site.pdbx_PDB_ins_code 
_atom_site.Cartn_x 
_atom_site.Cartn_y 
_atom_site.Cartn_z 
_atom_site.occupancy 
_atom_site.B_iso_or_equiv 
_atom_site.pdbx_formal_charge 
_atom_site.auth_seq_id 
_atom_site.auth_comp_id 
_atom_site.auth_asym_id 
_atom_site.auth_atom_id 
_atom_site.pdbx_PDB_model_num 
ATOM   1   N  N   . LEU A 1 9  ? -39.325 -13.596 -10.396 1.00 121.34 ? 90   LEU A N   1 
ATOM   2   C  CA  . LEU A 1 9  ? -39.057 -12.169 -10.539 1.00 119.00 ? 90   LEU A CA  1 
ATOM   3   C  C   . LEU A 1 9  ? -37.838 -11.748 -9.724  1.00 118.70 ? 90   LEU A C   1 
ATOM   4   O  O   . LEU A 1 9  ? -37.846 -11.830 -8.495  1.00 119.76 ? 90   LEU A O   1 
ATOM   5   C  CB  . LEU A 1 9  ? -40.279 -11.351 -10.117 1.00 119.42 ? 90   LEU A CB  1 
ATOM   6   N  N   . GLU A 1 10 ? -36.796 -11.301 -10.417 1.00 118.01 ? 91   GLU A N   1 
ATOM   7   C  CA  . GLU A 1 10 ? -35.575 -10.826 -9.771  1.00 117.14 ? 91   GLU A CA  1 
ATOM   8   C  C   . GLU A 1 10 ? -35.854 -9.629  -8.876  1.00 112.76 ? 91   GLU A C   1 
ATOM   9   O  O   . GLU A 1 10 ? -35.971 -8.502  -9.359  1.00 114.13 ? 91   GLU A O   1 
ATOM   10  C  CB  . GLU A 1 10 ? -34.525 -10.439 -10.814 1.00 119.46 ? 91   GLU A CB  1 
ATOM   11  C  CG  . GLU A 1 10 ? -34.197 -11.518 -11.824 1.00 124.75 ? 91   GLU A CG  1 
ATOM   12  C  CD  . GLU A 1 10 ? -33.526 -10.953 -13.058 1.00 125.83 ? 91   GLU A CD  1 
ATOM   13  O  OE1 . GLU A 1 10 ? -33.805 -9.784  -13.400 1.00 125.53 ? 91   GLU A OE1 1 
ATOM   14  O  OE2 . GLU A 1 10 ? -32.717 -11.671 -13.683 1.00 126.87 ? 91   GLU A OE2 1 
ATOM   15  N  N   . LEU A 1 11 ? -35.949 -9.864  -7.573  1.00 108.47 ? 92   LEU A N   1 
ATOM   16  C  CA  . LEU A 1 11 ? -36.268 -8.786  -6.650  1.00 101.44 ? 92   LEU A CA  1 
ATOM   17  C  C   . LEU A 1 11 ? -35.299 -8.745  -5.477  1.00 97.98  ? 92   LEU A C   1 
ATOM   18  O  O   . LEU A 1 11 ? -35.063 -7.686  -4.898  1.00 97.27  ? 92   LEU A O   1 
ATOM   19  C  CB  . LEU A 1 11 ? -37.703 -8.932  -6.148  1.00 101.87 ? 92   LEU A CB  1 
ATOM   20  C  CG  . LEU A 1 11 ? -38.432 -7.626  -5.831  1.00 98.45  ? 92   LEU A CG  1 
ATOM   21  C  CD1 . LEU A 1 11 ? -39.900 -7.741  -6.204  1.00 99.49  ? 92   LEU A CD1 1 
ATOM   22  C  CD2 . LEU A 1 11 ? -38.283 -7.280  -4.364  1.00 97.54  ? 92   LEU A CD2 1 
ATOM   23  N  N   . GLN A 1 12 ? -34.724 -9.895  -5.139  1.00 96.35  ? 93   GLN A N   1 
ATOM   24  C  CA  . GLN A 1 12 ? -33.776 -9.975  -4.030  1.00 93.37  ? 93   GLN A CA  1 
ATOM   25  C  C   . GLN A 1 12 ? -32.483 -9.234  -4.367  1.00 87.93  ? 93   GLN A C   1 
ATOM   26  O  O   . GLN A 1 12 ? -31.621 -9.047  -3.506  1.00 90.25  ? 93   GLN A O   1 
ATOM   27  C  CB  . GLN A 1 12 ? -33.478 -11.435 -3.676  1.00 94.09  ? 93   GLN A CB  1 
ATOM   28  N  N   . GLY A 1 13 ? -32.355 -8.817  -5.623  1.00 83.90  ? 94   GLY A N   1 
ATOM   29  C  CA  . GLY A 1 13 ? -31.232 -7.999  -6.049  1.00 80.15  ? 94   GLY A CA  1 
ATOM   30  C  C   . GLY A 1 13 ? -31.378 -6.572  -5.557  1.00 74.55  ? 94   GLY A C   1 
ATOM   31  O  O   . GLY A 1 13 ? -30.395 -5.855  -5.385  1.00 70.27  ? 94   GLY A O   1 
ATOM   32  N  N   . LEU A 1 14 ? -32.620 -6.157  -5.333  1.00 72.08  ? 95   LEU A N   1 
ATOM   33  C  CA  . LEU A 1 14 ? -32.901 -4.833  -4.792  1.00 69.68  ? 95   LEU A CA  1 
ATOM   34  C  C   . LEU A 1 14 ? -32.522 -4.720  -3.318  1.00 67.50  ? 95   LEU A C   1 
ATOM   35  O  O   . LEU A 1 14 ? -32.468 -3.623  -2.769  1.00 65.00  ? 95   LEU A O   1 
ATOM   36  C  CB  . LEU A 1 14 ? -34.381 -4.489  -4.966  1.00 67.75  ? 95   LEU A CB  1 
ATOM   37  C  CG  . LEU A 1 14 ? -34.894 -4.392  -6.403  1.00 68.27  ? 95   LEU A CG  1 
ATOM   38  C  CD1 . LEU A 1 14 ? -36.397 -4.165  -6.434  1.00 68.71  ? 95   LEU A CD1 1 
ATOM   39  C  CD2 . LEU A 1 14 ? -34.173 -3.278  -7.128  1.00 66.95  ? 95   LEU A CD2 1 
ATOM   40  N  N   . GLY A 1 15 ? -32.274 -5.860  -2.680  1.00 67.46  ? 96   GLY A N   1 
ATOM   41  C  CA  . GLY A 1 15 ? -31.993 -5.892  -1.257  1.00 63.86  ? 96   GLY A CA  1 
ATOM   42  C  C   . GLY A 1 15 ? -30.539 -5.653  -0.918  1.00 70.26  ? 96   GLY A C   1 
ATOM   43  O  O   . GLY A 1 15 ? -30.194 -5.330  0.216   1.00 71.77  ? 96   GLY A O   1 
ATOM   44  N  N   . VAL A 1 16 ? -29.678 -5.812  -1.913  1.00 69.44  ? 97   VAL A N   1 
ATOM   45  C  CA  . VAL A 1 16 ? -28.252 -5.602  -1.717  1.00 69.25  ? 97   VAL A CA  1 
ATOM   46  C  C   . VAL A 1 16 ? -27.944 -4.117  -1.487  1.00 63.78  ? 97   VAL A C   1 
ATOM   47  O  O   . VAL A 1 16 ? -28.616 -3.241  -2.033  1.00 64.51  ? 97   VAL A O   1 
ATOM   48  C  CB  . VAL A 1 16 ? -27.454 -6.123  -2.933  1.00 70.57  ? 97   VAL A CB  1 
ATOM   49  C  CG1 . VAL A 1 16 ? -25.973 -6.204  -2.612  1.00 68.97  ? 97   VAL A CG1 1 
ATOM   50  C  CG2 . VAL A 1 16 ? -27.991 -7.492  -3.365  1.00 72.47  ? 97   VAL A CG2 1 
ATOM   51  N  N   . ASP A 1 17 ? -26.946 -3.834  -0.662  1.00 56.58  ? 98   ASP A N   1 
ATOM   52  C  CA  . ASP A 1 17 ? -26.497 -2.460  -0.487  1.00 62.64  ? 98   ASP A CA  1 
ATOM   53  C  C   . ASP A 1 17 ? -26.086 -1.895  -1.846  1.00 52.82  ? 98   ASP A C   1 
ATOM   54  O  O   . ASP A 1 17 ? -25.470 -2.597  -2.638  1.00 52.55  ? 98   ASP A O   1 
ATOM   55  C  CB  . ASP A 1 17 ? -25.331 -2.383  0.493   1.00 63.93  ? 98   ASP A CB  1 
ATOM   56  C  CG  . ASP A 1 17 ? -24.747 -0.986  0.593   1.00 67.04  ? 98   ASP A CG  1 
ATOM   57  O  OD1 . ASP A 1 17 ? -25.429 -0.094  1.139   1.00 69.74  ? 98   ASP A OD1 1 
ATOM   58  O  OD2 . ASP A 1 17 ? -23.604 -0.777  0.133   1.00 66.09  ? 98   ASP A OD2 1 
ATOM   59  N  N   . VAL A 1 18 ? -26.441 -0.641  -2.101  1.00 51.64  ? 99   VAL A N   1 
ATOM   60  C  CA  . VAL A 1 18 ? -26.185 -0.011  -3.400  1.00 50.00  ? 99   VAL A CA  1 
ATOM   61  C  C   . VAL A 1 18 ? -24.716 -0.092  -3.808  1.00 48.74  ? 99   VAL A C   1 
ATOM   62  O  O   . VAL A 1 18 ? -24.396 -0.347  -4.971  1.00 48.12  ? 99   VAL A O   1 
ATOM   63  C  CB  . VAL A 1 18 ? -26.629 1.466   -3.405  1.00 49.01  ? 99   VAL A CB  1 
ATOM   64  C  CG1 . VAL A 1 18 ? -26.408 2.078   -4.793  1.00 54.06  ? 99   VAL A CG1 1 
ATOM   65  C  CG2 . VAL A 1 18 ? -28.099 1.582   -3.040  1.00 54.54  ? 99   VAL A CG2 1 
ATOM   66  N  N   . TYR A 1 19 ? -23.815 0.095   -2.838  1.00 48.55  ? 100  TYR A N   1 
ATOM   67  C  CA  . TYR A 1 19 ? -22.403 0.269   -3.152  1.00 47.59  ? 100  TYR A CA  1 
ATOM   68  C  C   . TYR A 1 19 ? -21.636 -1.046  -3.090  1.00 49.95  ? 100  TYR A C   1 
ATOM   69  O  O   . TYR A 1 19 ? -20.395 -1.072  -3.115  1.00 47.63  ? 100  TYR A O   1 
ATOM   70  C  CB  . TYR A 1 19 ? -21.806 1.329   -2.211  1.00 46.66  ? 100  TYR A CB  1 
ATOM   71  C  CG  . TYR A 1 19 ? -22.582 2.610   -2.375  1.00 45.92  ? 100  TYR A CG  1 
ATOM   72  C  CD1 . TYR A 1 19 ? -22.411 3.394   -3.514  1.00 44.59  ? 100  TYR A CD1 1 
ATOM   73  C  CD2 . TYR A 1 19 ? -23.551 2.991   -1.452  1.00 47.49  ? 100  TYR A CD2 1 
ATOM   74  C  CE1 . TYR A 1 19 ? -23.140 4.540   -3.707  1.00 44.90  ? 100  TYR A CE1 1 
ATOM   75  C  CE2 . TYR A 1 19 ? -24.301 4.144   -1.642  1.00 50.65  ? 100  TYR A CE2 1 
ATOM   76  C  CZ  . TYR A 1 19 ? -24.084 4.915   -2.775  1.00 47.96  ? 100  TYR A CZ  1 
ATOM   77  O  OH  . TYR A 1 19 ? -24.813 6.066   -2.998  1.00 49.23  ? 100  TYR A OH  1 
ATOM   78  N  N   . ASP A 1 20 ? -22.404 -2.128  -3.042  1.00 49.75  ? 101  ASP A N   1 
ATOM   79  C  CA  . ASP A 1 20 ? -21.881 -3.479  -3.130  1.00 50.86  ? 101  ASP A CA  1 
ATOM   80  C  C   . ASP A 1 20 ? -21.672 -3.840  -4.598  1.00 54.29  ? 101  ASP A C   1 
ATOM   81  O  O   . ASP A 1 20 ? -22.489 -3.501  -5.463  1.00 49.86  ? 101  ASP A O   1 
ATOM   82  C  CB  . ASP A 1 20 ? -22.851 -4.469  -2.451  1.00 52.99  ? 101  ASP A CB  1 
ATOM   83  C  CG  . ASP A 1 20 ? -22.261 -5.865  -2.281  1.00 62.97  ? 101  ASP A CG  1 
ATOM   84  O  OD1 . ASP A 1 20 ? -21.906 -6.518  -3.283  1.00 58.72  ? 101  ASP A OD1 1 
ATOM   85  O  OD2 . ASP A 1 20 ? -22.177 -6.328  -1.130  1.00 71.47  ? 101  ASP A OD2 1 
ATOM   86  N  N   . GLN A 1 21 ? -20.572 -4.537  -4.854  1.00 50.36  ? 102  GLN A N   1 
ATOM   87  C  CA  . GLN A 1 21 ? -20.170 -4.995  -6.177  1.00 50.00  ? 102  GLN A CA  1 
ATOM   88  C  C   . GLN A 1 21 ? -21.279 -5.759  -6.897  1.00 52.38  ? 102  GLN A C   1 
ATOM   89  O  O   . GLN A 1 21 ? -21.448 -5.666  -8.112  1.00 50.45  ? 102  GLN A O   1 
ATOM   90  C  CB  . GLN A 1 21 ? -18.959 -5.903  -6.031  1.00 59.99  ? 102  GLN A CB  1 
ATOM   91  C  CG  . GLN A 1 21 ? -18.248 -6.264  -7.302  1.00 60.67  ? 102  GLN A CG  1 
ATOM   92  C  CD  . GLN A 1 21 ? -17.258 -7.379  -7.059  1.00 59.32  ? 102  GLN A CD  1 
ATOM   93  O  OE1 . GLN A 1 21 ? -17.453 -8.200  -6.167  1.00 56.72  ? 102  GLN A OE1 1 
ATOM   94  N  NE2 . GLN A 1 21 ? -16.182 -7.404  -7.836  1.00 60.04  ? 102  GLN A NE2 1 
ATOM   95  N  N   . ASP A 1 22 ? -22.015 -6.536  -6.120  1.00 56.47  ? 103  ASP A N   1 
ATOM   96  C  CA  . ASP A 1 22 ? -23.028 -7.421  -6.685  1.00 59.09  ? 103  ASP A CA  1 
ATOM   97  C  C   . ASP A 1 22 ? -24.157 -6.673  -7.376  1.00 59.98  ? 103  ASP A C   1 
ATOM   98  O  O   . ASP A 1 22 ? -24.893 -7.256  -8.163  1.00 60.14  ? 103  ASP A O   1 
ATOM   99  C  CB  . ASP A 1 22 ? -23.590 -8.320  -5.590  1.00 63.87  ? 103  ASP A CB  1 
ATOM   100 C  CG  . ASP A 1 22 ? -22.611 -9.391  -5.167  1.00 68.04  ? 103  ASP A CG  1 
ATOM   101 O  OD1 . ASP A 1 22 ? -21.677 -9.680  -5.944  1.00 71.29  ? 103  ASP A OD1 1 
ATOM   102 O  OD2 . ASP A 1 22 ? -22.783 -9.951  -4.066  1.00 72.69  ? 103  ASP A OD2 1 
ATOM   103 N  N   . VAL A 1 23 ? -24.302 -5.390  -7.081  1.00 52.29  ? 104  VAL A N   1 
ATOM   104 C  CA  . VAL A 1 23 ? -25.332 -4.581  -7.724  1.00 57.35  ? 104  VAL A CA  1 
ATOM   105 C  C   . VAL A 1 23 ? -25.002 -4.290  -9.190  1.00 55.50  ? 104  VAL A C   1 
ATOM   106 O  O   . VAL A 1 23 ? -25.896 -4.063  -10.012 1.00 50.63  ? 104  VAL A O   1 
ATOM   107 C  CB  . VAL A 1 23 ? -25.533 -3.257  -6.966  1.00 61.42  ? 104  VAL A CB  1 
ATOM   108 C  CG1 . VAL A 1 23 ? -26.716 -2.484  -7.533  1.00 63.38  ? 104  VAL A CG1 1 
ATOM   109 C  CG2 . VAL A 1 23 ? -25.768 -3.552  -5.511  1.00 60.95  ? 104  VAL A CG2 1 
ATOM   110 N  N   . LEU A 1 24 ? -23.717 -4.305  -9.525  1.00 50.30  ? 105  LEU A N   1 
ATOM   111 C  CA  . LEU A 1 24 ? -23.309 -4.013  -10.887 1.00 48.56  ? 105  LEU A CA  1 
ATOM   112 C  C   . LEU A 1 24 ? -23.650 -5.176  -11.790 1.00 62.37  ? 105  LEU A C   1 
ATOM   113 O  O   . LEU A 1 24 ? -23.269 -6.316  -11.535 1.00 66.81  ? 105  LEU A O   1 
ATOM   114 C  CB  . LEU A 1 24 ? -21.823 -3.729  -10.970 1.00 47.44  ? 105  LEU A CB  1 
ATOM   115 C  CG  . LEU A 1 24 ? -21.402 -2.722  -9.910  1.00 50.57  ? 105  LEU A CG  1 
ATOM   116 C  CD1 . LEU A 1 24 ? -19.918 -2.658  -9.901  1.00 49.88  ? 105  LEU A CD1 1 
ATOM   117 C  CD2 . LEU A 1 24 ? -21.998 -1.360  -10.228 1.00 47.04  ? 105  LEU A CD2 1 
ATOM   118 N  N   . GLU A 1 25 ? -24.371 -4.886  -12.847 1.00 60.91  ? 106  GLU A N   1 
ATOM   119 C  CA  . GLU A 1 25 ? -24.769 -5.963  -13.728 1.00 68.26  ? 106  GLU A CA  1 
ATOM   120 C  C   . GLU A 1 25 ? -24.158 -5.740  -15.096 1.00 68.49  ? 106  GLU A C   1 
ATOM   121 O  O   . GLU A 1 25 ? -24.021 -4.612  -15.558 1.00 72.78  ? 106  GLU A O   1 
ATOM   122 C  CB  . GLU A 1 25 ? -26.286 -6.097  -13.753 1.00 71.07  ? 106  GLU A CB  1 
ATOM   123 C  CG  . GLU A 1 25 ? -26.805 -6.612  -12.409 1.00 72.13  ? 106  GLU A CG  1 
ATOM   124 C  CD  . GLU A 1 25 ? -28.266 -6.977  -12.452 1.00 77.79  ? 106  GLU A CD  1 
ATOM   125 O  OE1 . GLU A 1 25 ? -28.968 -6.458  -13.345 1.00 77.63  ? 106  GLU A OE1 1 
ATOM   126 O  OE2 . GLU A 1 25 ? -28.708 -7.779  -11.599 1.00 80.82  ? 106  GLU A OE2 1 
ATOM   127 N  N   . GLN A 1 26 ? -23.846 -6.866  -15.725 1.00 71.30  ? 107  GLN A N   1 
ATOM   128 C  CA  . GLN A 1 26 ? -22.642 -7.089  -16.520 1.00 74.69  ? 107  GLN A CA  1 
ATOM   129 C  C   . GLN A 1 26 ? -22.170 -5.999  -17.469 1.00 71.15  ? 107  GLN A C   1 
ATOM   130 O  O   . GLN A 1 26 ? -22.929 -5.140  -17.920 1.00 72.13  ? 107  GLN A O   1 
ATOM   131 C  CB  . GLN A 1 26 ? -22.811 -8.385  -17.321 1.00 82.56  ? 107  GLN A CB  1 
ATOM   132 C  CG  . GLN A 1 26 ? -22.903 -9.641  -16.458 1.00 90.66  ? 107  GLN A CG  1 
ATOM   133 C  CD  . GLN A 1 26 ? -24.225 -9.752  -15.721 1.00 96.34  ? 107  GLN A CD  1 
ATOM   134 O  OE1 . GLN A 1 26 ? -25.160 -8.993  -15.983 1.00 97.04  ? 107  GLN A OE1 1 
ATOM   135 N  NE2 . GLN A 1 26 ? -24.306 -10.692 -14.785 1.00 99.68  ? 107  GLN A NE2 1 
ATOM   136 N  N   . GLY A 1 27 ? -20.869 -6.038  -17.725 1.00 64.77  ? 108  GLY A N   1 
ATOM   137 C  CA  . GLY A 1 27 ? -20.273 -5.263  -18.779 1.00 56.33  ? 108  GLY A CA  1 
ATOM   138 C  C   . GLY A 1 27 ? -19.471 -4.079  -18.303 1.00 49.35  ? 108  GLY A C   1 
ATOM   139 O  O   . GLY A 1 27 ? -18.645 -4.177  -17.385 1.00 46.73  ? 108  GLY A O   1 
ATOM   140 N  N   . VAL A 1 28 ? -19.726 -2.946  -18.938 1.00 46.16  ? 109  VAL A N   1 
ATOM   141 C  CA  . VAL A 1 28 ? -18.843 -1.794  -18.772 1.00 43.93  ? 109  VAL A CA  1 
ATOM   142 C  C   . VAL A 1 28 ? -18.800 -1.247  -17.341 1.00 43.94  ? 109  VAL A C   1 
ATOM   143 O  O   . VAL A 1 28 ? -17.732 -0.788  -16.877 1.00 42.49  ? 109  VAL A O   1 
ATOM   144 C  CB  . VAL A 1 28 ? -19.248 -0.672  -19.770 1.00 43.63  ? 109  VAL A CB  1 
ATOM   145 C  CG1 . VAL A 1 28 ? -20.665 -0.178  -19.486 1.00 42.94  ? 109  VAL A CG1 1 
ATOM   146 C  CG2 . VAL A 1 28 ? -18.240 0.479   -19.714 1.00 44.02  ? 109  VAL A CG2 1 
ATOM   147 N  N   . LEU A 1 29 ? -19.912 -1.302  -16.607 1.00 43.47  ? 110  LEU A N   1 
ATOM   148 C  CA  . LEU A 1 29 ? -19.857 -0.789  -15.232 1.00 45.48  ? 110  LEU A CA  1 
ATOM   149 C  C   . LEU A 1 29 ? -19.017 -1.683  -14.319 1.00 45.86  ? 110  LEU A C   1 
ATOM   150 O  O   . LEU A 1 29 ? -18.318 -1.183  -13.413 1.00 43.19  ? 110  LEU A O   1 
ATOM   151 C  CB  . LEU A 1 29 ? -21.268 -0.609  -14.662 1.00 43.53  ? 110  LEU A CB  1 
ATOM   152 C  CG  . LEU A 1 29 ? -22.148 0.340   -15.499 1.00 43.09  ? 110  LEU A CG  1 
ATOM   153 C  CD1 . LEU A 1 29 ? -23.461 0.641   -14.766 1.00 49.99  ? 110  LEU A CD1 1 
ATOM   154 C  CD2 . LEU A 1 29 ? -21.441 1.639   -15.876 1.00 41.83  ? 110  LEU A CD2 1 
ATOM   155 N  N   . GLN A 1 30 ? -19.070 -2.993  -14.549 1.00 44.85  ? 111  GLN A N   1 
ATOM   156 C  CA  . GLN A 1 30 ? -18.198 -3.916  -13.822 1.00 47.25  ? 111  GLN A CA  1 
ATOM   157 C  C   . GLN A 1 30 ? -16.742 -3.638  -14.167 1.00 49.62  ? 111  GLN A C   1 
ATOM   158 O  O   . GLN A 1 30 ? -15.869 -3.648  -13.297 1.00 49.09  ? 111  GLN A O   1 
ATOM   159 C  CB  . GLN A 1 30 ? -18.541 -5.370  -14.144 1.00 47.14  ? 111  GLN A CB  1 
ATOM   160 C  CG  . GLN A 1 30 ? -19.853 -5.839  -13.561 1.00 55.89  ? 111  GLN A CG  1 
ATOM   161 C  CD  . GLN A 1 30 ? -20.191 -7.233  -14.028 1.00 60.12  ? 111  GLN A CD  1 
ATOM   162 O  OE1 . GLN A 1 30 ? -19.728 -7.658  -15.087 1.00 58.74  ? 111  GLN A OE1 1 
ATOM   163 N  NE2 . GLN A 1 30 ? -20.995 -7.954  -13.247 1.00 57.47  ? 111  GLN A NE2 1 
ATOM   164 N  N   . GLN A 1 31 ? -16.492 -3.377  -15.446 1.00 44.56  ? 112  GLN A N   1 
ATOM   165 C  CA  . GLN A 1 31 ? -15.157 -3.023  -15.932 1.00 46.57  ? 112  GLN A CA  1 
ATOM   166 C  C   . GLN A 1 31 ? -14.580 -1.761  -15.260 1.00 47.52  ? 112  GLN A C   1 
ATOM   167 O  O   . GLN A 1 31 ? -13.413 -1.728  -14.830 1.00 46.74  ? 112  GLN A O   1 
ATOM   168 C  CB  . GLN A 1 31 ? -15.227 -2.837  -17.452 1.00 48.41  ? 112  GLN A CB  1 
ATOM   169 C  CG  . GLN A 1 31 ? -13.900 -2.506  -18.122 1.00 52.07  ? 112  GLN A CG  1 
ATOM   170 C  CD  . GLN A 1 31 ? -13.979 -2.650  -19.636 1.00 58.78  ? 112  GLN A CD  1 
ATOM   171 O  OE1 . GLN A 1 31 ? -15.065 -2.873  -20.206 1.00 56.89  ? 112  GLN A OE1 1 
ATOM   172 N  NE2 . GLN A 1 31 ? -12.832 -2.544  -20.294 1.00 59.62  ? 112  GLN A NE2 1 
ATOM   173 N  N   . VAL A 1 32 ? -15.406 -0.725  -15.155 1.00 42.20  ? 113  VAL A N   1 
ATOM   174 C  CA  . VAL A 1 32 ? -15.015 0.515   -14.483 1.00 41.28  ? 113  VAL A CA  1 
ATOM   175 C  C   . VAL A 1 32 ? -14.789 0.288   -12.979 1.00 41.58  ? 113  VAL A C   1 
ATOM   176 O  O   . VAL A 1 32 ? -13.830 0.819   -12.381 1.00 41.27  ? 113  VAL A O   1 
ATOM   177 C  CB  . VAL A 1 32 ? -16.090 1.592   -14.691 1.00 44.08  ? 113  VAL A CB  1 
ATOM   178 C  CG1 . VAL A 1 32 ? -15.874 2.781   -13.780 1.00 39.87  ? 113  VAL A CG1 1 
ATOM   179 C  CG2 . VAL A 1 32 ? -16.145 2.031   -16.193 1.00 40.29  ? 113  VAL A CG2 1 
ATOM   180 N  N   . ASP A 1 33 ? -15.675 -0.492  -12.370 1.00 42.33  ? 114  ASP A N   1 
ATOM   181 C  CA  . ASP A 1 33 ? -15.568 -0.797  -10.939 1.00 42.86  ? 114  ASP A CA  1 
ATOM   182 C  C   . ASP A 1 33 ? -14.264 -1.522  -10.632 1.00 43.47  ? 114  ASP A C   1 
ATOM   183 O  O   . ASP A 1 33 ? -13.525 -1.151  -9.703  1.00 43.38  ? 114  ASP A O   1 
ATOM   184 C  CB  . ASP A 1 33 ? -16.769 -1.642  -10.473 1.00 43.87  ? 114  ASP A CB  1 
ATOM   185 C  CG  . ASP A 1 33 ? -16.873 -1.714  -8.948  1.00 44.43  ? 114  ASP A CG  1 
ATOM   186 O  OD1 . ASP A 1 33 ? -17.089 -0.656  -8.315  1.00 43.73  ? 114  ASP A OD1 1 
ATOM   187 O  OD2 . ASP A 1 33 ? -16.740 -2.823  -8.385  1.00 45.96  ? 114  ASP A OD2 1 
ATOM   188 N  N   . ASN A 1 34 ? -13.965 -2.545  -11.425 1.00 44.19  ? 115  ASN A N   1 
ATOM   189 C  CA  . ASN A 1 34 ? -12.710 -3.270  -11.266 1.00 46.25  ? 115  ASN A CA  1 
ATOM   190 C  C   . ASN A 1 34 ? -11.518 -2.327  -11.350 1.00 49.49  ? 115  ASN A C   1 
ATOM   191 O  O   . ASN A 1 34 ? -10.612 -2.383  -10.508 1.00 45.79  ? 115  ASN A O   1 
ATOM   192 C  CB  . ASN A 1 34 ? -12.589 -4.370  -12.322 1.00 47.79  ? 115  ASN A CB  1 
ATOM   193 C  CG  . ASN A 1 34 ? -13.569 -5.504  -12.093 1.00 50.76  ? 115  ASN A CG  1 
ATOM   194 O  OD1 . ASN A 1 34 ? -14.107 -5.665  -10.994 1.00 48.47  ? 115  ASN A OD1 1 
ATOM   195 N  ND2 . ASN A 1 34 ? -13.792 -6.310  -13.125 1.00 54.12  ? 115  ASN A ND2 1 
ATOM   196 N  N   . ALA A 1 35 ? -11.533 -1.438  -12.341 1.00 43.23  ? 116  ALA A N   1 
ATOM   197 C  CA  . ALA A 1 35 ? -10.425 -0.503  -12.545 1.00 45.00  ? 116  ALA A CA  1 
ATOM   198 C  C   . ALA A 1 35 ? -10.227 0.428   -11.363 1.00 45.46  ? 116  ALA A C   1 
ATOM   199 O  O   . ALA A 1 35 ? -9.083  0.629   -10.932 1.00 43.42  ? 116  ALA A O   1 
ATOM   200 C  CB  . ALA A 1 35 ? -10.632 0.327   -13.831 1.00 41.87  ? 116  ALA A CB  1 
ATOM   201 N  N   . ILE A 1 36 ? -11.303 1.002   -10.823 1.00 41.63  ? 117  ILE A N   1 
ATOM   202 C  CA  . ILE A 1 36 ? -11.120 2.029   -9.786  1.00 41.15  ? 117  ILE A CA  1 
ATOM   203 C  C   . ILE A 1 36 ? -10.787 1.399   -8.423  1.00 45.90  ? 117  ILE A C   1 
ATOM   204 O  O   . ILE A 1 36 ? -10.000 1.969   -7.633  1.00 42.54  ? 117  ILE A O   1 
ATOM   205 C  CB  . ILE A 1 36 ? -12.352 2.966   -9.656  1.00 40.40  ? 117  ILE A CB  1 
ATOM   206 C  CG1 . ILE A 1 36 ? -13.635 2.195   -9.316  1.00 40.90  ? 117  ILE A CG1 1 
ATOM   207 C  CG2 . ILE A 1 36 ? -12.570 3.743   -10.979 1.00 39.66  ? 117  ILE A CG2 1 
ATOM   208 C  CD1 . ILE A 1 36 ? -14.858 3.134   -9.132  1.00 40.34  ? 117  ILE A CD1 1 
ATOM   209 N  N   . HIS A 1 37 ? -11.340 0.220   -8.150  1.00 42.86  ? 118  HIS A N   1 
ATOM   210 C  CA  . HIS A 1 37 ? -11.001 -0.471  -6.896  1.00 43.89  ? 118  HIS A CA  1 
ATOM   211 C  C   . HIS A 1 37 ? -9.590  -1.056  -6.932  1.00 45.75  ? 118  HIS A C   1 
ATOM   212 O  O   . HIS A 1 37 ? -8.822  -0.920  -5.969  1.00 45.88  ? 118  HIS A O   1 
ATOM   213 C  CB  . HIS A 1 37 ? -12.018 -1.576  -6.593  1.00 44.86  ? 118  HIS A CB  1 
ATOM   214 C  CG  . HIS A 1 37 ? -13.339 -1.062  -6.122  1.00 44.53  ? 118  HIS A CG  1 
ATOM   215 N  ND1 . HIS A 1 37 ? -13.663 -0.959  -4.786  1.00 45.04  ? 118  HIS A ND1 1 
ATOM   216 C  CD2 . HIS A 1 37 ? -14.432 -0.640  -6.809  1.00 43.92  ? 118  HIS A CD2 1 
ATOM   217 C  CE1 . HIS A 1 37 ? -14.900 -0.508  -4.667  1.00 44.77  ? 118  HIS A CE1 1 
ATOM   218 N  NE2 . HIS A 1 37 ? -15.384 -0.294  -5.882  1.00 44.08  ? 118  HIS A NE2 1 
ATOM   219 N  N   . GLU A 1 38 ? -9.232  -1.698  -8.035  1.00 44.92  ? 119  GLU A N   1 
ATOM   220 C  CA  . GLU A 1 38 ? -7.887  -2.244  -8.170  1.00 53.48  ? 119  GLU A CA  1 
ATOM   221 C  C   . GLU A 1 38 ? -6.809  -1.147  -8.126  1.00 50.08  ? 119  GLU A C   1 
ATOM   222 O  O   . GLU A 1 38 ? -5.764  -1.320  -7.486  1.00 51.27  ? 119  GLU A O   1 
ATOM   223 C  CB  . GLU A 1 38 ? -7.801  -3.081  -9.453  1.00 50.58  ? 119  GLU A CB  1 
ATOM   224 C  CG  . GLU A 1 38 ? -8.445  -4.462  -9.280  1.00 51.02  ? 119  GLU A CG  1 
ATOM   225 C  CD  . GLU A 1 38 ? -8.942  -5.085  -10.578 1.00 55.00  ? 119  GLU A CD  1 
ATOM   226 O  OE1 . GLU A 1 38 ? -8.381  -4.791  -11.654 1.00 55.49  ? 119  GLU A OE1 1 
ATOM   227 O  OE2 . GLU A 1 38 ? -9.904  -5.882  -10.512 1.00 56.73  ? 119  GLU A OE2 1 
ATOM   228 N  N   . ALA A 1 39 ? -7.065  -0.010  -8.771  1.00 44.70  ? 120  ALA A N   1 
ATOM   229 C  CA  . ALA A 1 39 ? -6.142  1.126   -8.708  1.00 44.66  ? 120  ALA A CA  1 
ATOM   230 C  C   . ALA A 1 39 ? -6.009  1.679   -7.296  1.00 45.34  ? 120  ALA A C   1 
ATOM   231 O  O   . ALA A 1 39 ? -4.937  2.165   -6.897  1.00 43.98  ? 120  ALA A O   1 
ATOM   232 C  CB  . ALA A 1 39 ? -6.588  2.223   -9.645  1.00 43.75  ? 120  ALA A CB  1 
ATOM   233 N  N   . SER A 1 40 ? -7.092  1.626   -6.531  1.00 44.66  ? 121  SER A N   1 
ATOM   234 C  CA  . SER A 1 40 ? -7.021  2.156   -5.179  1.00 48.35  ? 121  SER A CA  1 
ATOM   235 C  C   . SER A 1 40 ? -6.161  1.249   -4.311  1.00 51.33  ? 121  SER A C   1 
ATOM   236 O  O   . SER A 1 40 ? -5.293  1.733   -3.570  1.00 49.11  ? 121  SER A O   1 
ATOM   237 C  CB  . SER A 1 40 ? -8.419  2.318   -4.591  1.00 47.36  ? 121  SER A CB  1 
ATOM   238 O  OG  . SER A 1 40 ? -9.135  3.251   -5.376  1.00 45.35  ? 121  SER A OG  1 
ATOM   239 N  N   . ARG A 1 41 ? -6.366  -0.061  -4.434  1.00 45.83  ? 122  ARG A N   1 
ATOM   240 C  CA  . ARG A 1 41 ? -5.555  -1.012  -3.669  1.00 48.83  ? 122  ARG A CA  1 
ATOM   241 C  C   . ARG A 1 41 ? -4.078  -0.904  -4.075  1.00 50.89  ? 122  ARG A C   1 
ATOM   242 O  O   . ARG A 1 41 ? -3.197  -0.827  -3.213  1.00 49.16  ? 122  ARG A O   1 
ATOM   243 C  CB  . ARG A 1 41 ? -6.096  -2.436  -3.865  1.00 51.81  ? 122  ARG A CB  1 
ATOM   244 C  CG  . ARG A 1 41 ? -5.256  -3.561  -3.266  1.00 55.05  ? 122  ARG A CG  1 
ATOM   245 C  CD  . ARG A 1 41 ? -4.872  -3.350  -1.798  1.00 52.78  ? 122  ARG A CD  1 
ATOM   246 N  NE  . ARG A 1 41 ? -5.966  -2.962  -0.905  1.00 50.47  ? 122  ARG A NE  1 
ATOM   247 C  CZ  . ARG A 1 41 ? -6.845  -3.802  -0.359  1.00 55.38  ? 122  ARG A CZ  1 
ATOM   248 N  NH1 . ARG A 1 41 ? -6.814  -5.105  -0.628  1.00 53.86  ? 122  ARG A NH1 1 
ATOM   249 N  NH2 . ARG A 1 41 ? -7.781  -3.332  0.453   1.00 57.21  ? 122  ARG A NH2 1 
ATOM   250 N  N   . ALA A 1 42 ? -3.807  -0.852  -5.381  1.00 49.33  ? 123  ALA A N   1 
ATOM   251 C  CA  . ALA A 1 42 ? -2.431  -0.699  -5.856  1.00 53.73  ? 123  ALA A CA  1 
ATOM   252 C  C   . ALA A 1 42 ? -1.795  0.583   -5.314  1.00 56.49  ? 123  ALA A C   1 
ATOM   253 O  O   . ALA A 1 42 ? -0.598  0.615   -4.984  1.00 55.39  ? 123  ALA A O   1 
ATOM   254 C  CB  . ALA A 1 42 ? -2.390  -0.707  -7.378  1.00 50.77  ? 123  ALA A CB  1 
ATOM   255 N  N   . SER A 1 43 ? -2.600  1.637   -5.211  1.00 54.49  ? 124  SER A N   1 
ATOM   256 C  CA  . SER A 1 43 ? -2.120  2.903   -4.664  1.00 59.42  ? 124  SER A CA  1 
ATOM   257 C  C   . SER A 1 43 ? -1.771  2.794   -3.178  1.00 57.10  ? 124  SER A C   1 
ATOM   258 O  O   . SER A 1 43 ? -0.737  3.327   -2.740  1.00 61.56  ? 124  SER A O   1 
ATOM   259 C  CB  . SER A 1 43 ? -3.160  4.006   -4.881  1.00 64.04  ? 124  SER A CB  1 
ATOM   260 O  OG  . SER A 1 43 ? -2.686  5.245   -4.384  1.00 73.46  ? 124  SER A OG  1 
ATOM   261 N  N   . GLN A 1 44 ? -2.614  2.107   -2.405  1.00 54.42  ? 125  GLN A N   1 
ATOM   262 C  CA  . GLN A 1 44 ? -2.354  1.886   -0.974  1.00 53.74  ? 125  GLN A CA  1 
ATOM   263 C  C   . GLN A 1 44 ? -1.023  1.166   -0.801  1.00 56.88  ? 125  GLN A C   1 
ATOM   264 O  O   . GLN A 1 44 ? -0.204  1.528   0.058   1.00 59.58  ? 125  GLN A O   1 
ATOM   265 C  CB  . GLN A 1 44 ? -3.464  1.054   -0.301  1.00 58.52  ? 125  GLN A CB  1 
ATOM   266 C  CG  . GLN A 1 44 ? -4.923  1.540   -0.454  1.00 57.42  ? 125  GLN A CG  1 
ATOM   267 C  CD  . GLN A 1 44 ? -5.943  0.609   0.227   1.00 59.17  ? 125  GLN A CD  1 
ATOM   268 O  OE1 . GLN A 1 44 ? -5.979  -0.598  -0.032  1.00 61.23  ? 125  GLN A OE1 1 
ATOM   269 N  NE2 . GLN A 1 44 ? -6.771  1.174   1.106   1.00 59.68  ? 125  GLN A NE2 1 
ATOM   270 N  N   . LEU A 1 45 ? -0.806  0.143   -1.620  1.00 54.61  ? 126  LEU A N   1 
ATOM   271 C  CA  . LEU A 1 45 ? 0.392   -0.685  -1.498  1.00 58.41  ? 126  LEU A CA  1 
ATOM   272 C  C   . LEU A 1 45 ? 1.668   0.075   -1.823  1.00 57.30  ? 126  LEU A C   1 
ATOM   273 O  O   . LEU A 1 45 ? 2.690   -0.136  -1.176  1.00 57.22  ? 126  LEU A O   1 
ATOM   274 C  CB  . LEU A 1 45 ? 0.283   -1.911  -2.397  1.00 57.78  ? 126  LEU A CB  1 
ATOM   275 C  CG  . LEU A 1 45 ? -0.727  -2.930  -1.887  1.00 61.13  ? 126  LEU A CG  1 
ATOM   276 C  CD1 . LEU A 1 45 ? -0.986  -3.958  -2.955  1.00 64.61  ? 126  LEU A CD1 1 
ATOM   277 C  CD2 . LEU A 1 45 ? -0.212  -3.584  -0.617  1.00 66.66  ? 126  LEU A CD2 1 
ATOM   278 N  N   . VAL A 1 46 ? 1.615   0.943   -2.829  1.00 56.41  ? 127  VAL A N   1 
ATOM   279 C  CA  . VAL A 1 46 ? 2.755   1.811   -3.149  1.00 59.37  ? 127  VAL A CA  1 
ATOM   280 C  C   . VAL A 1 46 ? 3.081   2.707   -1.957  1.00 62.30  ? 127  VAL A C   1 
ATOM   281 O  O   . VAL A 1 46 ? 4.256   2.907   -1.599  1.00 65.15  ? 127  VAL A O   1 
ATOM   282 C  CB  . VAL A 1 46 ? 2.474   2.684   -4.392  1.00 58.47  ? 127  VAL A CB  1 
ATOM   283 C  CG1 . VAL A 1 46 ? 3.500   3.819   -4.508  1.00 59.40  ? 127  VAL A CG1 1 
ATOM   284 C  CG2 . VAL A 1 46 ? 2.453   1.837   -5.661  1.00 56.10  ? 127  VAL A CG2 1 
ATOM   285 N  N   . ASP A 1 47 ? 2.040   3.235   -1.321  1.00 60.40  ? 128  ASP A N   1 
ATOM   286 C  CA  . ASP A 1 47 ? 2.234   4.107   -0.162  1.00 65.71  ? 128  ASP A CA  1 
ATOM   287 C  C   . ASP A 1 47 ? 2.891   3.380   1.017   1.00 68.29  ? 128  ASP A C   1 
ATOM   288 O  O   . ASP A 1 47 ? 3.754   3.941   1.698   1.00 67.99  ? 128  ASP A O   1 
ATOM   289 C  CB  . ASP A 1 47 ? 0.900   4.710   0.276   1.00 69.49  ? 128  ASP A CB  1 
ATOM   290 C  CG  . ASP A 1 47 ? 0.383   5.756   -0.699  1.00 73.98  ? 128  ASP A CG  1 
ATOM   291 O  OD1 . ASP A 1 47 ? 0.995   5.928   -1.779  1.00 75.02  ? 128  ASP A OD1 1 
ATOM   292 O  OD2 . ASP A 1 47 ? -0.645  6.398   -0.389  1.00 74.63  ? 128  ASP A OD2 1 
ATOM   293 N  N   . VAL A 1 48 ? 2.485   2.139   1.264   1.00 67.64  ? 129  VAL A N   1 
ATOM   294 C  CA  . VAL A 1 48 ? 3.080   1.352   2.349   1.00 69.24  ? 129  VAL A CA  1 
ATOM   295 C  C   . VAL A 1 48 ? 4.552   1.046   2.072   1.00 70.60  ? 129  VAL A C   1 
ATOM   296 O  O   . VAL A 1 48 ? 5.407   1.139   2.969   1.00 67.02  ? 129  VAL A O   1 
ATOM   297 C  CB  . VAL A 1 48 ? 2.317   0.032   2.560   1.00 71.78  ? 129  VAL A CB  1 
ATOM   298 C  CG1 . VAL A 1 48 ? 2.985   -0.805  3.633   1.00 72.43  ? 129  VAL A CG1 1 
ATOM   299 C  CG2 . VAL A 1 48 ? 0.868   0.315   2.924   1.00 69.97  ? 129  VAL A CG2 1 
ATOM   300 N  N   . GLU A 1 49 ? 4.844   0.688   0.827   1.00 71.12  ? 130  GLU A N   1 
ATOM   301 C  CA  . GLU A 1 49 ? 6.208   0.393   0.405   1.00 76.07  ? 130  GLU A CA  1 
ATOM   302 C  C   . GLU A 1 49 ? 7.096   1.620   0.566   1.00 75.01  ? 130  GLU A C   1 
ATOM   303 O  O   . GLU A 1 49 ? 8.234   1.523   1.041   1.00 74.30  ? 130  GLU A O   1 
ATOM   304 C  CB  . GLU A 1 49 ? 6.221   -0.093  -1.046  1.00 82.96  ? 130  GLU A CB  1 
ATOM   305 C  CG  . GLU A 1 49 ? 7.449   -0.901  -1.423  1.00 91.18  ? 130  GLU A CG  1 
ATOM   306 C  CD  . GLU A 1 49 ? 7.099   -2.148  -2.216  1.00 97.83  ? 130  GLU A CD  1 
ATOM   307 O  OE1 . GLU A 1 49 ? 5.917   -2.307  -2.598  1.00 98.25  ? 130  GLU A OE1 1 
ATOM   308 O  OE2 . GLU A 1 49 ? 8.005   -2.977  -2.451  1.00 101.47 ? 130  GLU A OE2 1 
ATOM   309 N  N   . LYS A 1 50 ? 6.573   2.780   0.180   1.00 72.93  ? 131  LYS A N   1 
ATOM   310 C  CA  . LYS A 1 50 ? 7.302   4.034   0.361   1.00 76.28  ? 131  LYS A CA  1 
ATOM   311 C  C   . LYS A 1 50 ? 7.554   4.333   1.837   1.00 78.02  ? 131  LYS A C   1 
ATOM   312 O  O   . LYS A 1 50 ? 8.649   4.762   2.220   1.00 79.80  ? 131  LYS A O   1 
ATOM   313 C  CB  . LYS A 1 50 ? 6.543   5.198   -0.277  1.00 74.25  ? 131  LYS A CB  1 
ATOM   314 C  CG  . LYS A 1 50 ? 6.538   5.181   -1.797  1.00 74.47  ? 131  LYS A CG  1 
ATOM   315 N  N   . GLU A 1 51 ? 6.536   4.111   2.662   1.00 78.67  ? 132  GLU A N   1 
ATOM   316 C  CA  . GLU A 1 51 ? 6.635   4.379   4.093   1.00 83.95  ? 132  GLU A CA  1 
ATOM   317 C  C   . GLU A 1 51 ? 7.635   3.457   4.782   1.00 83.38  ? 132  GLU A C   1 
ATOM   318 O  O   . GLU A 1 51 ? 8.401   3.889   5.648   1.00 84.64  ? 132  GLU A O   1 
ATOM   319 C  CB  . GLU A 1 51 ? 5.261   4.243   4.753   1.00 91.28  ? 132  GLU A CB  1 
ATOM   320 C  CG  . GLU A 1 51 ? 4.581   5.574   5.006   1.00 96.44  ? 132  GLU A CG  1 
ATOM   321 C  CD  . GLU A 1 51 ? 5.432   6.492   5.864   1.00 101.54 ? 132  GLU A CD  1 
ATOM   322 O  OE1 . GLU A 1 51 ? 5.986   6.014   6.877   1.00 104.69 ? 132  GLU A OE1 1 
ATOM   323 O  OE2 . GLU A 1 51 ? 5.555   7.688   5.519   1.00 102.65 ? 132  GLU A OE2 1 
ATOM   324 N  N   . TYR A 1 52 ? 7.625   2.188   4.395   1.00 79.10  ? 133  TYR A N   1 
ATOM   325 C  CA  . TYR A 1 52 ? 8.574   1.223   4.930   1.00 80.33  ? 133  TYR A CA  1 
ATOM   326 C  C   . TYR A 1 52 ? 9.993   1.564   4.491   1.00 80.68  ? 133  TYR A C   1 
ATOM   327 O  O   . TYR A 1 52 ? 10.928  1.548   5.299   1.00 78.16  ? 133  TYR A O   1 
ATOM   328 C  CB  . TYR A 1 52 ? 8.210   -0.196  4.489   1.00 80.17  ? 133  TYR A CB  1 
ATOM   329 C  CG  . TYR A 1 52 ? 9.240   -1.233  4.883   1.00 83.30  ? 133  TYR A CG  1 
ATOM   330 C  CD1 . TYR A 1 52 ? 9.235   -1.798  6.153   1.00 82.79  ? 133  TYR A CD1 1 
ATOM   331 C  CD2 . TYR A 1 52 ? 10.221  -1.644  3.988   1.00 83.86  ? 133  TYR A CD2 1 
ATOM   332 C  CE1 . TYR A 1 52 ? 10.168  -2.744  6.514   1.00 84.11  ? 133  TYR A CE1 1 
ATOM   333 C  CE2 . TYR A 1 52 ? 11.166  -2.588  4.347   1.00 85.57  ? 133  TYR A CE2 1 
ATOM   334 C  CZ  . TYR A 1 52 ? 11.133  -3.135  5.609   1.00 85.33  ? 133  TYR A CZ  1 
ATOM   335 O  OH  . TYR A 1 52 ? 12.071  -4.078  5.968   1.00 89.95  ? 133  TYR A OH  1 
ATOM   336 N  N   . ARG A 1 53 ? 10.145  1.870   3.206   1.00 79.64  ? 134  ARG A N   1 
ATOM   337 C  CA  . ARG A 1 53 ? 11.446  2.216   2.641   1.00 83.78  ? 134  ARG A CA  1 
ATOM   338 C  C   . ARG A 1 53 ? 12.074  3.426   3.332   1.00 84.14  ? 134  ARG A C   1 
ATOM   339 O  O   . ARG A 1 53 ? 13.273  3.433   3.629   1.00 84.97  ? 134  ARG A O   1 
ATOM   340 C  CB  . ARG A 1 53 ? 11.316  2.488   1.141   1.00 87.08  ? 134  ARG A CB  1 
ATOM   341 C  CG  . ARG A 1 53 ? 12.602  2.972   0.499   1.00 93.43  ? 134  ARG A CG  1 
ATOM   342 C  CD  . ARG A 1 53 ? 13.681  1.904   0.570   1.00 101.19 ? 134  ARG A CD  1 
ATOM   343 N  NE  . ARG A 1 53 ? 13.626  0.999   -0.575  1.00 105.23 ? 134  ARG A NE  1 
ATOM   344 C  CZ  . ARG A 1 53 ? 14.518  0.992   -1.561  1.00 109.63 ? 134  ARG A CZ  1 
ATOM   345 N  NH1 . ARG A 1 53 ? 15.547  1.832   -1.535  1.00 112.32 ? 134  ARG A NH1 1 
ATOM   346 N  NH2 . ARG A 1 53 ? 14.389  0.138   -2.568  1.00 110.95 ? 134  ARG A NH2 1 
ATOM   347 N  N   . SER A 1 54 ? 11.260  4.445   3.587   1.00 81.21  ? 135  SER A N   1 
ATOM   348 C  CA  . SER A 1 54 ? 11.738  5.661   4.235   1.00 82.12  ? 135  SER A CA  1 
ATOM   349 C  C   . SER A 1 54 ? 12.303  5.368   5.622   1.00 81.42  ? 135  SER A C   1 
ATOM   350 O  O   . SER A 1 54 ? 13.297  5.966   6.043   1.00 84.62  ? 135  SER A O   1 
ATOM   351 C  CB  . SER A 1 54 ? 10.608  6.685   4.333   1.00 81.95  ? 135  SER A CB  1 
ATOM   352 O  OG  . SER A 1 54 ? 11.081  7.915   4.847   1.00 82.37  ? 135  SER A OG  1 
ATOM   353 N  N   . VAL A 1 55 ? 11.664  4.441   6.328   1.00 77.92  ? 136  VAL A N   1 
ATOM   354 C  CA  . VAL A 1 55 ? 12.124  4.034   7.648   1.00 79.75  ? 136  VAL A CA  1 
ATOM   355 C  C   . VAL A 1 55 ? 13.382  3.184   7.521   1.00 78.75  ? 136  VAL A C   1 
ATOM   356 O  O   . VAL A 1 55 ? 14.342  3.361   8.276   1.00 80.24  ? 136  VAL A O   1 
ATOM   357 C  CB  . VAL A 1 55 ? 11.035  3.252   8.408   1.00 80.64  ? 136  VAL A CB  1 
ATOM   358 C  CG1 . VAL A 1 55 ? 11.579  2.709   9.717   1.00 83.34  ? 136  VAL A CG1 1 
ATOM   359 C  CG2 . VAL A 1 55 ? 9.826   4.142   8.656   1.00 78.64  ? 136  VAL A CG2 1 
ATOM   360 N  N   . LEU A 1 56 ? 13.380  2.277   6.549   1.00 73.66  ? 137  LEU A N   1 
ATOM   361 C  CA  . LEU A 1 56 ? 14.535  1.419   6.301   1.00 76.96  ? 137  LEU A CA  1 
ATOM   362 C  C   . LEU A 1 56 ? 15.785  2.227   5.938   1.00 76.92  ? 137  LEU A C   1 
ATOM   363 O  O   . LEU A 1 56 ? 16.886  1.902   6.385   1.00 80.79  ? 137  LEU A O   1 
ATOM   364 C  CB  . LEU A 1 56 ? 14.223  0.410   5.196   1.00 76.92  ? 137  LEU A CB  1 
ATOM   365 C  CG  . LEU A 1 56 ? 15.256  -0.696  4.986   1.00 79.52  ? 137  LEU A CG  1 
ATOM   366 C  CD1 . LEU A 1 56 ? 15.604  -1.356  6.310   1.00 84.59  ? 137  LEU A CD1 1 
ATOM   367 C  CD2 . LEU A 1 56 ? 14.726  -1.726  4.003   1.00 81.82  ? 137  LEU A CD2 1 
ATOM   368 N  N   . ASP A 1 57 ? 15.620  3.280   5.140   1.00 74.98  ? 138  ASP A N   1 
ATOM   369 C  CA  . ASP A 1 57 ? 16.746  4.149   4.794   1.00 81.93  ? 138  ASP A CA  1 
ATOM   370 C  C   . ASP A 1 57 ? 17.264  4.887   6.024   1.00 80.22  ? 138  ASP A C   1 
ATOM   371 O  O   . ASP A 1 57 ? 18.478  5.024   6.221   1.00 81.30  ? 138  ASP A O   1 
ATOM   372 C  CB  . ASP A 1 57 ? 16.349  5.161   3.715   1.00 88.15  ? 138  ASP A CB  1 
ATOM   373 C  CG  . ASP A 1 57 ? 15.898  4.499   2.422   1.00 93.13  ? 138  ASP A CG  1 
ATOM   374 O  OD1 . ASP A 1 57 ? 16.313  3.352   2.152   1.00 95.91  ? 138  ASP A OD1 1 
ATOM   375 O  OD2 . ASP A 1 57 ? 15.129  5.132   1.669   1.00 94.81  ? 138  ASP A OD2 1 
ATOM   376 N  N   . ASP A 1 58 ? 16.339  5.372   6.849   1.00 77.71  ? 139  ASP A N   1 
ATOM   377 C  CA  . ASP A 1 58 ? 16.707  6.059   8.088   1.00 79.44  ? 139  ASP A CA  1 
ATOM   378 C  C   . ASP A 1 58 ? 17.477  5.148   9.033   1.00 81.00  ? 139  ASP A C   1 
ATOM   379 O  O   . ASP A 1 58 ? 18.448  5.573   9.680   1.00 78.48  ? 139  ASP A O   1 
ATOM   380 C  CB  . ASP A 1 58 ? 15.460  6.597   8.792   1.00 80.28  ? 139  ASP A CB  1 
ATOM   381 C  CG  . ASP A 1 58 ? 14.916  7.851   8.139   1.00 83.52  ? 139  ASP A CG  1 
ATOM   382 O  OD1 . ASP A 1 58 ? 15.312  8.143   6.992   1.00 85.59  ? 139  ASP A OD1 1 
ATOM   383 O  OD2 . ASP A 1 58 ? 14.095  8.548   8.773   1.00 83.54  ? 139  ASP A OD2 1 
ATOM   384 N  N   . LEU A 1 59 ? 17.039  3.900   9.130   1.00 76.48  ? 140  LEU A N   1 
ATOM   385 C  CA  . LEU A 1 59 ? 17.712  2.933   9.987   1.00 79.22  ? 140  LEU A CA  1 
ATOM   386 C  C   . LEU A 1 59 ? 19.092  2.624   9.428   1.00 82.34  ? 140  LEU A C   1 
ATOM   387 O  O   . LEU A 1 59 ? 20.061  2.494   10.176  1.00 86.58  ? 140  LEU A O   1 
ATOM   388 C  CB  . LEU A 1 59 ? 16.888  1.652   10.121  1.00 80.42  ? 140  LEU A CB  1 
ATOM   389 C  CG  . LEU A 1 59 ? 17.554  0.521   10.906  1.00 84.07  ? 140  LEU A CG  1 
ATOM   390 C  CD1 . LEU A 1 59 ? 17.918  0.959   12.325  1.00 84.52  ? 140  LEU A CD1 1 
ATOM   391 C  CD2 . LEU A 1 59 ? 16.662  -0.710  10.934  1.00 82.71  ? 140  LEU A CD2 1 
ATOM   392 N  N   . THR A 1 60 ? 19.179  2.521   8.106   1.00 80.46  ? 141  THR A N   1 
ATOM   393 C  CA  . THR A 1 60 ? 20.465  2.315   7.447   1.00 84.50  ? 141  THR A CA  1 
ATOM   394 C  C   . THR A 1 60 ? 21.417  3.479   7.718   1.00 83.92  ? 141  THR A C   1 
ATOM   395 O  O   . THR A 1 60 ? 22.584  3.269   8.040   1.00 88.53  ? 141  THR A O   1 
ATOM   396 C  CB  . THR A 1 60 ? 20.295  2.139   5.928   1.00 83.64  ? 141  THR A CB  1 
ATOM   397 O  OG1 . THR A 1 60 ? 19.712  0.860   5.665   1.00 80.96  ? 141  THR A OG1 1 
ATOM   398 C  CG2 . THR A 1 60 ? 21.641  2.213   5.224   1.00 84.55  ? 141  THR A CG2 1 
ATOM   399 N  N   . SER A 1 61 ? 20.912  4.702   7.592   1.00 82.12  ? 142  SER A N   1 
ATOM   400 C  CA  . SER A 1 61 ? 21.725  5.894   7.823   1.00 87.06  ? 142  SER A CA  1 
ATOM   401 C  C   . SER A 1 61 ? 22.191  6.000   9.269   1.00 89.17  ? 142  SER A C   1 
ATOM   402 O  O   . SER A 1 61 ? 23.341  6.371   9.537   1.00 87.69  ? 142  SER A O   1 
ATOM   403 C  CB  . SER A 1 61 ? 20.945  7.150   7.439   1.00 84.93  ? 142  SER A CB  1 
ATOM   404 O  OG  . SER A 1 61 ? 20.643  7.144   6.057   1.00 81.02  ? 142  SER A OG  1 
ATOM   405 N  N   . CYS A 1 62 ? 21.303  5.684   10.205  1.00 84.31  ? 143  CYS A N   1 
ATOM   406 C  CA  . CYS A 1 62 ? 21.668  5.754   11.618  1.00 86.76  ? 143  CYS A CA  1 
ATOM   407 C  C   . CYS A 1 62 ? 22.720  4.695   11.958  1.00 90.08  ? 143  CYS A C   1 
ATOM   408 O  O   . CYS A 1 62 ? 23.668  4.953   12.716  1.00 91.68  ? 143  CYS A O   1 
ATOM   409 C  CB  . CYS A 1 62 ? 20.432  5.585   12.509  1.00 85.49  ? 143  CYS A CB  1 
ATOM   410 S  SG  . CYS A 1 62 ? 20.767  5.932   14.256  1.00 91.23  ? 143  CYS A SG  1 
ATOM   411 N  N   . THR A 1 63 ? 22.556  3.512   11.374  1.00 89.06  ? 144  THR A N   1 
ATOM   412 C  CA  . THR A 1 63 ? 23.445  2.387   11.641  1.00 99.16  ? 144  THR A CA  1 
ATOM   413 C  C   . THR A 1 63 ? 24.864  2.655   11.154  1.00 99.98  ? 144  THR A C   1 
ATOM   414 O  O   . THR A 1 63 ? 25.827  2.487   11.906  1.00 103.71 ? 144  THR A O   1 
ATOM   415 C  CB  . THR A 1 63 ? 22.926  1.092   10.980  1.00 100.63 ? 144  THR A CB  1 
ATOM   416 O  OG1 . THR A 1 63 ? 21.674  0.729   11.570  1.00 99.30  ? 144  THR A OG1 1 
ATOM   417 C  CG2 . THR A 1 63 ? 23.917  -0.046  11.176  1.00 103.34 ? 144  THR A CG2 1 
ATOM   418 N  N   . THR A 1 64 ? 24.993  3.078   9.901   1.00 98.36  ? 145  THR A N   1 
ATOM   419 C  CA  . THR A 1 64 ? 26.307  3.330   9.321   1.00 102.98 ? 145  THR A CA  1 
ATOM   420 C  C   . THR A 1 64 ? 27.036  4.437   10.085  1.00 101.43 ? 145  THR A C   1 
ATOM   421 O  O   . THR A 1 64 ? 28.261  4.410   10.202  1.00 100.35 ? 145  THR A O   1 
ATOM   422 C  CB  . THR A 1 64 ? 26.210  3.693   7.819   1.00 104.31 ? 145  THR A CB  1 
ATOM   423 O  OG1 . THR A 1 64 ? 27.508  4.050   7.328   1.00 109.72 ? 145  THR A OG1 1 
ATOM   424 C  CG2 . THR A 1 64 ? 25.255  4.848   7.591   1.00 101.73 ? 145  THR A CG2 1 
ATOM   425 N  N   . SER A 1 65 ? 26.285  5.390   10.630  1.00 96.72  ? 146  SER A N   1 
ATOM   426 C  CA  . SER A 1 65 ? 26.883  6.416   11.481  1.00 97.07  ? 146  SER A CA  1 
ATOM   427 C  C   . SER A 1 65 ? 27.548  5.800   12.707  1.00 107.25 ? 146  SER A C   1 
ATOM   428 O  O   . SER A 1 65 ? 28.692  6.146   13.050  1.00 102.79 ? 146  SER A O   1 
ATOM   429 C  CB  . SER A 1 65 ? 25.837  7.440   11.919  1.00 94.56  ? 146  SER A CB  1 
ATOM   430 O  OG  . SER A 1 65 ? 25.427  8.245   10.829  1.00 92.48  ? 146  SER A OG  1 
ATOM   431 N  N   . LEU A 1 66 ? 26.833  4.890   13.366  1.00 99.31  ? 147  LEU A N   1 
ATOM   432 C  CA  . LEU A 1 66 ? 27.368  4.220   14.553  1.00 108.02 ? 147  LEU A CA  1 
ATOM   433 C  C   . LEU A 1 66 ? 28.648  3.456   14.236  1.00 109.80 ? 147  LEU A C   1 
ATOM   434 O  O   . LEU A 1 66 ? 29.589  3.452   15.024  1.00 112.17 ? 147  LEU A O   1 
ATOM   435 C  CB  . LEU A 1 66 ? 26.334  3.265   15.151  1.00 108.40 ? 147  LEU A CB  1 
ATOM   436 C  CG  . LEU A 1 66 ? 25.031  3.879   15.660  1.00 107.07 ? 147  LEU A CG  1 
ATOM   437 C  CD1 . LEU A 1 66 ? 24.186  2.821   16.355  1.00 108.00 ? 147  LEU A CD1 1 
ATOM   438 C  CD2 . LEU A 1 66 ? 25.320  5.034   16.594  1.00 107.36 ? 147  LEU A CD2 1 
ATOM   439 N  N   . ARG A 1 67 ? 28.662  2.804   13.080  1.00 110.20 ? 148  ARG A N   1 
ATOM   440 C  CA  . ARG A 1 67 ? 29.840  2.105   12.585  1.00 113.46 ? 148  ARG A CA  1 
ATOM   441 C  C   . ARG A 1 67 ? 30.991  3.086   12.404  1.00 112.68 ? 148  ARG A C   1 
ATOM   442 O  O   . ARG A 1 67 ? 32.132  2.791   12.761  1.00 114.54 ? 148  ARG A O   1 
ATOM   443 C  CB  . ARG A 1 67 ? 29.519  1.396   11.264  1.00 116.83 ? 148  ARG A CB  1 
ATOM   444 C  CG  . ARG A 1 67 ? 30.702  0.688   10.620  1.00 124.13 ? 148  ARG A CG  1 
ATOM   445 C  CD  . ARG A 1 67 ? 31.182  1.418   9.370   1.00 126.35 ? 148  ARG A CD  1 
ATOM   446 N  NE  . ARG A 1 67 ? 30.174  1.432   8.315   1.00 123.42 ? 148  ARG A NE  1 
ATOM   447 C  CZ  . ARG A 1 67 ? 30.334  2.023   7.134   1.00 122.26 ? 148  ARG A CZ  1 
ATOM   448 N  NH1 . ARG A 1 67 ? 31.465  2.655   6.851   1.00 124.99 ? 148  ARG A NH1 1 
ATOM   449 N  NH2 . ARG A 1 67 ? 29.362  1.984   6.235   1.00 119.56 ? 148  ARG A NH2 1 
ATOM   450 N  N   . GLN A 1 68 ? 30.679  4.258   11.859  1.00 110.17 ? 149  GLN A N   1 
ATOM   451 C  CA  . GLN A 1 68 ? 31.681  5.299   11.653  1.00 113.84 ? 149  GLN A CA  1 
ATOM   452 C  C   . GLN A 1 68 ? 32.185  5.841   12.990  1.00 111.73 ? 149  GLN A C   1 
ATOM   453 O  O   . GLN A 1 68 ? 33.389  6.028   13.174  1.00 115.02 ? 149  GLN A O   1 
ATOM   454 C  CB  . GLN A 1 68 ? 31.107  6.432   10.793  1.00 112.54 ? 149  GLN A CB  1 
ATOM   455 C  CG  . GLN A 1 68 ? 30.802  6.027   9.352   1.00 105.31 ? 149  GLN A CG  1 
ATOM   456 C  CD  . GLN A 1 68 ? 30.131  7.135   8.562   1.00 103.33 ? 149  GLN A CD  1 
ATOM   457 O  OE1 . GLN A 1 68 ? 29.735  8.154   9.122   1.00 103.94 ? 149  GLN A OE1 1 
ATOM   458 N  NE2 . GLN A 1 68 ? 29.994  6.936   7.252   1.00 101.55 ? 149  GLN A NE2 1 
ATOM   459 N  N   . ILE A 1 69 ? 31.261  6.076   13.919  1.00 110.00 ? 150  ILE A N   1 
ATOM   460 C  CA  . ILE A 1 69 ? 31.610  6.538   15.258  1.00 111.88 ? 150  ILE A CA  1 
ATOM   461 C  C   . ILE A 1 69 ? 32.510  5.537   15.969  1.00 118.71 ? 150  ILE A C   1 
ATOM   462 O  O   . ILE A 1 69 ? 33.578  5.896   16.471  1.00 118.52 ? 150  ILE A O   1 
ATOM   463 C  CB  . ILE A 1 69 ? 30.369  6.776   16.147  1.00 109.43 ? 150  ILE A CB  1 
ATOM   464 C  CG1 . ILE A 1 69 ? 29.409  7.788   15.515  1.00 106.00 ? 150  ILE A CG1 1 
ATOM   465 C  CG2 . ILE A 1 69 ? 30.795  7.228   17.539  1.00 111.66 ? 150  ILE A CG2 1 
ATOM   466 C  CD1 . ILE A 1 69 ? 30.069  8.983   14.897  1.00 114.53 ? 150  ILE A CD1 1 
ATOM   467 N  N   . ASN A 1 70 ? 32.075  4.281   16.011  1.00 117.91 ? 151  ASN A N   1 
ATOM   468 C  CA  . ASN A 1 70 ? 32.816  3.252   16.730  1.00 124.48 ? 151  ASN A CA  1 
ATOM   469 C  C   . ASN A 1 70 ? 34.202  3.028   16.137  1.00 127.12 ? 151  ASN A C   1 
ATOM   470 O  O   . ASN A 1 70 ? 35.145  2.704   16.859  1.00 130.02 ? 151  ASN A O   1 
ATOM   471 C  CB  . ASN A 1 70 ? 32.036  1.938   16.744  1.00 127.66 ? 151  ASN A CB  1 
ATOM   472 C  CG  . ASN A 1 70 ? 32.467  1.022   17.872  1.00 135.27 ? 151  ASN A CG  1 
ATOM   473 O  OD1 . ASN A 1 70 ? 33.422  0.258   17.737  1.00 139.64 ? 151  ASN A OD1 1 
ATOM   474 N  ND2 . ASN A 1 70 ? 31.767  1.101   18.998  1.00 136.34 ? 151  ASN A ND2 1 
ATOM   475 N  N   . LYS A 1 71 ? 34.323  3.207   14.825  1.00 124.67 ? 152  LYS A N   1 
ATOM   476 C  CA  . LYS A 1 71 ? 35.618  3.104   14.160  1.00 126.81 ? 152  LYS A CA  1 
ATOM   477 C  C   . LYS A 1 71 ? 36.555  4.215   14.623  1.00 127.65 ? 152  LYS A C   1 
ATOM   478 O  O   . LYS A 1 71 ? 37.733  3.973   14.910  1.00 129.93 ? 152  LYS A O   1 
ATOM   479 C  CB  . LYS A 1 71 ? 35.455  3.157   12.639  1.00 126.32 ? 152  LYS A CB  1 
ATOM   480 C  CG  . LYS A 1 71 ? 36.778  3.111   11.886  1.00 129.00 ? 152  LYS A CG  1 
ATOM   481 C  CD  . LYS A 1 71 ? 36.582  3.319   10.393  1.00 128.22 ? 152  LYS A CD  1 
ATOM   482 N  N   . ILE A 1 72 ? 36.027  5.433   14.693  1.00 124.01 ? 153  ILE A N   1 
ATOM   483 C  CA  . ILE A 1 72 ? 36.803  6.581   15.150  1.00 126.97 ? 153  ILE A CA  1 
ATOM   484 C  C   . ILE A 1 72 ? 37.306  6.364   16.576  1.00 130.03 ? 153  ILE A C   1 
ATOM   485 O  O   . ILE A 1 72 ? 38.460  6.665   16.892  1.00 132.46 ? 153  ILE A O   1 
ATOM   486 C  CB  . ILE A 1 72 ? 35.975  7.879   15.070  1.00 123.06 ? 153  ILE A CB  1 
ATOM   487 C  CG1 . ILE A 1 72 ? 35.711  8.235   13.606  1.00 120.97 ? 153  ILE A CG1 1 
ATOM   488 C  CG2 . ILE A 1 72 ? 36.695  9.024   15.760  1.00 125.36 ? 153  ILE A CG2 1 
ATOM   489 C  CD1 . ILE A 1 72 ? 34.827  9.447   13.410  1.00 117.95 ? 153  ILE A CD1 1 
ATOM   490 N  N   . ILE A 1 73 ? 36.447  5.819   17.431  1.00 127.93 ? 154  ILE A N   1 
ATOM   491 C  CA  . ILE A 1 73 ? 36.851  5.485   18.795  1.00 130.18 ? 154  ILE A CA  1 
ATOM   492 C  C   . ILE A 1 73 ? 37.886  4.359   18.803  1.00 133.82 ? 154  ILE A C   1 
ATOM   493 O  O   . ILE A 1 73 ? 38.899  4.438   19.503  1.00 137.51 ? 154  ILE A O   1 
ATOM   494 C  CB  . ILE A 1 73 ? 35.645  5.073   19.659  1.00 129.50 ? 154  ILE A CB  1 
ATOM   495 C  CG1 . ILE A 1 73 ? 34.614  6.202   19.708  1.00 124.49 ? 154  ILE A CG1 1 
ATOM   496 C  CG2 . ILE A 1 73 ? 36.097  4.696   21.064  1.00 130.96 ? 154  ILE A CG2 1 
ATOM   497 C  CD1 . ILE A 1 73 ? 33.478  5.948   20.669  1.00 122.63 ? 154  ILE A CD1 1 
ATOM   498 N  N   . GLU A 1 74 ? 37.632  3.320   18.012  1.00 132.89 ? 155  GLU A N   1 
ATOM   499 C  CA  . GLU A 1 74 ? 38.524  2.166   17.940  1.00 136.20 ? 155  GLU A CA  1 
ATOM   500 C  C   . GLU A 1 74 ? 39.843  2.498   17.244  1.00 139.24 ? 155  GLU A C   1 
ATOM   501 O  O   . GLU A 1 74 ? 40.809  1.740   17.337  1.00 143.03 ? 155  GLU A O   1 
ATOM   502 C  CB  . GLU A 1 74 ? 37.836  1.006   17.218  1.00 134.28 ? 155  GLU A CB  1 
ATOM   503 N  N   . GLN A 1 75 ? 39.878  3.631   16.548  1.00 137.98 ? 156  GLN A N   1 
ATOM   504 C  CA  . GLN A 1 75 ? 41.100  4.089   15.899  1.00 140.90 ? 156  GLN A CA  1 
ATOM   505 C  C   . GLN A 1 75 ? 42.101  4.561   16.944  1.00 147.54 ? 156  GLN A C   1 
ATOM   506 O  O   . GLN A 1 75 ? 43.291  4.697   16.666  1.00 148.31 ? 156  GLN A O   1 
ATOM   507 C  CB  . GLN A 1 75 ? 40.801  5.214   14.908  1.00 138.52 ? 156  GLN A CB  1 
ATOM   508 N  N   . LEU A 1 76 ? 41.603  4.803   18.152  1.00 147.12 ? 157  LEU A N   1 
ATOM   509 C  CA  . LEU A 1 76 ? 42.433  5.253   19.261  1.00 151.68 ? 157  LEU A CA  1 
ATOM   510 C  C   . LEU A 1 76 ? 42.971  4.069   20.060  1.00 156.12 ? 157  LEU A C   1 
ATOM   511 O  O   . LEU A 1 76 ? 43.261  4.190   21.250  1.00 158.34 ? 157  LEU A O   1 
ATOM   512 C  CB  . LEU A 1 76 ? 41.640  6.196   20.171  1.00 149.67 ? 157  LEU A CB  1 
ATOM   513 C  CG  . LEU A 1 76 ? 41.722  7.698   19.876  1.00 148.73 ? 157  LEU A CG  1 
ATOM   514 C  CD1 . LEU A 1 76 ? 41.432  8.007   18.414  1.00 144.31 ? 157  LEU A CD1 1 
ATOM   515 C  CD2 . LEU A 1 76 ? 40.775  8.471   20.780  1.00 147.16 ? 157  LEU A CD2 1 
ATOM   516 N  N   . SER A 1 77 ? 43.100  2.924   19.396  1.00 156.82 ? 158  SER A N   1 
ATOM   517 C  CA  . SER A 1 77 ? 43.626  1.719   20.030  1.00 159.71 ? 158  SER A CA  1 
ATOM   518 C  C   . SER A 1 77 ? 44.952  1.301   19.403  1.00 163.10 ? 158  SER A C   1 
ATOM   519 O  O   . SER A 1 77 ? 45.983  1.254   20.075  1.00 166.42 ? 158  SER A O   1 
ATOM   520 C  CB  . SER A 1 77 ? 42.614  0.576   19.930  1.00 157.47 ? 158  SER A CB  1 
HETATM 521 MG MG  . MG  B 2 .  ? -17.579 -0.161  -6.441  0.50 44.13  ? 1159 MG  A MG  1 
HETATM 522 O  O   . HOH C 3 .  ? -31.468 -1.883  -0.835  1.00 58.73  ? 2001 HOH A O   1 
HETATM 523 O  O   . HOH C 3 .  ? -32.758 -5.924  2.117   1.00 68.08  ? 2002 HOH A O   1 
HETATM 524 O  O   . HOH C 3 .  ? -27.581 1.586   0.272   0.50 58.51  ? 2003 HOH A O   1 
HETATM 525 O  O   . HOH C 3 .  ? -24.156 3.138   2.195   0.50 79.39  ? 2004 HOH A O   1 
HETATM 526 O  O   . HOH C 3 .  ? -18.116 0.243   -4.277  1.00 44.94  ? 2005 HOH A O   1 
HETATM 527 O  O   . HOH C 3 .  ? -18.524 -4.703  -2.949  1.00 53.17  ? 2006 HOH A O   1 
HETATM 528 O  O   . HOH C 3 .  ? -16.464 -5.259  -9.750  1.00 51.92  ? 2007 HOH A O   1 
HETATM 529 O  O   . HOH C 3 .  ? -14.056 -8.387  -10.151 1.00 65.16  ? 2008 HOH A O   1 
HETATM 530 O  O   . HOH C 3 .  ? -14.481 -9.997  -7.381  1.00 78.14  ? 2009 HOH A O   1 
HETATM 531 O  O   . HOH C 3 .  ? -21.744 -3.546  -16.123 1.00 71.15  ? 2010 HOH A O   1 
HETATM 532 O  O   . HOH C 3 .  ? -17.092 -4.178  -20.656 1.00 74.86  ? 2011 HOH A O   1 
HETATM 533 O  O   . HOH C 3 .  ? -21.575 -3.310  -21.229 1.00 50.44  ? 2012 HOH A O   1 
HETATM 534 O  O   . HOH C 3 .  ? -11.334 -3.235  -15.658 1.00 51.69  ? 2013 HOH A O   1 
HETATM 535 O  O   . HOH C 3 .  ? -6.873  -0.310  -12.235 1.00 46.45  ? 2014 HOH A O   1 
HETATM 536 O  O   . HOH C 3 .  ? -4.720  -4.072  -7.422  1.00 65.33  ? 2015 HOH A O   1 
HETATM 537 O  O   . HOH C 3 .  ? -4.647  -0.757  -11.022 1.00 60.03  ? 2016 HOH A O   1 
HETATM 538 O  O   . HOH C 3 .  ? -2.868  2.786   -8.740  1.00 49.07  ? 2017 HOH A O   1 
HETATM 539 O  O   . HOH C 3 .  ? -5.640  6.188   -6.814  1.00 70.75  ? 2018 HOH A O   1 
HETATM 540 O  O   . HOH C 3 .  ? -34.206 -7.930  2.014   1.00 74.93  ? 2019 HOH A O   1 
HETATM 541 O  O   . HOH C 3 .  ? 0.945   -1.557  -6.111  1.00 58.40  ? 2020 HOH A O   1 
HETATM 542 O  O   . HOH C 3 .  ? 0.349   5.901   -4.330  1.00 74.99  ? 2021 HOH A O   1 
HETATM 543 O  O   . HOH C 3 .  ? -18.067 -6.813  -11.004 1.00 54.58  ? 2022 HOH A O   1 
HETATM 544 O  O   . HOH C 3 .  ? -24.641 -0.198  -18.607 1.00 66.97  ? 2023 HOH A O   1 
HETATM 545 O  O   . HOH C 3 .  ? -18.975 -4.553  -22.176 1.00 64.18  ? 2024 HOH A O   1 
HETATM 546 O  O   . HOH C 3 .  ? -2.873  1.358   -10.775 1.00 62.28  ? 2025 HOH A O   1 
HETATM 547 O  O   . HOH C 3 .  ? 0.400   5.315   -6.673  1.00 68.34  ? 2026 HOH A O   1 
HETATM 548 O  O   . HOH C 3 .  ? 27.637  0.410   8.163   1.00 113.78 ? 2027 HOH A O   1 
# 
loop_
_atom_site_anisotrop.id 
_atom_site_anisotrop.type_symbol 
_atom_site_anisotrop.pdbx_label_atom_id 
_atom_site_anisotrop.pdbx_label_alt_id 
_atom_site_anisotrop.pdbx_label_comp_id 
_atom_site_anisotrop.pdbx_label_asym_id 
_atom_site_anisotrop.pdbx_label_seq_id 
_atom_site_anisotrop.pdbx_PDB_ins_code 
_atom_site_anisotrop.U[1][1] 
_atom_site_anisotrop.U[2][2] 
_atom_site_anisotrop.U[3][3] 
_atom_site_anisotrop.U[1][2] 
_atom_site_anisotrop.U[1][3] 
_atom_site_anisotrop.U[2][3] 
_atom_site_anisotrop.pdbx_auth_seq_id 
_atom_site_anisotrop.pdbx_auth_comp_id 
_atom_site_anisotrop.pdbx_auth_asym_id 
_atom_site_anisotrop.pdbx_auth_atom_id 
1   N  N   . LEU A 9  ? 1.4478 1.7957 1.3670 -0.5866 -0.0275 0.2404  90   LEU A N   
2   C  CA  . LEU A 9  ? 1.4139 1.7888 1.3188 -0.5635 -0.0245 0.2363  90   LEU A CA  
3   C  C   . LEU A 9  ? 1.4316 1.7676 1.3108 -0.5440 -0.0254 0.2488  90   LEU A C   
4   O  O   . LEU A 9  ? 1.4515 1.7780 1.3209 -0.5441 -0.0201 0.2603  90   LEU A O   
5   C  CB  . LEU A 9  ? 1.3967 1.8340 1.3066 -0.5640 -0.0135 0.2317  90   LEU A CB  
6   N  N   . GLU A 10 ? 1.4331 1.7478 1.3028 -0.5273 -0.0321 0.2455  91   GLU A N   
7   C  CA  . GLU A 10 ? 1.4406 1.7211 1.2892 -0.5068 -0.0337 0.2541  91   GLU A CA  
8   C  C   . GLU A 10 ? 1.3795 1.6893 1.2156 -0.4913 -0.0251 0.2559  91   GLU A C   
9   O  O   . GLU A 10 ? 1.3886 1.7278 1.2202 -0.4767 -0.0226 0.2475  91   GLU A O   
10  C  CB  . GLU A 10 ? 1.4785 1.7394 1.3211 -0.4920 -0.0409 0.2478  91   GLU A CB  
11  C  CG  . GLU A 10 ? 1.5505 1.7833 1.4061 -0.5050 -0.0505 0.2434  91   GLU A CG  
12  C  CD  . GLU A 10 ? 1.5658 1.7970 1.4183 -0.4932 -0.0551 0.2335  91   GLU A CD  
13  O  OE1 . GLU A 10 ? 1.5523 1.8194 1.3979 -0.4814 -0.0493 0.2272  91   GLU A OE1 
14  O  OE2 . GLU A 10 ? 1.5903 1.7839 1.4463 -0.4955 -0.0642 0.2320  91   GLU A OE2 
15  N  N   . LEU A 11 ? 1.3303 1.6306 1.1604 -0.4940 -0.0206 0.2665  92   LEU A N   
16  C  CA  . LEU A 11 ? 1.2357 1.5628 1.0558 -0.4802 -0.0127 0.2674  92   LEU A CA  
17  C  C   . LEU A 11 ? 1.2094 1.4991 1.0145 -0.4679 -0.0135 0.2776  92   LEU A C   
18  O  O   . LEU A 11 ? 1.2009 1.4992 0.9958 -0.4490 -0.0100 0.2762  92   LEU A O   
19  C  CB  . LEU A 11 ? 1.2236 1.5935 1.0537 -0.4972 -0.0033 0.2677  92   LEU A CB  
20  C  CG  . LEU A 11 ? 1.1650 1.5841 0.9916 -0.4842 0.0046  0.2613  92   LEU A CG  
21  C  CD1 . LEU A 11 ? 1.1540 1.6280 0.9983 -0.5015 0.0109  0.2538  92   LEU A CD1 
22  C  CD2 . LEU A 11 ? 1.1607 1.5711 0.9743 -0.4759 0.0102  0.2704  92   LEU A CD2 
23  N  N   . GLN A 12 ? 1.2031 1.4506 1.0071 -0.4782 -0.0184 0.2872  93   GLN A N   
24  C  CA  . GLN A 12 ? 1.1818 1.3938 0.9719 -0.4678 -0.0199 0.2969  93   GLN A CA  
25  C  C   . GLN A 12 ? 1.1224 1.3137 0.9047 -0.4438 -0.0261 0.2918  93   GLN A C   
26  O  O   . GLN A 12 ? 1.1634 1.3308 0.9350 -0.4313 -0.0273 0.2970  93   GLN A O   
27  C  CB  . GLN A 12 ? 1.2043 1.3760 0.9946 -0.4847 -0.0246 0.3080  93   GLN A CB  
28  N  N   . GLY A 13 ? 1.0662 1.2677 0.8541 -0.4382 -0.0293 0.2815  94   GLY A N   
29  C  CA  . GLY A 13 ? 1.0256 1.2126 0.8071 -0.4160 -0.0332 0.2753  94   GLY A CA  
30  C  C   . GLY A 13 ? 0.9487 1.1604 0.7233 -0.3968 -0.0265 0.2696  94   GLY A C   
31  O  O   . GLY A 13 ? 0.9024 1.0976 0.6702 -0.3773 -0.0277 0.2667  94   GLY A O   
32  N  N   . LEU A 14 ? 0.9032 1.1548 0.6806 -0.4024 -0.0190 0.2676  95   LEU A N   
33  C  CA  . LEU A 14 ? 0.8671 1.1423 0.6382 -0.3848 -0.0125 0.2623  95   LEU A CA  
34  C  C   . LEU A 14 ? 0.8479 1.1066 0.6101 -0.3782 -0.0095 0.2702  95   LEU A C   
35  O  O   . LEU A 14 ? 0.8156 1.0830 0.5712 -0.3610 -0.0052 0.2661  95   LEU A O   
36  C  CB  . LEU A 14 ? 0.8237 1.1495 0.6011 -0.3935 -0.0057 0.2579  95   LEU A CB  
37  C  CG  . LEU A 14 ? 0.8191 1.1705 0.6044 -0.3982 -0.0075 0.2482  95   LEU A CG  
38  C  CD1 . LEU A 14 ? 0.8038 1.2098 0.5971 -0.4086 -0.0007 0.2440  95   LEU A CD1 
39  C  CD2 . LEU A 14 ? 0.8069 1.1519 0.5851 -0.3744 -0.0094 0.2386  95   LEU A CD2 
40  N  N   . GLY A 15 ? 0.8564 1.0896 0.6172 -0.3920 -0.0119 0.2815  96   GLY A N   
41  C  CA  . GLY A 15 ? 0.8194 1.0374 0.5698 -0.3885 -0.0089 0.2902  96   GLY A CA  
42  C  C   . GLY A 15 ? 0.9152 1.0968 0.6576 -0.3714 -0.0145 0.2907  96   GLY A C   
43  O  O   . GLY A 15 ? 0.9408 1.1129 0.6733 -0.3629 -0.0119 0.2950  96   GLY A O   
44  N  N   . VAL A 16 ? 0.9095 1.0723 0.6565 -0.3667 -0.0220 0.2860  97   VAL A N   
45  C  CA  . VAL A 16 ? 0.9194 1.0509 0.6611 -0.3513 -0.0276 0.2854  97   VAL A CA  
46  C  C   . VAL A 16 ? 0.8481 0.9900 0.5852 -0.3291 -0.0231 0.2761  97   VAL A C   
47  O  O   . VAL A 16 ? 0.8475 1.0162 0.5874 -0.3230 -0.0183 0.2674  97   VAL A O   
48  C  CB  . VAL A 16 ? 0.9405 1.0523 0.6887 -0.3525 -0.0360 0.2820  97   VAL A CB  
49  C  CG1 . VAL A 16 ? 0.9327 1.0113 0.6764 -0.3412 -0.0425 0.2840  97   VAL A CG1 
50  C  CG2 . VAL A 16 ? 0.9649 1.0697 0.7191 -0.3753 -0.0398 0.2889  97   VAL A CG2 
51  N  N   . ASP A 17 ? 0.7667 0.8869 0.4962 -0.3171 -0.0247 0.2783  98   ASP A N   
52  C  CA  . ASP A 17 ? 0.8436 0.9676 0.5690 -0.2962 -0.0213 0.2691  98   ASP A CA  
53  C  C   . ASP A 17 ? 0.7163 0.8421 0.4485 -0.2873 -0.0231 0.2580  98   ASP A C   
54  O  O   . ASP A 17 ? 0.7163 0.8269 0.4538 -0.2928 -0.0294 0.2586  98   ASP A O   
55  C  CB  . ASP A 17 ? 0.8712 0.9694 0.5883 -0.2868 -0.0244 0.2731  98   ASP A CB  
56  C  CG  . ASP A 17 ? 0.9119 1.0103 0.6252 -0.2663 -0.0215 0.2633  98   ASP A CG  
57  O  OD1 . ASP A 17 ? 0.9424 1.0571 0.6501 -0.2588 -0.0144 0.2601  98   ASP A OD1 
58  O  OD2 . ASP A 17 ? 0.9045 0.9864 0.6204 -0.2580 -0.0261 0.2589  98   ASP A OD2 
59  N  N   . VAL A 18 ? 0.6962 0.8389 0.4269 -0.2736 -0.0172 0.2481  99   VAL A N   
60  C  CA  . VAL A 18 ? 0.6734 0.8184 0.4078 -0.2645 -0.0174 0.2375  99   VAL A CA  
61  C  C   . VAL A 18 ? 0.6662 0.7839 0.4018 -0.2579 -0.0227 0.2356  99   VAL A C   
62  O  O   . VAL A 18 ? 0.6580 0.7717 0.3984 -0.2600 -0.0255 0.2319  99   VAL A O   
63  C  CB  . VAL A 18 ? 0.6579 0.8174 0.3868 -0.2474 -0.0103 0.2279  99   VAL A CB  
64  C  CG1 . VAL A 18 ? 0.7213 0.8808 0.4518 -0.2382 -0.0098 0.2176  99   VAL A CG1 
65  C  CG2 . VAL A 18 ? 0.7179 0.9084 0.4460 -0.2537 -0.0051 0.2294  99   VAL A CG2 
66  N  N   . TYR A 19 ? 0.6713 0.7714 0.4020 -0.2506 -0.0242 0.2386  100  TYR A N   
67  C  CA  . TYR A 19 ? 0.6658 0.7450 0.3975 -0.2425 -0.0283 0.2356  100  TYR A CA  
68  C  C   . TYR A 19 ? 0.7010 0.7606 0.4361 -0.2542 -0.0372 0.2446  100  TYR A C   
69  O  O   . TYR A 19 ? 0.6774 0.7193 0.4129 -0.2495 -0.0420 0.2445  100  TYR A O   
70  C  CB  . TYR A 19 ? 0.6587 0.7313 0.3828 -0.2278 -0.0255 0.2326  100  TYR A CB  
71  C  CG  . TYR A 19 ? 0.6457 0.7338 0.3654 -0.2157 -0.0174 0.2237  100  TYR A CG  
72  C  CD1 . TYR A 19 ? 0.6281 0.7170 0.3490 -0.2064 -0.0146 0.2138  100  TYR A CD1 
73  C  CD2 . TYR A 19 ? 0.6635 0.7648 0.3763 -0.2142 -0.0124 0.2257  100  TYR A CD2 
74  C  CE1 . TYR A 19 ? 0.6306 0.7301 0.3452 -0.1947 -0.0079 0.2062  100  TYR A CE1 
75  C  CE2 . TYR A 19 ? 0.7001 0.8164 0.4079 -0.2043 -0.0066 0.2182  100  TYR A CE2 
76  C  CZ  . TYR A 19 ? 0.6665 0.7811 0.3747 -0.1947 -0.0050 0.2088  100  TYR A CZ  
77  O  OH  . TYR A 19 ? 0.6808 0.8079 0.3817 -0.1848 -0.0003 0.2020  100  TYR A OH  
78  N  N   . ASP A 20 ? 0.6969 0.7595 0.4341 -0.2699 -0.0395 0.2524  101  ASP A N   
79  C  CA  . ASP A 20 ? 0.7169 0.7588 0.4567 -0.2824 -0.0482 0.2613  101  ASP A CA  
80  C  C   . ASP A 20 ? 0.7588 0.7980 0.5059 -0.2867 -0.0515 0.2567  101  ASP A C   
81  O  O   . ASP A 20 ? 0.6955 0.7538 0.4453 -0.2881 -0.0470 0.2504  101  ASP A O   
82  C  CB  . ASP A 20 ? 0.7440 0.7879 0.4817 -0.2985 -0.0484 0.2718  101  ASP A CB  
83  C  CG  . ASP A 20 ? 0.8799 0.8954 0.6172 -0.3102 -0.0580 0.2826  101  ASP A CG  
84  O  OD1 . ASP A 20 ? 0.8278 0.8318 0.5715 -0.3161 -0.0640 0.2820  101  ASP A OD1 
85  O  OD2 . ASP A 20 ? 0.9943 0.9973 0.7239 -0.3135 -0.0596 0.2920  101  ASP A OD2 
86  N  N   . GLN A 21 ? 0.7163 0.7319 0.4654 -0.2886 -0.0597 0.2604  102  GLN A N   
87  C  CA  . GLN A 21 ? 0.7124 0.7201 0.4672 -0.2929 -0.0639 0.2574  102  GLN A CA  
88  C  C   . GLN A 21 ? 0.7387 0.7545 0.4971 -0.3081 -0.0642 0.2589  102  GLN A C   
89  O  O   . GLN A 21 ? 0.7110 0.7337 0.4723 -0.3097 -0.0631 0.2525  102  GLN A O   
90  C  CB  . GLN A 21 ? 0.8485 0.8265 0.6043 -0.2957 -0.0745 0.2647  102  GLN A CB  
91  C  CG  . GLN A 21 ? 0.8592 0.8257 0.6202 -0.2974 -0.0793 0.2617  102  GLN A CG  
92  C  CD  . GLN A 21 ? 0.8522 0.7870 0.6146 -0.3026 -0.0918 0.2708  102  GLN A CD  
93  O  OE1 . GLN A 21 ? 0.8251 0.7455 0.5845 -0.3098 -0.0975 0.2803  102  GLN A OE1 
94  N  NE2 . GLN A 21 ? 0.8641 0.7869 0.6302 -0.2989 -0.0964 0.2685  102  GLN A NE2 
95  N  N   . ASP A 22 ? 0.7914 0.8056 0.5487 -0.3204 -0.0656 0.2677  103  ASP A N   
96  C  CA  . ASP A 22 ? 0.8214 0.8406 0.5833 -0.3381 -0.0668 0.2705  103  ASP A CA  
97  C  C   . ASP A 22 ? 0.8207 0.8736 0.5845 -0.3387 -0.0588 0.2622  103  ASP A C   
98  O  O   . ASP A 22 ? 0.8187 0.8791 0.5873 -0.3526 -0.0600 0.2617  103  ASP A O   
99  C  CB  . ASP A 22 ? 0.8855 0.8965 0.6447 -0.3511 -0.0682 0.2820  103  ASP A CB  
100 C  CG  . ASP A 22 ? 0.9516 0.9248 0.7087 -0.3549 -0.0785 0.2912  103  ASP A CG  
101 O  OD1 . ASP A 22 ? 0.9979 0.9520 0.7586 -0.3519 -0.0858 0.2890  103  ASP A OD1 
102 O  OD2 . ASP A 22 ? 1.0164 0.9781 0.7673 -0.3609 -0.0795 0.3011  103  ASP A OD2 
103 N  N   . VAL A 23 ? 0.7181 0.7906 0.4780 -0.3238 -0.0514 0.2554  104  VAL A N   
104 C  CA  . VAL A 23 ? 0.7715 0.8756 0.5318 -0.3217 -0.0445 0.2471  104  VAL A CA  
105 C  C   . VAL A 23 ? 0.7477 0.8525 0.5085 -0.3174 -0.0451 0.2385  104  VAL A C   
106 O  O   . VAL A 23 ? 0.6783 0.8060 0.4395 -0.3216 -0.0421 0.2332  104  VAL A O   
107 C  CB  . VAL A 23 ? 0.8197 0.9393 0.5747 -0.3052 -0.0370 0.2421  104  VAL A CB  
108 C  CG1 . VAL A 23 ? 0.8336 0.9861 0.5884 -0.3033 -0.0306 0.2347  104  VAL A CG1 
109 C  CG2 . VAL A 23 ? 0.8157 0.9325 0.5677 -0.3093 -0.0361 0.2510  104  VAL A CG2 
110 N  N   . LEU A 24 ? 0.6899 0.7712 0.4500 -0.3094 -0.0487 0.2371  105  LEU A N   
111 C  CA  . LEU A 24 ? 0.6689 0.7489 0.4273 -0.3048 -0.0482 0.2292  105  LEU A CA  
112 C  C   . LEU A 24 ? 0.8441 0.9190 0.6067 -0.3233 -0.0540 0.2323  105  LEU A C   
113 O  O   . LEU A 24 ? 0.9064 0.9584 0.6739 -0.3348 -0.0616 0.2403  105  LEU A O   
114 C  CB  . LEU A 24 ? 0.6625 0.7204 0.4195 -0.2929 -0.0498 0.2274  105  LEU A CB  
115 C  CG  . LEU A 24 ? 0.7027 0.7616 0.4570 -0.2775 -0.0455 0.2255  105  LEU A CG  
116 C  CD1 . LEU A 24 ? 0.7008 0.7389 0.4555 -0.2702 -0.0486 0.2257  105  LEU A CD1 
117 C  CD2 . LEU A 24 ? 0.6531 0.7320 0.4022 -0.2639 -0.0365 0.2154  105  LEU A CD2 
118 N  N   . GLU A 25 ? 0.8200 0.9144 0.5799 -0.3261 -0.0506 0.2256  106  GLU A N   
119 C  CA  . GLU A 25 ? 0.9127 1.0035 0.6773 -0.3455 -0.0559 0.2274  106  GLU A CA  
120 C  C   . GLU A 25 ? 0.9201 1.0042 0.6779 -0.3408 -0.0554 0.2203  106  GLU A C   
121 O  O   . GLU A 25 ? 0.9739 1.0698 0.7214 -0.3243 -0.0487 0.2119  106  GLU A O   
122 C  CB  . GLU A 25 ? 0.9367 1.0587 0.7051 -0.3594 -0.0534 0.2271  106  GLU A CB  
123 C  CG  . GLU A 25 ? 0.9478 1.0705 0.7225 -0.3679 -0.0542 0.2360  106  GLU A CG  
124 C  CD  . GLU A 25 ? 1.0072 1.1597 0.7888 -0.3859 -0.0520 0.2365  106  GLU A CD  
125 O  OE1 . GLU A 25 ? 0.9960 1.1774 0.7760 -0.3869 -0.0484 0.2286  106  GLU A OE1 
126 O  OE2 . GLU A 25 ? 1.0450 1.1929 0.8331 -0.3990 -0.0536 0.2443  106  GLU A OE2 
127 N  N   . GLN A 26 ? 0.9606 1.0235 0.7249 -0.3561 -0.0628 0.2231  107  GLN A N   
128 C  CA  . GLN A 26 ? 1.0130 1.0502 0.7748 -0.3526 -0.0659 0.2211  107  GLN A CA  
129 C  C   . GLN A 26 ? 0.9697 1.0160 0.7177 -0.3335 -0.0582 0.2095  107  GLN A C   
130 O  O   . GLN A 26 ? 0.9771 1.0494 0.7139 -0.3267 -0.0511 0.2028  107  GLN A O   
131 C  CB  . GLN A 26 ? 1.1119 1.1333 0.8918 -0.3617 -0.0761 0.2115  107  GLN A CB  
132 C  CG  . GLN A 26 ? 1.2185 1.2163 1.0100 -0.3819 -0.0856 0.2249  107  GLN A CG  
133 C  CD  . GLN A 26 ? 1.2821 1.3026 1.0758 -0.3971 -0.0827 0.2322  107  GLN A CD  
134 O  OE1 . GLN A 26 ? 1.2808 1.3366 1.0696 -0.3967 -0.0748 0.2275  107  GLN A OE1 
135 N  NE2 . GLN A 26 ? 1.3283 1.3298 1.1295 -0.4054 -0.0890 0.2404  107  GLN A NE2 
136 N  N   . GLY A 27 ? 0.8958 0.9199 0.6454 -0.3230 -0.0598 0.2062  108  GLY A N   
137 C  CA  . GLY A 27 ? 0.7909 0.8179 0.5317 -0.3048 -0.0533 0.1922  108  GLY A CA  
138 C  C   . GLY A 27 ? 0.7076 0.7353 0.4321 -0.2953 -0.0448 0.1990  108  GLY A C   
139 O  O   . GLY A 27 ? 0.6758 0.6902 0.4097 -0.2926 -0.0479 0.2047  108  GLY A O   
140 N  N   . VAL A 28 ? 0.6667 0.7100 0.3772 -0.2807 -0.0355 0.1888  109  VAL A N   
141 C  CA  . VAL A 28 ? 0.6404 0.6808 0.3481 -0.2617 -0.0279 0.1829  109  VAL A CA  
142 C  C   . VAL A 28 ? 0.6360 0.6785 0.3550 -0.2544 -0.0279 0.1862  109  VAL A C   
143 O  O   . VAL A 28 ? 0.6200 0.6524 0.3422 -0.2465 -0.0261 0.1864  109  VAL A O   
144 C  CB  . VAL A 28 ? 0.6380 0.6901 0.3294 -0.2461 -0.0184 0.1704  109  VAL A CB  
145 C  CG1 . VAL A 28 ? 0.6227 0.6955 0.3134 -0.2420 -0.0176 0.1674  109  VAL A CG1 
146 C  CG2 . VAL A 28 ? 0.6466 0.6902 0.3357 -0.2292 -0.0101 0.1649  109  VAL A CG2 
147 N  N   . LEU A 29 ? 0.6239 0.6801 0.3476 -0.2580 -0.0299 0.1890  110  LEU A N   
148 C  CA  . LEU A 29 ? 0.6467 0.7038 0.3775 -0.2510 -0.0295 0.1919  110  LEU A CA  
149 C  C   . LEU A 29 ? 0.6540 0.6940 0.3945 -0.2594 -0.0375 0.2018  110  LEU A C   
150 O  O   . LEU A 29 ? 0.6213 0.6554 0.3645 -0.2509 -0.0369 0.2029  110  LEU A O   
151 C  CB  . LEU A 29 ? 0.6148 0.6924 0.3469 -0.2530 -0.0287 0.1924  110  LEU A CB  
152 C  CG  . LEU A 29 ? 0.6068 0.7017 0.3288 -0.2425 -0.0217 0.1826  110  LEU A CG  
153 C  CD1 . LEU A 29 ? 0.6862 0.8030 0.4105 -0.2431 -0.0206 0.1835  110  LEU A CD1 
154 C  CD2 . LEU A 29 ? 0.5966 0.6823 0.3104 -0.2221 -0.0141 0.1739  110  LEU A CD2 
155 N  N   . GLN A 30 ? 0.6430 0.6732 0.3881 -0.2756 -0.0455 0.2091  111  GLN A N   
156 C  CA  . GLN A 30 ? 0.6780 0.6864 0.4311 -0.2824 -0.0545 0.2185  111  GLN A CA  
157 C  C   . GLN A 30 ? 0.7127 0.7074 0.4651 -0.2752 -0.0540 0.2168  111  GLN A C   
158 O  O   . GLN A 30 ? 0.7079 0.6924 0.4648 -0.2717 -0.0579 0.2214  111  GLN A O   
159 C  CB  . GLN A 30 ? 0.6793 0.6739 0.4379 -0.3010 -0.0638 0.2258  111  GLN A CB  
160 C  CG  . GLN A 30 ? 0.7853 0.7911 0.5472 -0.3118 -0.0654 0.2301  111  GLN A CG  
161 C  CD  . GLN A 30 ? 0.8419 0.8317 0.6106 -0.3312 -0.0742 0.2354  111  GLN A CD  
162 O  OE1 . GLN A 30 ? 0.8287 0.8049 0.5982 -0.3363 -0.0774 0.2328  111  GLN A OE1 
163 N  NE2 . GLN A 30 ? 0.8068 0.7963 0.5807 -0.3427 -0.0781 0.2421  111  GLN A NE2 
164 N  N   . GLN A 31 ? 0.6503 0.6467 0.3960 -0.2735 -0.0489 0.2101  112  GLN A N   
165 C  CA  . GLN A 31 ? 0.6796 0.6668 0.4231 -0.2678 -0.0459 0.2074  112  GLN A CA  
166 C  C   . GLN A 31 ? 0.6895 0.6836 0.4324 -0.2531 -0.0392 0.2030  112  GLN A C   
167 O  O   . GLN A 31 ? 0.6811 0.6660 0.4287 -0.2520 -0.0418 0.2063  112  GLN A O   
168 C  CB  . GLN A 31 ? 0.7054 0.6967 0.4372 -0.2678 -0.0387 0.1996  112  GLN A CB  
169 C  CG  . GLN A 31 ? 0.7545 0.7392 0.4848 -0.2621 -0.0334 0.1942  112  GLN A CG  
170 C  CD  . GLN A 31 ? 0.8381 0.8260 0.5693 -0.2534 -0.0286 0.1765  112  GLN A CD  
171 O  OE1 . GLN A 31 ? 0.8137 0.8085 0.5395 -0.2548 -0.0292 0.1717  112  GLN A OE1 
172 N  NE2 . GLN A 31 ? 0.8477 0.8319 0.5859 -0.2445 -0.0241 0.1660  112  GLN A NE2 
173 N  N   . VAL A 32 ? 0.6190 0.6279 0.3564 -0.2427 -0.0316 0.1958  113  VAL A N   
174 C  CA  . VAL A 32 ? 0.6066 0.6188 0.3431 -0.2294 -0.0258 0.1914  113  VAL A CA  
175 C  C   . VAL A 32 ? 0.6093 0.6172 0.3534 -0.2310 -0.0328 0.1990  113  VAL A C   
176 O  O   . VAL A 32 ? 0.6064 0.6096 0.3520 -0.2261 -0.0327 0.1994  113  VAL A O   
177 C  CB  . VAL A 32 ? 0.6404 0.6652 0.3692 -0.2180 -0.0177 0.1831  113  VAL A CB  
178 C  CG1 . VAL A 32 ? 0.5873 0.6120 0.3154 -0.2058 -0.0137 0.1802  113  VAL A CG1 
179 C  CG2 . VAL A 32 ? 0.5956 0.6220 0.3133 -0.2129 -0.0101 0.1746  113  VAL A CG2 
180 N  N   . ASP A 33 ? 0.6169 0.6271 0.3645 -0.2386 -0.0386 0.2052  114  ASP A N   
181 C  CA  . ASP A 33 ? 0.6236 0.6292 0.3756 -0.2405 -0.0448 0.2128  114  ASP A CA  
182 C  C   . ASP A 33 ? 0.6356 0.6235 0.3924 -0.2457 -0.0537 0.2205  114  ASP A C   
183 O  O   . ASP A 33 ? 0.6356 0.6195 0.3930 -0.2412 -0.0561 0.2229  114  ASP A O   
184 C  CB  . ASP A 33 ? 0.6344 0.6443 0.3882 -0.2503 -0.0487 0.2188  114  ASP A CB  
185 C  CG  . ASP A 33 ? 0.6419 0.6499 0.3963 -0.2498 -0.0519 0.2253  114  ASP A CG  
186 O  OD1 . ASP A 33 ? 0.6312 0.6484 0.3818 -0.2395 -0.0459 0.2208  114  ASP A OD1 
187 O  OD2 . ASP A 33 ? 0.6646 0.6598 0.4217 -0.2597 -0.0605 0.2351  114  ASP A OD2 
188 N  N   . ASN A 34 ? 0.6475 0.6241 0.4074 -0.2554 -0.0595 0.2245  115  ASN A N   
189 C  CA  . ASN A 34 ? 0.6780 0.6358 0.4433 -0.2603 -0.0693 0.2322  115  ASN A CA  
190 C  C   . ASN A 34 ? 0.7182 0.6790 0.4829 -0.2527 -0.0650 0.2281  115  ASN A C   
191 O  O   . ASN A 34 ? 0.6730 0.6259 0.4408 -0.2522 -0.0721 0.2341  115  ASN A O   
192 C  CB  . ASN A 34 ? 0.7012 0.6447 0.4698 -0.2710 -0.0750 0.2354  115  ASN A CB  
193 C  CG  . ASN A 34 ? 0.7413 0.6753 0.5122 -0.2817 -0.0825 0.2416  115  ASN A CG  
194 O  OD1 . ASN A 34 ? 0.7120 0.6471 0.4825 -0.2821 -0.0852 0.2463  115  ASN A OD1 
195 N  ND2 . ASN A 34 ? 0.7864 0.7102 0.5596 -0.2916 -0.0858 0.2417  115  ASN A ND2 
196 N  N   . ALA A 35 ? 0.6369 0.6089 0.3966 -0.2472 -0.0535 0.2181  116  ALA A N   
197 C  CA  . ALA A 35 ? 0.6586 0.6339 0.4173 -0.2420 -0.0475 0.2137  116  ALA A CA  
198 C  C   . ALA A 35 ? 0.6633 0.6430 0.4210 -0.2342 -0.0469 0.2128  116  ALA A C   
199 O  O   . ALA A 35 ? 0.6377 0.6137 0.3984 -0.2356 -0.0506 0.2161  116  ALA A O   
200 C  CB  . ALA A 35 ? 0.6186 0.6031 0.3691 -0.2366 -0.0340 0.2025  116  ALA A CB  
201 N  N   . ILE A 36 ? 0.6136 0.6011 0.3669 -0.2271 -0.0428 0.2087  117  ILE A N   
202 C  CA  . ILE A 36 ? 0.6074 0.5980 0.3581 -0.2192 -0.0409 0.2067  117  ILE A CA  
203 C  C   . ILE A 36 ? 0.6689 0.6524 0.4227 -0.2233 -0.0521 0.2166  117  ILE A C   
204 O  O   . ILE A 36 ? 0.6272 0.6091 0.3799 -0.2210 -0.0546 0.2179  117  ILE A O   
205 C  CB  . ILE A 36 ? 0.5969 0.5968 0.3413 -0.2093 -0.0323 0.1991  117  ILE A CB  
206 C  CG1 . ILE A 36 ? 0.6013 0.6058 0.3468 -0.2130 -0.0351 0.2030  117  ILE A CG1 
207 C  CG2 . ILE A 36 ? 0.5882 0.5920 0.3269 -0.2029 -0.0219 0.1895  117  ILE A CG2 
208 C  CD1 . ILE A 36 ? 0.5926 0.6079 0.3323 -0.2034 -0.0273 0.1967  117  ILE A CD1 
209 N  N   . HIS A 37 ? 0.6315 0.6093 0.3879 -0.2302 -0.0594 0.2241  118  HIS A N   
210 C  CA  . HIS A 37 ? 0.6477 0.6151 0.4050 -0.2339 -0.0705 0.2345  118  HIS A CA  
211 C  C   . HIS A 37 ? 0.6743 0.6279 0.4363 -0.2392 -0.0816 0.2420  118  HIS A C   
212 O  O   . HIS A 37 ? 0.6780 0.6266 0.4389 -0.2381 -0.0890 0.2472  118  HIS A O   
213 C  CB  . HIS A 37 ? 0.6616 0.6239 0.4190 -0.2407 -0.0749 0.2409  118  HIS A CB  
214 C  CG  . HIS A 37 ? 0.6544 0.6304 0.4073 -0.2368 -0.0667 0.2368  118  HIS A CG  
215 N  ND1 . HIS A 37 ? 0.6623 0.6386 0.4104 -0.2348 -0.0679 0.2411  118  HIS A ND1 
216 C  CD2 . HIS A 37 ? 0.6422 0.6321 0.3942 -0.2347 -0.0577 0.2296  118  HIS A CD2 
217 C  CE1 . HIS A 37 ? 0.6553 0.6454 0.4005 -0.2321 -0.0597 0.2369  118  HIS A CE1 
218 N  NE2 . HIS A 37 ? 0.6429 0.6416 0.3906 -0.2319 -0.0540 0.2299  118  HIS A NE2 
219 N  N   . GLU A 38 ? 0.6640 0.6115 0.4312 -0.2452 -0.0835 0.2431  119  GLU A N   
220 C  CA  . GLU A 38 ? 0.7747 0.7090 0.5481 -0.2503 -0.0946 0.2510  119  GLU A CA  
221 C  C   . GLU A 38 ? 0.7283 0.6724 0.5021 -0.2474 -0.0908 0.2474  119  GLU A C   
222 O  O   . GLU A 38 ? 0.7450 0.6812 0.5220 -0.2496 -0.1024 0.2556  119  GLU A O   
223 C  CB  . GLU A 38 ? 0.7390 0.6646 0.5181 -0.2574 -0.0958 0.2519  119  GLU A CB  
224 C  CG  . GLU A 38 ? 0.7505 0.6567 0.5312 -0.2634 -0.1068 0.2598  119  GLU A CG  
225 C  CD  . GLU A 38 ? 0.8017 0.7032 0.5850 -0.2701 -0.1039 0.2569  119  GLU A CD  
226 O  OE1 . GLU A 38 ? 0.8025 0.7120 0.5940 -0.2659 -0.0972 0.2453  119  GLU A OE1 
227 O  OE2 . GLU A 38 ? 0.8266 0.7200 0.6089 -0.2750 -0.1074 0.2593  119  GLU A OE2 
228 N  N   . ALA A 39 ? 0.6565 0.6158 0.4263 -0.2427 -0.0756 0.2358  120  ALA A N   
229 C  CA  . ALA A 39 ? 0.6534 0.6213 0.4223 -0.2411 -0.0705 0.2315  120  ALA A CA  
230 C  C   . ALA A 39 ? 0.6635 0.6314 0.4280 -0.2370 -0.0761 0.2340  120  ALA A C   
231 O  O   . ALA A 39 ? 0.6453 0.6148 0.4111 -0.2398 -0.0804 0.2368  120  ALA A O   
232 C  CB  . ALA A 39 ? 0.6401 0.6190 0.4031 -0.2353 -0.0537 0.2185  120  ALA A CB  
233 N  N   . SER A 40 ? 0.6568 0.6242 0.4161 -0.2313 -0.0758 0.2333  121  SER A N   
234 C  CA  . SER A 40 ? 0.7054 0.6727 0.4591 -0.2272 -0.0799 0.2352  121  SER A CA  
235 C  C   . SER A 40 ? 0.7465 0.7014 0.5024 -0.2324 -0.0971 0.2480  121  SER A C   
236 O  O   . SER A 40 ? 0.7193 0.6738 0.4729 -0.2326 -0.1039 0.2512  121  SER A O   
237 C  CB  . SER A 40 ? 0.6936 0.6646 0.4415 -0.2206 -0.0739 0.2318  121  SER A CB  
238 O  OG  . SER A 40 ? 0.6656 0.6463 0.4110 -0.2142 -0.0603 0.2207  121  SER A OG  
239 N  N   . ARG A 41 ? 0.6796 0.6223 0.4393 -0.2367 -0.1056 0.2559  122  ARG A N   
240 C  CA  . ARG A 41 ? 0.7230 0.6483 0.4839 -0.2397 -0.1242 0.2688  122  ARG A CA  
241 C  C   . ARG A 41 ? 0.7472 0.6709 0.5155 -0.2438 -0.1334 0.2736  122  ARG A C   
242 O  O   . ARG A 41 ? 0.7275 0.6462 0.4943 -0.2431 -0.1468 0.2806  122  ARG A O   
243 C  CB  . ARG A 41 ? 0.7659 0.6741 0.5288 -0.2435 -0.1314 0.2759  122  ARG A CB  
244 C  CG  . ARG A 41 ? 0.8147 0.6982 0.5789 -0.2449 -0.1529 0.2892  122  ARG A CG  
245 C  CD  . ARG A 41 ? 0.7906 0.6693 0.5458 -0.2399 -0.1621 0.2945  122  ARG A CD  
246 N  NE  . ARG A 41 ? 0.7621 0.6490 0.5066 -0.2370 -0.1511 0.2907  122  ARG A NE  
247 C  CZ  . ARG A 41 ? 0.8301 0.7058 0.5682 -0.2386 -0.1517 0.2955  122  ARG A CZ  
248 N  NH1 . ARG A 41 ? 0.8175 0.6711 0.5577 -0.2430 -0.1626 0.3036  122  ARG A NH1 
249 N  NH2 . ARG A 41 ? 0.8530 0.7387 0.5821 -0.2360 -0.1413 0.2927  122  ARG A NH2 
250 N  N   . ALA A 42 ? 0.7230 0.6524 0.4991 -0.2486 -0.1262 0.2700  123  ALA A N   
251 C  CA  . ALA A 42 ? 0.7685 0.7066 0.5665 -0.2456 -0.1294 0.2607  123  ALA A CA  
252 C  C   . ALA A 42 ? 0.8004 0.7522 0.5939 -0.2466 -0.1261 0.2584  123  ALA A C   
253 O  O   . ALA A 42 ? 0.7773 0.7360 0.5912 -0.2409 -0.1354 0.2504  123  ALA A O   
254 C  CB  . ALA A 42 ? 0.7220 0.6714 0.5356 -0.2443 -0.1153 0.2454  123  ALA A CB  
255 N  N   . SER A 43 ? 0.7800 0.7378 0.5526 -0.2498 -0.1128 0.2591  124  SER A N   
256 C  CA  . SER A 43 ? 0.8411 0.8085 0.6079 -0.2498 -0.1094 0.2548  124  SER A CA  
257 C  C   . SER A 43 ? 0.8162 0.7762 0.5771 -0.2471 -0.1261 0.2632  124  SER A C   
258 O  O   . SER A 43 ? 0.8708 0.8353 0.6329 -0.2510 -0.1343 0.2660  124  SER A O   
259 C  CB  . SER A 43 ? 0.8999 0.8754 0.6579 -0.2418 -0.0912 0.2404  124  SER A CB  
260 O  OG  . SER A 43 ? 1.0195 1.0004 0.7713 -0.2422 -0.0886 0.2362  124  SER A OG  
261 N  N   . GLN A 44 ? 0.7875 0.7372 0.5430 -0.2403 -0.1309 0.2658  125  GLN A N   
262 C  CA  . GLN A 44 ? 0.7845 0.7249 0.5325 -0.2365 -0.1459 0.2733  125  GLN A CA  
263 C  C   . GLN A 44 ? 0.8254 0.7560 0.5799 -0.2397 -0.1690 0.2860  125  GLN A C   
264 O  O   . GLN A 44 ? 0.8604 0.7916 0.6117 -0.2381 -0.1825 0.2896  125  GLN A O   
265 C  CB  . GLN A 44 ? 0.8507 0.7802 0.5925 -0.2311 -0.1456 0.2755  125  GLN A CB  
266 C  CG  . GLN A 44 ? 0.8352 0.7742 0.5726 -0.2266 -0.1263 0.2653  125  GLN A CG  
267 C  CD  . GLN A 44 ? 0.8624 0.7918 0.5942 -0.2246 -0.1272 0.2701  125  GLN A CD  
268 O  OE1 . GLN A 44 ? 0.8915 0.8081 0.6270 -0.2285 -0.1350 0.2774  125  GLN A OE1 
269 N  NE2 . GLN A 44 ? 0.8703 0.8050 0.5925 -0.2189 -0.1194 0.2666  125  GLN A NE2 
270 N  N   . LEU A 45 ? 0.7926 0.7176 0.5647 -0.2384 -0.1729 0.2844  126  LEU A N   
271 C  CA  . LEU A 45 ? 0.8319 0.7550 0.6323 -0.2274 -0.1902 0.2756  126  LEU A CA  
272 C  C   . LEU A 45 ? 0.8002 0.7484 0.6286 -0.2235 -0.1883 0.2572  126  LEU A C   
273 O  O   . LEU A 45 ? 0.7930 0.7441 0.6370 -0.2151 -0.2050 0.2521  126  LEU A O   
274 C  CB  . LEU A 45 ? 0.8213 0.7350 0.6390 -0.2234 -0.1918 0.2711  126  LEU A CB  
275 C  CG  . LEU A 45 ? 0.8809 0.7658 0.6760 -0.2267 -0.1996 0.2891  126  LEU A CG  
276 C  CD1 . LEU A 45 ? 0.9227 0.7991 0.7330 -0.2253 -0.1976 0.2829  126  LEU A CD1 
277 C  CD2 . LEU A 45 ? 0.9599 0.8250 0.7480 -0.2192 -0.2228 0.2989  126  LEU A CD2 
278 N  N   . VAL A 46 ? 0.7808 0.7470 0.6154 -0.2297 -0.1684 0.2469  127  VAL A N   
279 C  CA  . VAL A 46 ? 0.8023 0.7929 0.6608 -0.2298 -0.1634 0.2302  127  VAL A CA  
280 C  C   . VAL A 46 ? 0.8432 0.8358 0.6882 -0.2320 -0.1714 0.2347  127  VAL A C   
281 O  O   . VAL A 46 ? 0.8667 0.8737 0.7351 -0.2277 -0.1814 0.2238  127  VAL A O   
282 C  CB  . VAL A 46 ? 0.7864 0.7906 0.6446 -0.2381 -0.1387 0.2217  127  VAL A CB  
283 C  CG1 . VAL A 46 ? 0.7857 0.8116 0.6597 -0.2425 -0.1319 0.2084  127  VAL A CG1 
284 C  CG2 . VAL A 46 ? 0.7489 0.7560 0.6265 -0.2342 -0.1315 0.2124  127  VAL A CG2 
285 N  N   . ASP A 47 ? 0.8359 0.8152 0.6438 -0.2380 -0.1677 0.2499  128  ASP A N   
286 C  CA  . ASP A 47 ? 0.9092 0.8880 0.6994 -0.2397 -0.1754 0.2546  128  ASP A CA  
287 C  C   . ASP A 47 ? 0.9430 0.9139 0.7380 -0.2300 -0.2004 0.2586  128  ASP A C   
288 O  O   . ASP A 47 ? 0.9336 0.9139 0.7360 -0.2278 -0.2105 0.2522  128  ASP A O   
289 C  CB  . ASP A 47 ? 0.9754 0.9416 0.7234 -0.2463 -0.1665 0.2702  128  ASP A CB  
290 C  CG  . ASP A 47 ? 1.0321 1.0066 0.7723 -0.2538 -0.1436 0.2638  128  ASP A CG  
291 O  OD1 . ASP A 47 ? 1.0330 1.0205 0.7970 -0.2561 -0.1337 0.2507  128  ASP A OD1 
292 O  OD2 . ASP A 47 ? 1.0436 1.0172 0.7746 -0.2456 -0.1308 0.2541  128  ASP A OD2 
293 N  N   . VAL A 48 ? 0.9427 0.8949 0.7322 -0.2243 -0.2112 0.2692  129  VAL A N   
294 C  CA  . VAL A 48 ? 0.9668 0.9066 0.7573 -0.2136 -0.2360 0.2740  129  VAL A CA  
295 C  C   . VAL A 48 ? 0.9639 0.9216 0.7970 -0.2036 -0.2478 0.2550  129  VAL A C   
296 O  O   . VAL A 48 ? 0.9152 0.8766 0.7546 -0.1960 -0.2659 0.2513  129  VAL A O   
297 C  CB  . VAL A 48 ? 1.0134 0.9257 0.7883 -0.2108 -0.2440 0.2897  129  VAL A CB  
298 C  CG1 . VAL A 48 ? 1.0276 0.9234 0.8013 -0.1986 -0.2705 0.2947  129  VAL A CG1 
299 C  CG2 . VAL A 48 ? 1.0074 0.9071 0.7440 -0.2205 -0.2316 0.3063  129  VAL A CG2 
300 N  N   . GLU A 49 ? 0.9566 0.9266 0.8190 -0.2028 -0.2378 0.2418  130  GLU A N   
301 C  CA  . GLU A 49 ? 0.9975 0.9892 0.9035 -0.1932 -0.2459 0.2216  130  GLU A CA  
302 C  C   . GLU A 49 ? 0.9695 0.9890 0.8915 -0.1979 -0.2425 0.2082  130  GLU A C   
303 O  O   . GLU A 49 ? 0.9472 0.9813 0.8946 -0.1891 -0.2589 0.1967  130  GLU A O   
304 C  CB  . GLU A 49 ? 1.0734 1.0746 1.0039 -0.1929 -0.2316 0.2100  130  GLU A CB  
305 C  CG  . GLU A 49 ? 1.1584 1.1748 1.1312 -0.1788 -0.2441 0.1920  130  GLU A CG  
306 C  CD  . GLU A 49 ? 1.2454 1.2467 1.2249 -0.1716 -0.2447 0.1916  130  GLU A CD  
307 O  OE1 . GLU A 49 ? 1.2655 1.2479 1.2196 -0.1798 -0.2331 0.2038  130  GLU A OE1 
308 O  OE2 . GLU A 49 ? 1.2790 1.2874 1.2891 -0.1573 -0.2576 0.1780  130  GLU A OE2 
309 N  N   . LYS A 50 ? 0.9461 0.9720 0.8529 -0.2118 -0.2218 0.2093  131  LYS A N   
310 C  CA  . LYS A 50 ? 0.9781 1.0253 0.8947 -0.2191 -0.2175 0.1982  131  LYS A CA  
311 C  C   . LYS A 50 ? 1.0080 1.0481 0.9084 -0.2153 -0.2376 0.2046  131  LYS A C   
312 O  O   . LYS A 50 ? 1.0160 1.0759 0.9402 -0.2136 -0.2476 0.1912  131  LYS A O   
313 C  CB  . LYS A 50 ? 0.9596 1.0069 0.8547 -0.2340 -0.1925 0.2008  131  LYS A CB  
314 C  CG  . LYS A 50 ? 0.9521 1.0118 0.8656 -0.2388 -0.1713 0.1907  131  LYS A CG  
315 N  N   . GLU A 51 ? 1.0386 1.0518 0.8988 -0.2142 -0.2435 0.2244  132  GLU A N   
316 C  CA  . GLU A 51 ? 1.1163 1.1195 0.9541 -0.2100 -0.2619 0.2324  132  GLU A CA  
317 C  C   . GLU A 51 ? 1.1018 1.1060 0.9604 -0.1947 -0.2888 0.2273  132  GLU A C   
318 O  O   . GLU A 51 ? 1.1134 1.1261 0.9764 -0.1905 -0.3045 0.2211  132  GLU A O   
319 C  CB  . GLU A 51 ? 1.2346 1.2095 1.0239 -0.2124 -0.2601 0.2553  132  GLU A CB  
320 C  CG  . GLU A 51 ? 1.3102 1.2846 1.0693 -0.2231 -0.2465 0.2600  132  GLU A CG  
321 C  CD  . GLU A 51 ? 1.3709 1.3555 1.1318 -0.2225 -0.2583 0.2512  132  GLU A CD  
322 O  OE1 . GLU A 51 ? 1.4125 1.3923 1.1730 -0.2122 -0.2811 0.2529  132  GLU A OE1 
323 O  OE2 . GLU A 51 ? 1.3808 1.3767 1.1427 -0.2321 -0.2454 0.2422  132  GLU A OE2 
324 N  N   . TYR A 52 ? 1.0470 1.0412 0.9174 -0.1854 -0.2951 0.2292  133  TYR A N   
325 C  CA  . TYR A 52 ? 1.0564 1.0493 0.9468 -0.1685 -0.3212 0.2236  133  TYR A CA  
326 C  C   . TYR A 52 ? 1.0316 1.0619 0.9718 -0.1647 -0.3247 0.1979  133  TYR A C   
327 O  O   . TYR A 52 ? 0.9920 1.0321 0.9456 -0.1545 -0.3462 0.1899  133  TYR A O   
328 C  CB  . TYR A 52 ? 1.0610 1.0325 0.9526 -0.1600 -0.3258 0.2303  133  TYR A CB  
329 C  CG  . TYR A 52 ? 1.0937 1.0630 1.0085 -0.1406 -0.3526 0.2223  133  TYR A CG  
330 C  CD1 . TYR A 52 ? 1.1051 1.0476 0.9931 -0.1294 -0.3771 0.2357  133  TYR A CD1 
331 C  CD2 . TYR A 52 ? 1.0768 1.0708 1.0386 -0.1319 -0.3537 0.2008  133  TYR A CD2 
332 C  CE1 . TYR A 52 ? 1.1170 1.0550 1.0236 -0.1098 -0.4031 0.2282  133  TYR A CE1 
333 C  CE2 . TYR A 52 ? 1.0918 1.0847 1.0749 -0.1118 -0.3794 0.1922  133  TYR A CE2 
334 C  CZ  . TYR A 52 ? 1.1078 1.0715 1.0628 -0.1005 -0.4046 0.2060  133  TYR A CZ  
335 O  OH  . TYR A 52 ? 1.1610 1.1213 1.1352 -0.0786 -0.4317 0.1971  133  TYR A OH  
336 N  N   . ARG A 53 ? 1.0021 1.0544 0.9692 -0.1729 -0.3033 0.1849  134  ARG A N   
337 C  CA  . ARG A 53 ? 1.0252 1.1168 1.0413 -0.1720 -0.3020 0.1602  134  ARG A CA  
338 C  C   . ARG A 53 ? 1.0220 1.1327 1.0423 -0.1795 -0.3057 0.1521  134  ARG A C   
339 O  O   . ARG A 53 ? 1.0123 1.1490 1.0673 -0.1722 -0.3208 0.1352  134  ARG A O   
340 C  CB  . ARG A 53 ? 1.0551 1.1636 1.0901 -0.1826 -0.2742 0.1507  134  ARG A CB  
341 C  CG  . ARG A 53 ? 1.1048 1.2563 1.1889 -0.1853 -0.2681 0.1256  134  ARG A CG  
342 C  CD  . ARG A 53 ? 1.1844 1.3525 1.3080 -0.1659 -0.2892 0.1107  134  ARG A CD  
343 N  NE  . ARG A 53 ? 1.2286 1.3991 1.3706 -0.1593 -0.2800 0.1045  134  ARG A NE  
344 C  CZ  . ARG A 53 ? 1.2573 1.4645 1.4435 -0.1585 -0.2696 0.0828  134  ARG A CZ  
345 N  NH1 . ARG A 53 ? 1.2681 1.5133 1.4863 -0.1653 -0.2667 0.0654  134  ARG A NH1 
346 N  NH2 . ARG A 53 ? 1.2705 1.4765 1.4686 -0.1512 -0.2620 0.0778  134  ARG A NH2 
347 N  N   . SER A 54 ? 1.0007 1.0988 0.9858 -0.1936 -0.2927 0.1634  135  SER A N   
348 C  CA  . SER A 54 ? 1.0083 1.1196 0.9922 -0.2021 -0.2954 0.1567  135  SER A CA  
349 C  C   . SER A 54 ? 1.0023 1.1094 0.9821 -0.1886 -0.3261 0.1573  135  SER A C   
350 O  O   . SER A 54 ? 1.0270 1.1579 1.0302 -0.1893 -0.3365 0.1419  135  SER A O   
351 C  CB  . SER A 54 ? 1.0275 1.1191 0.9673 -0.2164 -0.2781 0.1709  135  SER A CB  
352 O  OG  . SER A 54 ? 1.0294 1.1321 0.9682 -0.2257 -0.2792 0.1627  135  SER A OG  
353 N  N   . VAL A 55 ? 0.9782 1.0547 0.9275 -0.1765 -0.3407 0.1750  136  VAL A N   
354 C  CA  . VAL A 55 ? 1.0079 1.0750 0.9472 -0.1616 -0.3708 0.1781  136  VAL A CA  
355 C  C   . VAL A 55 ? 0.9725 1.0614 0.9583 -0.1453 -0.3902 0.1602  136  VAL A C   
356 O  O   . VAL A 55 ? 0.9804 1.0855 0.9828 -0.1369 -0.4114 0.1483  136  VAL A O   
357 C  CB  . VAL A 55 ? 1.0496 1.0748 0.9395 -0.1546 -0.3792 0.2038  136  VAL A CB  
358 C  CG1 . VAL A 55 ? 1.0915 1.1047 0.9704 -0.1373 -0.4114 0.2070  136  VAL A CG1 
359 C  CG2 . VAL A 55 ? 1.0450 1.0531 0.8897 -0.1690 -0.3618 0.2199  136  VAL A CG2 
360 N  N   . LEU A 56 ? 0.9004 0.9907 0.9075 -0.1403 -0.3832 0.1570  137  LEU A N   
361 C  CA  . LEU A 56 ? 0.9200 1.0318 0.9723 -0.1232 -0.4000 0.1388  137  LEU A CA  
362 C  C   . LEU A 56 ? 0.8863 1.0475 0.9889 -0.1284 -0.3972 0.1118  137  LEU A C   
363 O  O   . LEU A 56 ? 0.9177 1.1005 1.0515 -0.1138 -0.4200 0.0961  137  LEU A O   
364 C  CB  . LEU A 56 ? 0.9180 1.0224 0.9824 -0.1187 -0.3893 0.1391  137  LEU A CB  
365 C  CG  . LEU A 56 ? 0.9329 1.0512 1.0372 -0.0971 -0.4090 0.1229  137  LEU A CG  
366 C  CD1 . LEU A 56 ? 1.0096 1.1069 1.0976 -0.0773 -0.4435 0.1293  137  LEU A CD1 
367 C  CD2 . LEU A 56 ? 0.9676 1.0686 1.0728 -0.0928 -0.3993 0.1271  137  LEU A CD2 
368 N  N   . ASP A 57 ? 0.8532 1.0324 0.9633 -0.1492 -0.3697 0.1063  138  ASP A N   
369 C  CA  . ASP A 57 ? 0.9109 1.1357 1.0663 -0.1585 -0.3640 0.0821  138  ASP A CA  
370 C  C   . ASP A 57 ? 0.8888 1.1202 1.0390 -0.1588 -0.3836 0.0779  138  ASP A C   
371 O  O   . ASP A 57 ? 0.8763 1.1439 1.0689 -0.1542 -0.3973 0.0567  138  ASP A O   
372 C  CB  . ASP A 57 ? 0.9864 1.2210 1.1420 -0.1822 -0.3297 0.0802  138  ASP A CB  
373 C  CG  . ASP A 57 ? 1.0481 1.2799 1.2107 -0.1821 -0.3096 0.0817  138  ASP A CG  
374 O  OD1 . ASP A 57 ? 1.0734 1.3109 1.2598 -0.1651 -0.3208 0.0750  138  ASP A OD1 
375 O  OD2 . ASP A 57 ? 1.0788 1.3015 1.2220 -0.1984 -0.2832 0.0889  138  ASP A OD2 
376 N  N   . ASP A 58 ? 0.8853 1.0832 0.9841 -0.1641 -0.3852 0.0975  139  ASP A N   
377 C  CA  . ASP A 58 ? 0.9111 1.1097 0.9974 -0.1633 -0.4047 0.0954  139  ASP A CA  
378 C  C   . ASP A 58 ? 0.9262 1.1272 1.0241 -0.1392 -0.4399 0.0903  139  ASP A C   
379 O  O   . ASP A 58 ? 0.8784 1.1043 0.9991 -0.1358 -0.4583 0.0740  139  ASP A O   
380 C  CB  . ASP A 58 ? 0.9555 1.1149 0.9801 -0.1703 -0.3999 0.1189  139  ASP A CB  
381 C  CG  . ASP A 58 ? 0.9998 1.1606 1.0130 -0.1938 -0.3707 0.1196  139  ASP A CG  
382 O  OD1 . ASP A 58 ? 1.0063 1.1920 1.0538 -0.2051 -0.3508 0.1063  139  ASP A OD1 
383 O  OD2 . ASP A 58 ? 1.0233 1.1596 0.9914 -0.2002 -0.3678 0.1334  139  ASP A OD2 
384 N  N   . LEU A 59 ? 0.8839 1.0576 0.9645 -0.1225 -0.4502 0.1038  140  LEU A N   
385 C  CA  . LEU A 59 ? 0.9181 1.0874 1.0046 -0.0975 -0.4843 0.1006  140  LEU A CA  
386 C  C   . LEU A 59 ? 0.9202 1.1362 1.0721 -0.0880 -0.4928 0.0720  140  LEU A C   
387 O  O   . LEU A 59 ? 0.9610 1.1953 1.1335 -0.0732 -0.5202 0.0583  140  LEU A O   
388 C  CB  . LEU A 59 ? 0.9596 1.0849 1.0112 -0.0836 -0.4912 0.1225  140  LEU A CB  
389 C  CG  . LEU A 59 ? 1.0083 1.1228 1.0632 -0.0559 -0.5266 0.1205  140  LEU A CG  
390 C  CD1 . LEU A 59 ? 1.0226 1.1326 1.0560 -0.0481 -0.5526 0.1214  140  LEU A CD1 
391 C  CD2 . LEU A 59 ? 1.0194 1.0860 1.0375 -0.0460 -0.5300 0.1434  140  LEU A CD2 
392 N  N   . THR A 60 ? 0.8786 1.1155 1.0630 -0.0961 -0.4694 0.0624  141  THR A N   
393 C  CA  . THR A 60 ? 0.8916 1.1784 1.1406 -0.0895 -0.4725 0.0338  141  THR A CA  
394 C  C   . THR A 60 ? 0.8586 1.1889 1.1410 -0.1017 -0.4740 0.0129  141  THR A C   
395 O  O   . THR A 60 ? 0.8915 1.2566 1.2156 -0.0885 -0.4954 -0.0084 141  THR A O   
396 C  CB  . THR A 60 ? 0.8678 1.1691 1.1410 -0.0990 -0.4425 0.0282  141  THR A CB  
397 O  OG1 . THR A 60 ? 0.8508 1.1192 1.1060 -0.0831 -0.4473 0.0410  141  THR A OG1 
398 C  CG2 . THR A 60 ? 0.8370 1.1973 1.1782 -0.0973 -0.4405 -0.0031 141  THR A CG2 
399 N  N   . SER A 61 ? 0.8432 1.1703 1.1067 -0.1270 -0.4519 0.0186  142  SER A N   
400 C  CA  . SER A 61 ? 0.8845 1.2478 1.1756 -0.1425 -0.4512 0.0001  142  SER A CA  
401 C  C   . SER A 61 ? 0.9155 1.2761 1.1964 -0.1297 -0.4853 -0.0026 142  SER A C   
402 O  O   . SER A 61 ? 0.8684 1.2707 1.1928 -0.1292 -0.4990 -0.0262 142  SER A O   
403 C  CB  . SER A 61 ? 0.8713 1.2211 1.1344 -0.1708 -0.4218 0.0099  142  SER A CB  
404 O  OG  . SER A 61 ? 0.8151 1.1722 1.0913 -0.1830 -0.3905 0.0094  142  SER A OG  
405 N  N   . CYS A 62 ? 0.8889 1.2019 1.1127 -0.1196 -0.4988 0.0210  143  CYS A N   
406 C  CA  . CYS A 62 ? 0.9279 1.2337 1.1348 -0.1061 -0.5317 0.0203  143  CYS A CA  
407 C  C   . CYS A 62 ? 0.9512 1.2777 1.1937 -0.0784 -0.5631 0.0049  143  CYS A C   
408 O  O   . CYS A 62 ? 0.9553 1.3077 1.2204 -0.0702 -0.5880 -0.0126 143  CYS A O   
409 C  CB  . CYS A 62 ? 0.9548 1.2040 1.0895 -0.1012 -0.5372 0.0504  143  CYS A CB  
410 S  SG  . CYS A 62 ? 1.0409 1.2791 1.1462 -0.0884 -0.5734 0.0507  143  CYS A SG  
411 N  N   . THR A 63 ? 0.9403 1.2555 1.1880 -0.0635 -0.5625 0.0101  144  THR A N   
412 C  CA  . THR A 63 ? 1.0545 1.3825 1.3309 -0.0343 -0.5924 -0.0026 144  THR A CA  
413 C  C   . THR A 63 ? 1.0180 1.4123 1.3685 -0.0338 -0.5959 -0.0375 144  THR A C   
414 O  O   . THR A 63 ? 1.0496 1.4670 1.4238 -0.0162 -0.6266 -0.0542 144  THR A O   
415 C  CB  . THR A 63 ? 1.0856 1.3856 1.3521 -0.0204 -0.5879 0.0096  144  THR A CB  
416 O  OG1 . THR A 63 ? 1.1117 1.3508 1.3104 -0.0190 -0.5890 0.0415  144  THR A OG1 
417 C  CG2 . THR A 63 ? 1.1044 1.4186 1.4034 0.0110  -0.6190 -0.0063 144  THR A CG2 
418 N  N   . THR A 64 ? 0.9749 1.4008 1.3616 -0.0532 -0.5645 -0.0488 145  THR A N   
419 C  CA  . THR A 64 ? 0.9871 1.4792 1.4464 -0.0556 -0.5632 -0.0818 145  THR A CA  
420 C  C   . THR A 64 ? 0.9509 1.4743 1.4286 -0.0671 -0.5748 -0.0976 145  THR A C   
421 O  O   . THR A 64 ? 0.9021 1.4764 1.4344 -0.0585 -0.5917 -0.1252 145  THR A O   
422 C  CB  . THR A 64 ? 0.9862 1.5029 1.4740 -0.0780 -0.5233 -0.0883 145  THR A CB  
423 O  OG1 . THR A 64 ? 1.0089 1.5931 1.5668 -0.0832 -0.5206 -0.1207 145  THR A OG1 
424 C  CG2 . THR A 64 ? 0.9743 1.4670 1.4240 -0.1089 -0.4939 -0.0714 145  THR A CG2 
425 N  N   . SER A 65 ? 0.9166 1.4097 1.3486 -0.0857 -0.5671 -0.0813 146  SER A N   
426 C  CA  . SER A 65 ? 0.9108 1.4252 1.3521 -0.0954 -0.5813 -0.0946 146  SER A CA  
427 C  C   . SER A 65 ? 1.0384 1.5553 1.4811 -0.0659 -0.6253 -0.1024 146  SER A C   
428 O  O   . SER A 65 ? 0.9505 1.5148 1.4401 -0.0637 -0.6431 -0.1289 146  SER A O   
429 C  CB  . SER A 65 ? 0.9122 1.3854 1.2954 -0.1163 -0.5676 -0.0734 146  SER A CB  
430 O  OG  . SER A 65 ? 0.8825 1.3608 1.2706 -0.1453 -0.5290 -0.0716 146  SER A OG  
431 N  N   . LEU A 66 ? 0.9721 1.4379 1.3631 -0.0436 -0.6428 -0.0793 147  LEU A N   
432 C  CA  . LEU A 66 ? 1.0875 1.5466 1.4702 -0.0132 -0.6854 -0.0831 147  LEU A CA  
433 C  C   . LEU A 66 ? 1.0727 1.5804 1.5190 0.0082  -0.7015 -0.1109 147  LEU A C   
434 O  O   . LEU A 66 ? 1.0906 1.6198 1.5516 0.0227  -0.7189 -0.1264 147  LEU A O   
435 C  CB  . LEU A 66 ? 1.1370 1.5297 1.4522 0.0056  -0.6969 -0.0516 147  LEU A CB  
436 C  CG  . LEU A 66 ? 1.1606 1.5020 1.4055 -0.0105 -0.6830 -0.0224 147  LEU A CG  
437 C  CD1 . LEU A 66 ? 1.2128 1.4942 1.3962 0.0105  -0.6982 0.0061  147  LEU A CD1 
438 C  CD2 . LEU A 66 ? 1.1637 1.5160 1.3996 -0.0204 -0.6937 -0.0304 147  LEU A CD2 
439 N  N   . ARG A 67 ? 1.0631 1.5842 1.5396 0.0101  -0.6857 -0.1150 148  ARG A N   
440 C  CA  . ARG A 67 ? 1.0662 1.6378 1.6072 0.0290  -0.6964 -0.1430 148  ARG A CA  
441 C  C   . ARG A 67 ? 1.0138 1.6529 1.6148 0.0120  -0.6873 -0.1734 148  ARG A C   
442 O  O   . ARG A 67 ? 1.0143 1.6882 1.6494 0.0294  -0.7015 -0.1942 148  ARG A O   
443 C  CB  . ARG A 67 ? 1.1036 1.6749 1.6606 0.0288  -0.6722 -0.1405 148  ARG A CB  
444 C  CG  . ARG A 67 ? 1.1542 1.7814 1.7809 0.0482  -0.6812 -0.1710 148  ARG A CG  
445 C  CD  . ARG A 67 ? 1.1440 1.8292 1.8276 0.0213  -0.6457 -0.1916 148  ARG A CD  
446 N  NE  . ARG A 67 ? 1.1249 1.7813 1.7831 0.0028  -0.6083 -0.1726 148  ARG A NE  
447 C  CZ  . ARG A 67 ? 1.0863 1.7796 1.7796 -0.0219 -0.5728 -0.1838 148  ARG A CZ  
448 N  NH1 . ARG A 67 ? 1.0770 1.8383 1.8336 -0.0329 -0.5684 -0.2137 148  ARG A NH1 
449 N  NH2 . ARG A 67 ? 1.0718 1.7342 1.7365 -0.0359 -0.5417 -0.1654 148  ARG A NH2 
450 N  N   . GLN A 68 ? 0.9737 1.6280 1.5842 -0.0230 -0.6622 -0.1748 149  GLN A N   
451 C  CA  . GLN A 68 ? 0.9823 1.6968 1.6462 -0.0448 -0.6505 -0.2016 149  GLN A CA  
452 C  C   . GLN A 68 ? 0.9619 1.6745 1.6088 -0.0407 -0.6712 -0.2055 149  GLN A C   
453 O  O   . GLN A 68 ? 0.9726 1.7330 1.6645 -0.0380 -0.6769 -0.2296 149  GLN A O   
454 C  CB  . GLN A 68 ? 0.9661 1.6820 1.6280 -0.0846 -0.6121 -0.1961 149  GLN A CB  
455 C  CG  . GLN A 68 ? 0.8674 1.5890 1.5448 -0.0923 -0.5778 -0.1931 149  GLN A CG  
456 C  CD  . GLN A 68 ? 0.8516 1.5625 1.5121 -0.1297 -0.5369 -0.1825 149  GLN A CD  
457 O  OE1 . GLN A 68 ? 0.8767 1.5666 1.5058 -0.1489 -0.5340 -0.1736 149  GLN A OE1 
458 N  NE2 . GLN A 68 ? 0.8186 1.5420 1.4978 -0.1394 -0.5055 -0.1836 149  GLN A NE2 
459 N  N   . ILE A 69 ? 0.9803 1.6377 1.5614 -0.0397 -0.6821 -0.1817 150  ILE A N   
460 C  CA  . ILE A 69 ? 1.0152 1.6640 1.5717 -0.0334 -0.7024 -0.1831 150  ILE A CA  
461 C  C   . ILE A 69 ? 1.0950 1.7530 1.6623 0.0020  -0.7294 -0.1930 150  ILE A C   
462 O  O   . ILE A 69 ? 1.0697 1.7650 1.6687 0.0042  -0.7402 -0.2139 150  ILE A O   
463 C  CB  . ILE A 69 ? 1.0328 1.6154 1.5096 -0.0337 -0.7085 -0.1532 150  ILE A CB  
464 C  CG1 . ILE A 69 ? 1.0004 1.5674 1.4598 -0.0676 -0.6834 -0.1415 150  ILE A CG1 
465 C  CG2 . ILE A 69 ? 1.0707 1.6477 1.5242 -0.0254 -0.7291 -0.1570 150  ILE A CG2 
466 C  CD1 . ILE A 69 ? 1.0748 1.6915 1.5854 -0.0994 -0.6648 -0.1647 150  ILE A CD1 
467 N  N   . ASN A 70 ? 1.1060 1.7277 1.6462 0.0292  -0.7406 -0.1777 151  ASN A N   
468 C  CA  . ASN A 70 ? 1.1896 1.8090 1.7310 0.0647  -0.7674 -0.1840 151  ASN A CA  
469 C  C   . ASN A 70 ? 1.1758 1.8613 1.7929 0.0715  -0.7681 -0.2164 151  ASN A C   
470 O  O   . ASN A 70 ? 1.2022 1.9043 1.8337 0.0927  -0.7895 -0.2307 151  ASN A O   
471 C  CB  . ASN A 70 ? 1.2629 1.8272 1.7605 0.0896  -0.7760 -0.1607 151  ASN A CB  
472 C  CG  . ASN A 70 ? 1.3769 1.9149 1.8478 0.1242  -0.8054 -0.1579 151  ASN A CG  
473 O  OD1 . ASN A 70 ? 1.4111 1.9752 1.9195 0.1468  -0.8183 -0.1763 151  ASN A OD1 
474 N  ND2 . ASN A 70 ? 1.4298 1.9159 1.8346 0.1287  -0.8154 -0.1352 151  ASN A ND2 
475 N  N   . LYS A 71 ? 1.1162 1.8397 1.7808 0.0538  -0.7435 -0.2282 152  LYS A N   
476 C  CA  . LYS A 71 ? 1.0964 1.8872 1.8348 0.0561  -0.7384 -0.2592 152  LYS A CA  
477 C  C   . LYS A 71 ? 1.0813 1.9168 1.8520 0.0382  -0.7387 -0.2795 152  LYS A C   
478 O  O   . LYS A 71 ? 1.0843 1.9587 1.8940 0.0535  -0.7525 -0.3017 152  LYS A O   
479 C  CB  . LYS A 71 ? 1.0672 1.8872 1.8449 0.0375  -0.7077 -0.2658 152  LYS A CB  
480 C  CG  . LYS A 71 ? 1.0521 1.9437 1.9054 0.0375  -0.6978 -0.2977 152  LYS A CG  
481 C  CD  . LYS A 71 ? 1.0210 1.9414 1.9094 0.0148  -0.6632 -0.3034 152  LYS A CD  
482 N  N   . ILE A 72 ? 1.0432 1.8716 1.7969 0.0055  -0.7237 -0.2721 153  ILE A N   
483 C  CA  . ILE A 72 ? 1.0607 1.9245 1.8390 -0.0150 -0.7233 -0.2891 153  ILE A CA  
484 C  C   . ILE A 72 ? 1.1111 1.9622 1.8674 0.0097  -0.7565 -0.2915 153  ILE A C   
485 O  O   . ILE A 72 ? 1.1132 2.0086 1.9110 0.0105  -0.7654 -0.3146 153  ILE A O   
486 C  CB  . ILE A 72 ? 1.0266 1.8714 1.7779 -0.0521 -0.7038 -0.2772 153  ILE A CB  
487 C  CG1 . ILE A 72 ? 0.9820 1.8492 1.7650 -0.0800 -0.6686 -0.2800 153  ILE A CG1 
488 C  CG2 . ILE A 72 ? 1.0427 1.9122 1.8081 -0.0705 -0.7086 -0.2919 153  ILE A CG2 
489 C  CD1 . ILE A 72 ? 0.9610 1.8048 1.7155 -0.1158 -0.6480 -0.2676 153  ILE A CD1 
490 N  N   . ILE A 73 ? 1.1265 1.9169 1.8173 0.0300  -0.7742 -0.2675 154  ILE A N   
491 C  CA  . ILE A 73 ? 1.1702 1.9423 1.8338 0.0563  -0.8054 -0.2675 154  ILE A CA  
492 C  C   . ILE A 73 ? 1.1957 1.9933 1.8954 0.0894  -0.8238 -0.2848 154  ILE A C   
493 O  O   . ILE A 73 ? 1.2260 2.0509 1.9479 0.1010  -0.8427 -0.3032 154  ILE A O   
494 C  CB  . ILE A 73 ? 1.2139 1.9115 1.7953 0.0705  -0.8169 -0.2356 154  ILE A CB  
495 C  CG1 . ILE A 73 ? 1.1718 1.8434 1.7150 0.0398  -0.7996 -0.2193 154  ILE A CG1 
496 C  CG2 . ILE A 73 ? 1.2481 1.9268 1.8010 0.0982  -0.8477 -0.2357 154  ILE A CG2 
497 C  CD1 . ILE A 73 ? 1.1985 1.8005 1.6602 0.0519  -0.8093 -0.1891 154  ILE A CD1 
498 N  N   . GLU A 74 ? 1.1851 1.9736 1.8906 0.1047  -0.8187 -0.2798 155  GLU A N   
499 C  CA  . GLU A 74 ? 1.2106 2.0178 1.9465 0.1381  -0.8357 -0.2953 155  GLU A CA  
500 C  C   . GLU A 74 ? 1.1962 2.0813 2.0130 0.1299  -0.8267 -0.3295 155  GLU A C   
501 O  O   . GLU A 74 ? 1.2250 2.1358 2.0735 0.1566  -0.8430 -0.3481 155  GLU A O   
502 C  CB  . GLU A 74 ? 1.2031 1.9769 1.9220 0.1548  -0.8313 -0.2806 155  GLU A CB  
503 N  N   . GLN A 75 ? 1.1573 2.0790 2.0061 0.0925  -0.8000 -0.3372 156  GLN A N   
504 C  CA  . GLN A 75 ? 1.1450 2.1403 2.0685 0.0791  -0.7876 -0.3680 156  GLN A CA  
505 C  C   . GLN A 75 ? 1.2154 2.2362 2.1543 0.0839  -0.8092 -0.3856 156  GLN A C   
506 O  O   . GLN A 75 ? 1.1851 2.2656 2.1843 0.0828  -0.8079 -0.4130 156  GLN A O   
507 C  CB  . GLN A 75 ? 1.0989 2.1188 2.0454 0.0353  -0.7517 -0.3687 156  GLN A CB  
508 N  N   . LEU A 76 ? 1.2438 2.2189 2.1271 0.0893  -0.8288 -0.3696 157  LEU A N   
509 C  CA  . LEU A 76 ? 1.2940 2.2858 2.1833 0.0950  -0.8515 -0.3839 157  LEU A CA  
510 C  C   . LEU A 76 ? 1.3581 2.3367 2.2368 0.1396  -0.8844 -0.3889 157  LEU A C   
511 O  O   . LEU A 76 ? 1.3985 2.3636 2.2539 0.1526  -0.9091 -0.3903 157  LEU A O   
512 C  CB  . LEU A 76 ? 1.3008 2.2511 2.1347 0.0774  -0.8549 -0.3656 157  LEU A CB  
513 C  CG  . LEU A 76 ? 1.2721 2.2507 2.1282 0.0340  -0.8336 -0.3733 157  LEU A CG  
514 C  CD1 . LEU A 76 ? 1.1979 2.1990 2.0861 0.0058  -0.7981 -0.3736 157  LEU A CD1 
515 C  CD2 . LEU A 76 ? 1.2907 2.2185 2.0824 0.0218  -0.8382 -0.3526 157  LEU A CD2 
516 N  N   . SER A 77 ? 1.3609 2.3419 2.2555 0.1632  -0.8847 -0.3918 158  SER A N   
517 C  CA  . SER A 77 ? 1.4053 2.3720 2.2911 0.2063  -0.9149 -0.3975 158  SER A CA  
518 C  C   . SER A 77 ? 1.4016 2.4345 2.3608 0.2192  -0.9160 -0.4306 158  SER A C   
519 O  O   . SER A 77 ? 1.4262 2.4878 2.4092 0.2356  -0.9375 -0.4515 158  SER A O   
520 C  CB  . SER A 77 ? 1.4161 2.3184 2.2486 0.2286  -0.9191 -0.3712 158  SER A CB  
521 MG MG  . MG  B .  ? 0.6426 0.6502 0.3840 -0.2271 -0.0581 0.2307  1159 MG  A MG  
522 O  O   . HOH C .  ? 0.7493 0.9970 0.4852 -0.3256 0.0008  0.2650  2001 HOH A O   
523 O  O   . HOH C .  ? 0.8799 1.1008 0.6061 -0.3937 0.0072  0.3112  2002 HOH A O   
524 O  O   . HOH C .  ? 0.7930 0.9430 0.4871 -0.2549 -0.0020 0.2390  2003 HOH A O   
525 O  O   . HOH C .  ? 1.0716 1.1719 0.7727 -0.2290 -0.0007 0.2430  2004 HOH A O   
526 O  O   . HOH C .  ? 0.6476 0.6735 0.3863 -0.2301 -0.0431 0.2311  2005 HOH A O   
527 O  O   . HOH C .  ? 0.7668 0.7466 0.5069 -0.2783 -0.0701 0.2712  2006 HOH A O   
528 O  O   . HOH C .  ? 0.7477 0.7122 0.5128 -0.2838 -0.0762 0.2458  2007 HOH A O   
529 O  O   . HOH C .  ? 0.9382 0.8212 0.7164 -0.3023 -0.1114 0.2666  2008 HOH A O   
530 O  O   . HOH C .  ? 1.1168 0.9656 0.8867 -0.3105 -0.1280 0.2887  2009 HOH A O   
531 O  O   . HOH C .  ? 0.9667 1.0330 0.7037 -0.2962 -0.0440 0.2042  2010 HOH A O   
532 O  O   . HOH C .  ? 1.0360 1.0383 0.7700 -0.2663 -0.0407 0.1670  2011 HOH A O   
533 O  O   . HOH C .  ? 0.7137 0.7836 0.4193 -0.2760 -0.0371 0.1615  2012 HOH A O   
534 O  O   . HOH C .  ? 0.7491 0.7055 0.5094 -0.2653 -0.0528 0.2137  2013 HOH A O   
535 O  O   . HOH C .  ? 0.6755 0.6413 0.4481 -0.2515 -0.0557 0.2238  2014 HOH A O   
536 O  O   . HOH C .  ? 0.9290 0.8237 0.7297 -0.2509 -0.1362 0.2679  2015 HOH A O   
537 O  O   . HOH C .  ? 0.8399 0.8002 0.6409 -0.2497 -0.0751 0.2271  2016 HOH A O   
538 O  O   . HOH C .  ? 0.7008 0.6837 0.4798 -0.2555 -0.0690 0.2335  2017 HOH A O   
539 O  O   . HOH C .  ? 0.9267 1.1180 0.6433 -0.2597 -0.0200 0.1760  2018 HOH A O   
540 O  O   . HOH C .  ? 1.0199 0.9410 0.8863 -0.2208 -0.1614 0.2373  2019 HOH A O   
541 O  O   . HOH C .  ? 0.7949 0.7537 0.6701 -0.2219 -0.1529 0.2271  2020 HOH A O   
542 O  O   . HOH C .  ? 1.0259 1.0224 0.8009 -0.2612 -0.1014 0.2385  2021 HOH A O   
543 O  O   . HOH C .  ? 0.7807 0.7430 0.5499 -0.3081 -0.0805 0.2485  2022 HOH A O   
544 O  O   . HOH C .  ? 0.9023 1.0429 0.5995 -0.2557 -0.0222 0.1684  2023 HOH A O   
545 O  O   . HOH C .  ? 0.8955 0.9181 0.6251 -0.2655 -0.0429 0.1483  2024 HOH A O   
546 O  O   . HOH C .  ? 0.8582 0.8433 0.6650 -0.2492 -0.0625 0.2165  2025 HOH A O   
547 O  O   . HOH C .  ? 0.9288 0.9372 0.7306 -0.2604 -0.0799 0.2217  2026 HOH A O   
548 O  O   . HOH C .  ? 1.0859 1.6137 1.6237 0.0054  -0.5908 -0.1110 2027 HOH A O   
# 
